data_4A5V
#
_entry.id   4A5V
#
_cell.length_a   1.000
_cell.length_b   1.000
_cell.length_c   1.000
_cell.angle_alpha   90.00
_cell.angle_beta   90.00
_cell.angle_gamma   90.00
#
_symmetry.space_group_name_H-M   'P 1'
#
_entity_poly.entity_id   1
_entity_poly.type   'polypeptide(L)'
_entity_poly.pdbx_seq_one_letter_code
;SSEPAKLDLSCVHSDNKGSRAPTIGEPVPDVSLEQCAAQCKAVDGCTHFTYNDDSKMCHVKEGKPDLYDLTGGKTASRSC
DRSCFEQHVSYEGAPDVMTAMVTSQSADCQAACAADPSCEIFTYNEHDQKCTFKGRGFSAFKERGVLGVTSGPKQFCDEG
G
;
_entity_poly.pdbx_strand_id   A
#
# COMPACT_ATOMS: atom_id res chain seq x y z
N SER A 1 -23.07 11.59 16.40
CA SER A 1 -22.03 11.12 17.34
C SER A 1 -20.67 11.06 16.65
N SER A 2 -20.64 11.39 15.36
CA SER A 2 -19.43 11.36 14.55
C SER A 2 -18.87 9.93 14.47
N GLU A 3 -17.67 9.80 13.91
CA GLU A 3 -16.98 8.51 13.82
C GLU A 3 -17.81 7.51 13.00
N PRO A 4 -17.84 7.66 11.67
CA PRO A 4 -18.62 6.80 10.77
C PRO A 4 -17.93 5.47 10.53
N ALA A 5 -18.71 4.47 10.10
CA ALA A 5 -18.17 3.14 9.87
C ALA A 5 -17.89 2.89 8.40
N LYS A 6 -16.75 2.24 8.17
CA LYS A 6 -16.21 1.87 6.85
C LYS A 6 -16.78 2.71 5.70
N LEU A 7 -16.14 3.84 5.41
CA LEU A 7 -16.48 4.63 4.25
C LEU A 7 -15.45 4.40 3.16
N ASP A 8 -15.90 4.21 1.93
CA ASP A 8 -15.03 3.81 0.83
C ASP A 8 -13.88 4.79 0.63
N LEU A 9 -12.66 4.26 0.68
CA LEU A 9 -11.46 5.06 0.57
C LEU A 9 -10.92 5.01 -0.85
N SER A 10 -9.85 5.76 -1.12
CA SER A 10 -9.18 5.69 -2.40
C SER A 10 -8.47 4.34 -2.55
N CYS A 11 -7.70 3.95 -1.53
CA CYS A 11 -7.00 2.68 -1.57
C CYS A 11 -7.57 1.74 -0.52
N VAL A 12 -8.18 0.67 -0.98
CA VAL A 12 -8.65 -0.40 -0.13
C VAL A 12 -8.83 -1.66 -0.96
N HIS A 13 -8.14 -2.71 -0.56
CA HIS A 13 -8.19 -4.00 -1.26
C HIS A 13 -9.63 -4.46 -1.44
N SER A 14 -10.41 -4.39 -0.36
CA SER A 14 -11.86 -4.65 -0.39
C SER A 14 -12.20 -6.13 -0.62
N ASP A 15 -11.42 -6.82 -1.45
CA ASP A 15 -11.64 -8.23 -1.74
C ASP A 15 -11.10 -9.11 -0.60
N ASN A 16 -11.52 -8.75 0.62
CA ASN A 16 -11.21 -9.50 1.85
C ASN A 16 -9.71 -9.79 1.96
N LYS A 17 -8.95 -8.78 2.37
CA LYS A 17 -7.52 -8.92 2.50
C LYS A 17 -6.96 -8.21 3.70
N GLY A 18 -6.01 -8.88 4.35
CA GLY A 18 -5.29 -8.28 5.44
C GLY A 18 -3.81 -8.34 5.16
N SER A 19 -2.98 -7.89 6.11
CA SER A 19 -1.55 -7.93 5.92
C SER A 19 -0.85 -8.28 7.21
N ARG A 20 0.03 -9.25 7.13
CA ARG A 20 0.77 -9.71 8.29
C ARG A 20 1.79 -8.65 8.67
N ALA A 21 1.69 -8.18 9.90
CA ALA A 21 2.51 -7.08 10.40
C ALA A 21 2.06 -6.75 11.81
N PRO A 22 2.89 -6.05 12.59
CA PRO A 22 2.57 -5.76 13.98
C PRO A 22 1.52 -4.67 14.08
N THR A 23 0.41 -4.97 14.75
CA THR A 23 -0.60 -3.98 14.99
C THR A 23 -0.07 -2.98 16.00
N ILE A 24 0.30 -1.82 15.50
CA ILE A 24 0.89 -0.77 16.31
C ILE A 24 -0.13 -0.23 17.31
N GLY A 25 0.23 -0.27 18.57
CA GLY A 25 -0.66 0.21 19.62
C GLY A 25 -1.89 -0.66 19.75
N GLU A 26 -3.05 -0.04 19.68
CA GLU A 26 -4.31 -0.76 19.78
C GLU A 26 -5.23 -0.37 18.62
N PRO A 27 -6.08 -1.31 18.14
CA PRO A 27 -6.97 -1.05 17.02
C PRO A 27 -8.15 -0.15 17.38
N VAL A 28 -8.76 0.42 16.35
CA VAL A 28 -9.88 1.32 16.53
C VAL A 28 -11.14 0.70 15.94
N PRO A 29 -12.10 0.31 16.77
CA PRO A 29 -13.33 -0.32 16.30
C PRO A 29 -14.41 0.67 15.90
N ASP A 30 -15.26 0.22 14.98
CA ASP A 30 -16.40 0.99 14.50
C ASP A 30 -15.93 2.29 13.83
N VAL A 31 -14.83 2.19 13.10
CA VAL A 31 -14.28 3.33 12.39
C VAL A 31 -14.35 3.11 10.89
N SER A 32 -14.04 4.15 10.16
CA SER A 32 -14.14 4.14 8.73
C SER A 32 -12.79 3.86 8.10
N LEU A 33 -12.75 3.65 6.80
CA LEU A 33 -11.49 3.47 6.10
C LEU A 33 -10.74 4.78 6.21
N GLU A 34 -11.48 5.85 6.03
CA GLU A 34 -10.93 7.20 6.06
C GLU A 34 -10.44 7.54 7.47
N GLN A 35 -11.23 7.13 8.46
CA GLN A 35 -10.90 7.38 9.85
C GLN A 35 -9.72 6.52 10.30
N CYS A 36 -9.67 5.28 9.81
CA CYS A 36 -8.56 4.39 10.12
C CYS A 36 -7.31 4.84 9.35
N ALA A 37 -7.53 5.40 8.17
CA ALA A 37 -6.44 5.99 7.40
C ALA A 37 -5.85 7.17 8.16
N ALA A 38 -6.73 7.90 8.84
CA ALA A 38 -6.31 9.00 9.69
C ALA A 38 -5.59 8.47 10.92
N GLN A 39 -5.98 7.28 11.33
CA GLN A 39 -5.37 6.61 12.48
C GLN A 39 -3.91 6.29 12.21
N CYS A 40 -3.61 5.79 11.03
CA CYS A 40 -2.24 5.47 10.67
C CYS A 40 -1.42 6.73 10.47
N LYS A 41 -2.11 7.84 10.26
CA LYS A 41 -1.45 9.13 10.19
C LYS A 41 -1.25 9.69 11.59
N ALA A 42 -2.03 9.19 12.55
CA ALA A 42 -1.91 9.61 13.94
C ALA A 42 -0.79 8.88 14.64
N VAL A 43 -0.56 7.63 14.26
CA VAL A 43 0.49 6.82 14.86
C VAL A 43 1.74 6.82 13.99
N ASP A 44 2.88 7.15 14.60
CA ASP A 44 4.16 7.08 13.91
C ASP A 44 4.67 5.66 13.88
N GLY A 45 5.26 5.30 12.77
CA GLY A 45 5.77 3.96 12.61
C GLY A 45 4.81 3.09 11.81
N CYS A 46 3.84 3.73 11.17
CA CYS A 46 2.80 3.00 10.45
C CYS A 46 2.95 3.25 8.96
N THR A 47 2.91 2.18 8.19
CA THR A 47 3.05 2.28 6.75
C THR A 47 1.75 1.89 6.07
N HIS A 48 1.01 1.03 6.73
CA HIS A 48 -0.26 0.56 6.20
C HIS A 48 -1.13 0.07 7.33
N PHE A 49 -2.38 -0.13 7.02
CA PHE A 49 -3.38 -0.50 8.01
C PHE A 49 -4.25 -1.63 7.49
N THR A 50 -5.10 -2.12 8.35
CA THR A 50 -6.06 -3.12 7.97
C THR A 50 -7.40 -2.80 8.60
N TYR A 51 -8.34 -2.36 7.78
CA TYR A 51 -9.69 -2.14 8.22
C TYR A 51 -10.42 -3.44 8.15
N ASN A 52 -10.98 -3.86 9.24
CA ASN A 52 -11.87 -4.98 9.18
C ASN A 52 -13.25 -4.46 8.88
N ASP A 53 -13.81 -4.83 7.75
CA ASP A 53 -15.12 -4.35 7.35
C ASP A 53 -16.22 -5.12 8.08
N ASP A 54 -15.86 -6.25 8.66
CA ASP A 54 -16.79 -7.04 9.45
C ASP A 54 -16.84 -6.54 10.89
N SER A 55 -15.67 -6.30 11.49
CA SER A 55 -15.57 -5.85 12.87
C SER A 55 -15.39 -4.35 12.95
N LYS A 56 -15.35 -3.75 11.77
CA LYS A 56 -15.10 -2.32 11.59
C LYS A 56 -13.95 -1.82 12.44
N MET A 57 -12.96 -2.68 12.64
CA MET A 57 -11.84 -2.36 13.51
C MET A 57 -10.63 -1.95 12.67
N CYS A 58 -9.86 -1.01 13.19
CA CYS A 58 -8.70 -0.50 12.48
C CYS A 58 -7.40 -1.05 13.05
N HIS A 59 -6.74 -1.90 12.30
CA HIS A 59 -5.45 -2.43 12.70
C HIS A 59 -4.32 -1.68 11.99
N VAL A 60 -3.75 -0.68 12.65
CA VAL A 60 -2.58 0.02 12.11
C VAL A 60 -1.37 -0.89 12.21
N LYS A 61 -0.58 -0.95 11.15
CA LYS A 61 0.51 -1.90 11.09
C LYS A 61 1.81 -1.28 10.60
N GLU A 62 2.89 -2.01 10.78
CA GLU A 62 4.22 -1.52 10.51
C GLU A 62 4.68 -1.91 9.11
N GLY A 63 5.80 -1.35 8.70
CA GLY A 63 6.30 -1.39 7.32
C GLY A 63 6.08 -2.68 6.54
N LYS A 64 5.99 -2.50 5.21
CA LYS A 64 5.75 -3.55 4.22
C LYS A 64 4.45 -4.33 4.44
N PRO A 65 3.57 -4.34 3.43
CA PRO A 65 2.35 -5.15 3.44
C PRO A 65 2.69 -6.63 3.37
N ASP A 66 1.68 -7.44 3.60
CA ASP A 66 1.85 -8.88 3.62
C ASP A 66 0.48 -9.52 3.48
N LEU A 67 -0.11 -9.29 2.32
CA LEU A 67 -1.48 -9.66 2.04
C LEU A 67 -1.75 -11.14 2.22
N TYR A 68 -2.95 -11.41 2.74
CA TYR A 68 -3.45 -12.77 2.92
C TYR A 68 -4.98 -12.72 2.95
N ASP A 69 -5.60 -13.88 2.92
CA ASP A 69 -7.06 -13.98 2.93
C ASP A 69 -7.64 -13.55 4.28
N LEU A 70 -8.30 -12.41 4.29
CA LEU A 70 -8.93 -11.89 5.50
C LEU A 70 -10.37 -11.51 5.19
N THR A 71 -11.32 -12.33 5.65
CA THR A 71 -12.73 -12.12 5.32
C THR A 71 -13.22 -10.77 5.83
N GLY A 72 -13.66 -9.93 4.90
CA GLY A 72 -14.09 -8.58 5.26
C GLY A 72 -12.90 -7.69 5.50
N GLY A 73 -11.73 -8.24 5.27
CA GLY A 73 -10.51 -7.51 5.44
C GLY A 73 -10.32 -6.46 4.39
N LYS A 74 -9.93 -5.29 4.81
CA LYS A 74 -9.63 -4.21 3.91
C LYS A 74 -8.28 -3.60 4.27
N THR A 75 -7.26 -3.99 3.53
CA THR A 75 -5.91 -3.50 3.79
C THR A 75 -5.44 -2.61 2.65
N ALA A 76 -4.68 -1.58 3.02
CA ALA A 76 -4.11 -0.65 2.05
C ALA A 76 -2.98 0.14 2.71
N SER A 77 -2.27 0.90 1.91
CA SER A 77 -1.22 1.78 2.39
C SER A 77 -1.80 2.99 3.09
N ARG A 78 -1.01 3.55 4.01
CA ARG A 78 -1.39 4.75 4.77
C ARG A 78 -1.69 5.93 3.85
N SER A 79 -1.19 5.83 2.63
CA SER A 79 -1.42 6.86 1.64
C SER A 79 -1.92 6.21 0.35
N CYS A 80 -3.03 6.73 -0.16
CA CYS A 80 -3.57 6.25 -1.42
C CYS A 80 -3.22 7.23 -2.53
N ASP A 81 -2.42 8.23 -2.16
CA ASP A 81 -1.99 9.26 -3.09
C ASP A 81 -1.07 8.67 -4.13
N ARG A 82 -1.27 9.08 -5.37
CA ARG A 82 -0.52 8.55 -6.49
C ARG A 82 0.19 9.68 -7.23
N SER A 83 0.26 10.83 -6.57
CA SER A 83 0.83 12.03 -7.15
C SER A 83 2.31 11.88 -7.44
N CYS A 84 2.97 10.95 -6.74
CA CYS A 84 4.40 10.74 -6.91
C CYS A 84 4.66 9.52 -7.78
N PHE A 85 3.59 8.89 -8.27
CA PHE A 85 3.72 7.70 -9.11
C PHE A 85 3.91 8.09 -10.56
N GLU A 86 4.45 7.15 -11.32
CA GLU A 86 4.62 7.30 -12.76
C GLU A 86 3.79 6.23 -13.46
N GLN A 87 2.75 6.64 -14.15
CA GLN A 87 1.87 5.70 -14.82
C GLN A 87 2.46 5.23 -16.14
N HIS A 88 2.13 3.99 -16.50
CA HIS A 88 2.51 3.38 -17.76
C HIS A 88 4.03 3.27 -17.90
N VAL A 89 4.66 2.63 -16.94
CA VAL A 89 6.10 2.44 -16.94
C VAL A 89 6.48 1.29 -16.02
N SER A 90 7.34 0.40 -16.52
CA SER A 90 7.66 -0.81 -15.81
C SER A 90 9.17 -0.97 -15.65
N TYR A 91 9.60 -1.25 -14.43
CA TYR A 91 10.97 -1.66 -14.19
C TYR A 91 10.95 -3.12 -13.78
N GLU A 92 11.63 -3.98 -14.52
CA GLU A 92 11.61 -5.40 -14.23
C GLU A 92 12.98 -6.03 -14.31
N GLY A 93 13.76 -5.62 -15.29
CA GLY A 93 15.12 -6.12 -15.43
C GLY A 93 15.97 -5.77 -14.23
N ALA A 94 15.56 -4.72 -13.53
CA ALA A 94 16.26 -4.26 -12.35
C ALA A 94 16.19 -5.32 -11.24
N PRO A 95 17.31 -5.54 -10.53
CA PRO A 95 17.35 -6.45 -9.39
C PRO A 95 16.31 -6.06 -8.35
N ASP A 96 15.47 -7.02 -7.99
CA ASP A 96 14.40 -6.77 -7.04
C ASP A 96 14.98 -6.55 -5.66
N VAL A 97 14.26 -5.76 -4.88
CA VAL A 97 14.66 -5.49 -3.52
C VAL A 97 13.63 -6.08 -2.55
N MET A 98 12.49 -6.46 -3.10
CA MET A 98 11.40 -7.02 -2.32
C MET A 98 10.65 -8.07 -3.13
N THR A 99 9.88 -8.89 -2.44
CA THR A 99 9.01 -9.86 -3.07
C THR A 99 7.77 -9.16 -3.62
N ALA A 100 7.40 -9.50 -4.85
CA ALA A 100 6.23 -8.90 -5.48
C ALA A 100 4.97 -9.24 -4.71
N MET A 101 3.98 -8.38 -4.82
CA MET A 101 2.74 -8.54 -4.08
C MET A 101 1.57 -8.48 -5.03
N VAL A 102 0.47 -9.06 -4.62
CA VAL A 102 -0.76 -8.99 -5.40
C VAL A 102 -1.82 -8.18 -4.65
N THR A 103 -2.02 -6.95 -5.10
CA THR A 103 -2.95 -6.04 -4.46
C THR A 103 -3.72 -5.28 -5.53
N SER A 104 -4.86 -4.71 -5.18
CA SER A 104 -5.67 -4.00 -6.14
C SER A 104 -5.48 -2.49 -6.00
N GLN A 105 -4.30 -2.10 -5.53
CA GLN A 105 -3.94 -0.71 -5.39
C GLN A 105 -2.44 -0.51 -5.46
N SER A 106 -2.01 0.48 -6.22
CA SER A 106 -0.61 0.81 -6.30
C SER A 106 -0.10 1.36 -4.96
N ALA A 107 -1.04 1.68 -4.09
CA ALA A 107 -0.76 2.20 -2.77
C ALA A 107 0.04 1.20 -1.93
N ASP A 108 -0.37 -0.06 -1.95
CA ASP A 108 0.27 -1.09 -1.15
C ASP A 108 1.72 -1.25 -1.54
N CYS A 109 1.99 -1.18 -2.84
CA CYS A 109 3.36 -1.27 -3.33
C CYS A 109 4.17 -0.06 -2.83
N GLN A 110 3.48 1.07 -2.67
CA GLN A 110 4.11 2.28 -2.14
C GLN A 110 4.54 2.06 -0.70
N ALA A 111 3.64 1.54 0.12
CA ALA A 111 3.94 1.28 1.53
C ALA A 111 5.01 0.21 1.65
N ALA A 112 5.04 -0.70 0.70
CA ALA A 112 6.03 -1.74 0.66
C ALA A 112 7.43 -1.17 0.45
N CYS A 113 7.57 -0.41 -0.61
CA CYS A 113 8.87 0.13 -0.99
C CYS A 113 9.30 1.25 -0.06
N ALA A 114 8.36 2.11 0.30
CA ALA A 114 8.67 3.27 1.13
C ALA A 114 9.04 2.87 2.55
N ALA A 115 8.74 1.63 2.91
CA ALA A 115 9.05 1.13 4.23
C ALA A 115 10.40 0.43 4.25
N ASP A 116 10.90 0.08 3.08
CA ASP A 116 12.13 -0.69 3.00
C ASP A 116 13.31 0.26 2.80
N PRO A 117 14.41 0.02 3.53
CA PRO A 117 15.59 0.88 3.50
C PRO A 117 16.46 0.66 2.27
N SER A 118 16.16 -0.41 1.54
CA SER A 118 16.94 -0.77 0.37
C SER A 118 16.10 -0.67 -0.89
N CYS A 119 14.90 -0.11 -0.78
CA CYS A 119 14.00 -0.03 -1.92
C CYS A 119 13.98 1.39 -2.48
N GLU A 120 14.00 1.49 -3.80
CA GLU A 120 14.02 2.77 -4.48
C GLU A 120 12.72 2.98 -5.23
N ILE A 121 12.35 2.01 -6.05
CA ILE A 121 11.17 2.12 -6.88
C ILE A 121 10.25 0.93 -6.72
N PHE A 122 9.08 1.04 -7.32
CA PHE A 122 8.11 -0.04 -7.37
C PHE A 122 7.25 0.12 -8.61
N THR A 123 6.50 -0.91 -8.95
CA THR A 123 5.57 -0.86 -10.07
C THR A 123 4.36 -1.73 -9.79
N TYR A 124 3.20 -1.18 -10.05
CA TYR A 124 1.95 -1.87 -9.83
C TYR A 124 1.28 -2.21 -11.15
N ASN A 125 1.17 -3.50 -11.42
CA ASN A 125 0.41 -4.00 -12.53
C ASN A 125 -1.08 -3.79 -12.28
N GLU A 126 -1.64 -2.82 -12.96
CA GLU A 126 -3.05 -2.50 -12.82
C GLU A 126 -3.89 -3.56 -13.52
N HIS A 127 -3.21 -4.46 -14.21
CA HIS A 127 -3.86 -5.57 -14.88
C HIS A 127 -3.90 -6.79 -13.98
N ASP A 128 -2.71 -7.24 -13.57
CA ASP A 128 -2.58 -8.45 -12.78
C ASP A 128 -2.85 -8.20 -11.32
N GLN A 129 -3.01 -6.92 -10.99
CA GLN A 129 -3.16 -6.49 -9.60
C GLN A 129 -1.90 -6.87 -8.83
N LYS A 130 -0.76 -6.45 -9.33
CA LYS A 130 0.50 -6.90 -8.77
C LYS A 130 1.47 -5.74 -8.50
N CYS A 131 2.35 -5.93 -7.54
CA CYS A 131 3.39 -4.99 -7.24
C CYS A 131 4.75 -5.60 -7.63
N THR A 132 5.72 -4.76 -7.90
CA THR A 132 7.10 -5.18 -8.07
C THR A 132 8.02 -4.15 -7.45
N PHE A 133 9.14 -4.59 -6.89
CA PHE A 133 10.04 -3.69 -6.17
C PHE A 133 11.47 -3.88 -6.64
N LYS A 134 12.09 -2.80 -7.08
CA LYS A 134 13.40 -2.87 -7.70
C LYS A 134 14.31 -1.78 -7.15
N GLY A 135 15.60 -2.07 -7.11
CA GLY A 135 16.55 -1.16 -6.51
C GLY A 135 17.30 -0.31 -7.51
N ARG A 136 18.41 0.26 -7.04
CA ARG A 136 19.22 1.18 -7.83
C ARG A 136 19.72 0.53 -9.12
N GLY A 137 19.66 1.27 -10.21
CA GLY A 137 19.98 0.71 -11.51
C GLY A 137 18.73 0.43 -12.31
N PHE A 138 17.62 0.87 -11.78
CA PHE A 138 16.30 0.65 -12.39
C PHE A 138 16.14 1.46 -13.67
N SER A 139 16.89 2.54 -13.79
CA SER A 139 16.78 3.44 -14.93
C SER A 139 17.17 2.75 -16.23
N ALA A 140 18.10 1.80 -16.15
CA ALA A 140 18.57 1.07 -17.31
C ALA A 140 17.56 0.01 -17.72
N PHE A 141 16.76 -0.41 -16.76
CA PHE A 141 15.78 -1.46 -16.98
C PHE A 141 14.38 -0.87 -16.91
N LYS A 142 14.28 0.38 -17.33
CA LYS A 142 13.03 1.11 -17.30
C LYS A 142 12.31 1.04 -18.65
N GLU A 143 11.01 0.77 -18.59
CA GLU A 143 10.19 0.74 -19.79
C GLU A 143 9.12 1.81 -19.71
N ARG A 144 9.14 2.74 -20.65
CA ARG A 144 8.13 3.80 -20.68
C ARG A 144 7.04 3.48 -21.68
N GLY A 145 5.79 3.66 -21.27
CA GLY A 145 4.67 3.38 -22.16
C GLY A 145 4.14 1.98 -21.98
N VAL A 146 4.18 1.50 -20.75
CA VAL A 146 3.73 0.15 -20.44
C VAL A 146 2.28 0.18 -19.97
N LEU A 147 1.42 -0.50 -20.71
CA LEU A 147 0.01 -0.52 -20.37
C LEU A 147 -0.26 -1.45 -19.20
N GLY A 148 -1.03 -0.94 -18.25
CA GLY A 148 -1.45 -1.76 -17.14
C GLY A 148 -0.46 -1.79 -16.02
N VAL A 149 0.36 -0.75 -15.91
CA VAL A 149 1.30 -0.65 -14.79
C VAL A 149 1.46 0.79 -14.33
N THR A 150 1.80 0.92 -13.07
CA THR A 150 2.06 2.21 -12.45
C THR A 150 3.27 2.10 -11.53
N SER A 151 4.26 2.93 -11.75
CA SER A 151 5.49 2.84 -10.97
C SER A 151 5.57 3.99 -9.98
N GLY A 152 6.50 3.87 -9.05
CA GLY A 152 6.73 4.91 -8.08
C GLY A 152 8.17 4.89 -7.62
N PRO A 153 8.96 5.92 -7.95
CA PRO A 153 10.36 6.00 -7.55
C PRO A 153 10.55 6.79 -6.26
N LYS A 154 9.52 6.83 -5.42
CA LYS A 154 9.57 7.62 -4.21
C LYS A 154 8.80 6.95 -3.08
N GLN A 155 8.69 7.67 -1.96
CA GLN A 155 8.00 7.16 -0.78
C GLN A 155 6.49 7.41 -0.89
N PHE A 156 5.81 7.36 0.25
CA PHE A 156 4.40 7.74 0.33
C PHE A 156 4.22 9.13 -0.26
N CYS A 157 3.49 9.24 -1.37
CA CYS A 157 3.33 10.53 -2.07
C CYS A 157 2.81 11.63 -1.15
N ASP A 158 2.13 11.24 -0.07
CA ASP A 158 1.54 12.19 0.85
C ASP A 158 2.34 12.30 2.15
N GLU A 159 3.19 11.30 2.41
CA GLU A 159 3.85 11.18 3.69
C GLU A 159 5.37 11.28 3.58
N GLY A 160 5.88 11.40 2.35
CA GLY A 160 7.32 11.40 2.15
C GLY A 160 7.71 11.78 0.73
N GLY A 161 7.20 11.04 -0.23
CA GLY A 161 7.59 11.25 -1.61
C GLY A 161 7.15 12.60 -2.15
N SER A 1 -18.09 9.34 19.59
CA SER A 1 -17.74 10.74 19.27
C SER A 1 -18.11 11.07 17.83
N SER A 2 -17.41 10.48 16.87
CA SER A 2 -17.68 10.70 15.46
C SER A 2 -17.13 9.53 14.65
N GLU A 3 -17.62 8.33 14.97
CA GLU A 3 -17.13 7.11 14.35
C GLU A 3 -18.19 6.51 13.44
N PRO A 4 -18.10 6.78 12.13
CA PRO A 4 -19.05 6.24 11.15
C PRO A 4 -18.61 4.88 10.60
N ALA A 5 -19.50 4.26 9.84
CA ALA A 5 -19.22 2.97 9.20
C ALA A 5 -18.14 3.10 8.14
N LYS A 6 -17.52 1.98 7.80
CA LYS A 6 -16.46 1.92 6.79
C LYS A 6 -16.86 2.70 5.51
N LEU A 7 -16.34 3.92 5.38
CA LEU A 7 -16.61 4.74 4.20
C LEU A 7 -15.54 4.51 3.15
N ASP A 8 -15.98 4.33 1.90
CA ASP A 8 -15.08 3.98 0.78
C ASP A 8 -13.93 4.97 0.66
N LEU A 9 -12.71 4.46 0.81
CA LEU A 9 -11.50 5.28 0.73
C LEU A 9 -10.95 5.29 -0.69
N SER A 10 -9.89 6.06 -0.90
CA SER A 10 -9.21 6.08 -2.18
C SER A 10 -8.50 4.75 -2.44
N CYS A 11 -7.71 4.30 -1.47
CA CYS A 11 -7.03 3.02 -1.58
C CYS A 11 -7.61 2.04 -0.57
N VAL A 12 -8.26 1.01 -1.08
CA VAL A 12 -8.71 -0.09 -0.25
C VAL A 12 -8.94 -1.34 -1.08
N HIS A 13 -8.36 -2.45 -0.62
CA HIS A 13 -8.51 -3.75 -1.28
C HIS A 13 -9.97 -4.02 -1.65
N SER A 14 -10.85 -4.04 -0.65
CA SER A 14 -12.27 -4.38 -0.83
C SER A 14 -12.43 -5.71 -1.57
N ASP A 15 -11.46 -6.60 -1.37
CA ASP A 15 -11.52 -7.96 -1.88
C ASP A 15 -11.08 -8.91 -0.78
N ASN A 16 -11.52 -8.57 0.44
CA ASN A 16 -11.21 -9.31 1.66
C ASN A 16 -9.73 -9.66 1.78
N LYS A 17 -8.93 -8.67 2.14
CA LYS A 17 -7.49 -8.84 2.27
C LYS A 17 -6.92 -8.08 3.45
N GLY A 18 -5.99 -8.72 4.14
CA GLY A 18 -5.29 -8.08 5.22
C GLY A 18 -3.80 -8.16 5.02
N SER A 19 -3.02 -7.75 6.01
CA SER A 19 -1.58 -7.77 5.89
C SER A 19 -0.92 -8.21 7.17
N ARG A 20 0.05 -9.09 7.06
CA ARG A 20 0.80 -9.53 8.20
C ARG A 20 1.86 -8.51 8.55
N ALA A 21 1.82 -8.02 9.77
CA ALA A 21 2.69 -6.95 10.24
C ALA A 21 2.27 -6.58 11.65
N PRO A 22 3.18 -6.03 12.46
CA PRO A 22 2.89 -5.74 13.86
C PRO A 22 1.79 -4.69 14.00
N THR A 23 0.70 -5.07 14.67
CA THR A 23 -0.36 -4.12 14.95
C THR A 23 0.14 -3.11 15.98
N ILE A 24 0.38 -1.91 15.50
CA ILE A 24 0.90 -0.84 16.32
C ILE A 24 -0.14 -0.39 17.33
N GLY A 25 0.21 -0.46 18.61
CA GLY A 25 -0.70 -0.06 19.66
C GLY A 25 -1.95 -0.93 19.70
N GLU A 26 -3.10 -0.30 19.84
CA GLU A 26 -4.37 -1.01 19.89
C GLU A 26 -5.22 -0.65 18.67
N PRO A 27 -6.07 -1.57 18.20
CA PRO A 27 -6.94 -1.31 17.06
C PRO A 27 -8.15 -0.47 17.43
N VAL A 28 -8.75 0.14 16.43
CA VAL A 28 -9.90 1.00 16.62
C VAL A 28 -11.13 0.37 16.00
N PRO A 29 -12.05 -0.17 16.81
CA PRO A 29 -13.24 -0.81 16.30
C PRO A 29 -14.35 0.17 15.98
N ASP A 30 -15.19 -0.21 15.03
CA ASP A 30 -16.33 0.59 14.61
C ASP A 30 -15.87 1.95 14.10
N VAL A 31 -14.96 1.92 13.13
CA VAL A 31 -14.41 3.13 12.53
C VAL A 31 -14.41 3.01 11.02
N SER A 32 -14.37 4.16 10.38
CA SER A 32 -14.45 4.21 8.94
C SER A 32 -13.07 3.95 8.33
N LEU A 33 -13.02 3.73 7.03
CA LEU A 33 -11.74 3.57 6.35
C LEU A 33 -10.99 4.88 6.47
N GLU A 34 -11.73 5.96 6.30
CA GLU A 34 -11.18 7.28 6.35
C GLU A 34 -10.71 7.63 7.76
N GLN A 35 -11.43 7.10 8.75
CA GLN A 35 -11.09 7.31 10.14
C GLN A 35 -9.86 6.48 10.52
N CYS A 36 -9.81 5.26 10.03
CA CYS A 36 -8.69 4.38 10.30
C CYS A 36 -7.47 4.87 9.52
N ALA A 37 -7.71 5.46 8.37
CA ALA A 37 -6.66 6.10 7.60
C ALA A 37 -6.06 7.24 8.41
N ALA A 38 -6.92 7.95 9.13
CA ALA A 38 -6.50 9.03 10.01
C ALA A 38 -5.73 8.46 11.20
N GLN A 39 -6.10 7.25 11.60
CA GLN A 39 -5.46 6.55 12.70
C GLN A 39 -4.00 6.25 12.38
N CYS A 40 -3.75 5.79 11.18
CA CYS A 40 -2.37 5.50 10.77
C CYS A 40 -1.58 6.79 10.63
N LYS A 41 -2.29 7.88 10.41
CA LYS A 41 -1.66 9.20 10.34
C LYS A 41 -1.45 9.75 11.75
N ALA A 42 -2.20 9.21 12.70
CA ALA A 42 -2.09 9.61 14.09
C ALA A 42 -0.97 8.87 14.80
N VAL A 43 -0.73 7.63 14.40
CA VAL A 43 0.31 6.83 15.02
C VAL A 43 1.60 6.88 14.20
N ASP A 44 2.70 7.17 14.88
CA ASP A 44 4.01 7.20 14.25
C ASP A 44 4.57 5.80 14.14
N GLY A 45 4.99 5.43 12.94
CA GLY A 45 5.54 4.12 12.73
C GLY A 45 4.62 3.24 11.90
N CYS A 46 3.63 3.85 11.27
CA CYS A 46 2.64 3.11 10.52
C CYS A 46 2.79 3.37 9.03
N THR A 47 2.92 2.31 8.26
CA THR A 47 3.07 2.43 6.82
C THR A 47 1.79 2.05 6.13
N HIS A 48 1.06 1.14 6.73
CA HIS A 48 -0.19 0.67 6.17
C HIS A 48 -1.11 0.23 7.28
N PHE A 49 -2.39 0.25 7.00
CA PHE A 49 -3.39 -0.11 7.97
C PHE A 49 -4.25 -1.25 7.44
N THR A 50 -4.99 -1.86 8.32
CA THR A 50 -5.90 -2.91 7.95
C THR A 50 -7.26 -2.65 8.57
N TYR A 51 -8.21 -2.28 7.75
CA TYR A 51 -9.58 -2.16 8.19
C TYR A 51 -10.22 -3.50 8.11
N ASN A 52 -10.90 -3.86 9.15
CA ASN A 52 -11.77 -4.99 9.07
C ASN A 52 -13.16 -4.46 8.79
N ASP A 53 -13.69 -4.77 7.61
CA ASP A 53 -14.99 -4.26 7.22
C ASP A 53 -16.10 -5.04 7.91
N ASP A 54 -15.74 -6.19 8.46
CA ASP A 54 -16.68 -7.02 9.21
C ASP A 54 -16.79 -6.52 10.66
N SER A 55 -15.64 -6.31 11.30
CA SER A 55 -15.58 -5.90 12.69
C SER A 55 -15.37 -4.40 12.80
N LYS A 56 -15.35 -3.75 11.62
CA LYS A 56 -15.10 -2.32 11.50
C LYS A 56 -13.90 -1.85 12.33
N MET A 57 -12.93 -2.74 12.53
CA MET A 57 -11.80 -2.45 13.39
C MET A 57 -10.59 -2.01 12.58
N CYS A 58 -9.82 -1.09 13.14
CA CYS A 58 -8.67 -0.55 12.47
C CYS A 58 -7.38 -1.11 13.05
N HIS A 59 -6.66 -1.89 12.26
CA HIS A 59 -5.38 -2.41 12.67
C HIS A 59 -4.25 -1.67 11.96
N VAL A 60 -3.69 -0.66 12.62
CA VAL A 60 -2.53 0.04 12.09
C VAL A 60 -1.31 -0.86 12.20
N LYS A 61 -0.53 -0.92 11.13
CA LYS A 61 0.58 -1.87 11.08
C LYS A 61 1.86 -1.21 10.60
N GLU A 62 2.96 -1.93 10.80
CA GLU A 62 4.28 -1.38 10.56
C GLU A 62 4.78 -1.77 9.17
N GLY A 63 5.90 -1.17 8.80
CA GLY A 63 6.43 -1.22 7.44
C GLY A 63 6.29 -2.53 6.69
N LYS A 64 6.03 -2.35 5.38
CA LYS A 64 5.85 -3.43 4.42
C LYS A 64 4.61 -4.28 4.69
N PRO A 65 3.67 -4.25 3.73
CA PRO A 65 2.46 -5.09 3.74
C PRO A 65 2.80 -6.55 3.52
N ASP A 66 1.82 -7.40 3.75
CA ASP A 66 1.99 -8.83 3.62
C ASP A 66 0.61 -9.44 3.45
N LEU A 67 0.08 -9.22 2.26
CA LEU A 67 -1.30 -9.52 1.96
C LEU A 67 -1.66 -11.00 2.07
N TYR A 68 -2.79 -11.21 2.71
CA TYR A 68 -3.38 -12.54 2.85
C TYR A 68 -4.89 -12.39 2.85
N ASP A 69 -5.59 -13.46 2.54
CA ASP A 69 -7.04 -13.44 2.48
C ASP A 69 -7.63 -13.24 3.87
N LEU A 70 -8.29 -12.11 4.05
CA LEU A 70 -8.85 -11.72 5.33
C LEU A 70 -10.34 -11.42 5.17
N THR A 71 -11.19 -12.16 5.89
CA THR A 71 -12.63 -12.01 5.74
C THR A 71 -13.08 -10.59 6.07
N GLY A 72 -13.64 -9.91 5.08
CA GLY A 72 -14.03 -8.52 5.24
C GLY A 72 -12.82 -7.63 5.39
N GLY A 73 -11.66 -8.19 5.09
CA GLY A 73 -10.42 -7.47 5.20
C GLY A 73 -10.28 -6.38 4.18
N LYS A 74 -9.90 -5.21 4.64
CA LYS A 74 -9.61 -4.10 3.77
C LYS A 74 -8.29 -3.45 4.19
N THR A 75 -7.23 -3.76 3.48
CA THR A 75 -5.91 -3.22 3.78
C THR A 75 -5.46 -2.29 2.67
N ALA A 76 -4.67 -1.29 3.02
CA ALA A 76 -4.10 -0.37 2.05
C ALA A 76 -2.99 0.46 2.70
N SER A 77 -2.28 1.21 1.87
CA SER A 77 -1.22 2.10 2.35
C SER A 77 -1.81 3.31 3.07
N ARG A 78 -1.02 3.90 3.94
CA ARG A 78 -1.41 5.10 4.66
C ARG A 78 -1.67 6.26 3.70
N SER A 79 -1.02 6.19 2.56
CA SER A 79 -1.20 7.18 1.51
C SER A 79 -1.70 6.50 0.24
N CYS A 80 -2.85 6.93 -0.24
CA CYS A 80 -3.41 6.39 -1.46
C CYS A 80 -3.00 7.25 -2.65
N ASP A 81 -2.35 8.37 -2.33
CA ASP A 81 -1.93 9.34 -3.33
C ASP A 81 -0.99 8.71 -4.35
N ARG A 82 -1.23 9.00 -5.61
CA ARG A 82 -0.41 8.47 -6.69
C ARG A 82 0.34 9.61 -7.38
N SER A 83 0.44 10.72 -6.68
CA SER A 83 1.04 11.93 -7.24
C SER A 83 2.53 11.75 -7.54
N CYS A 84 3.17 10.82 -6.84
CA CYS A 84 4.59 10.59 -7.02
C CYS A 84 4.84 9.38 -7.91
N PHE A 85 3.77 8.83 -8.47
CA PHE A 85 3.90 7.66 -9.32
C PHE A 85 4.06 8.05 -10.78
N GLU A 86 4.60 7.12 -11.53
CA GLU A 86 4.71 7.23 -12.98
C GLU A 86 3.85 6.13 -13.60
N GLN A 87 2.83 6.50 -14.33
CA GLN A 87 1.93 5.51 -14.91
C GLN A 87 2.34 5.12 -16.32
N HIS A 88 1.98 3.89 -16.68
CA HIS A 88 2.32 3.30 -17.98
C HIS A 88 3.82 3.20 -18.15
N VAL A 89 4.48 2.70 -17.14
CA VAL A 89 5.92 2.54 -17.17
C VAL A 89 6.33 1.50 -16.15
N SER A 90 7.25 0.64 -16.55
CA SER A 90 7.63 -0.46 -15.72
C SER A 90 9.14 -0.55 -15.57
N TYR A 91 9.61 -0.59 -14.33
CA TYR A 91 10.98 -0.99 -14.06
C TYR A 91 10.90 -2.36 -13.41
N GLU A 92 11.48 -3.37 -14.05
CA GLU A 92 11.39 -4.74 -13.54
C GLU A 92 12.68 -5.51 -13.78
N GLY A 93 13.35 -5.18 -14.87
CA GLY A 93 14.66 -5.79 -15.14
C GLY A 93 15.69 -5.37 -14.11
N ALA A 94 15.34 -4.37 -13.32
CA ALA A 94 16.20 -3.88 -12.27
C ALA A 94 16.31 -4.92 -11.14
N PRO A 95 17.43 -4.90 -10.41
CA PRO A 95 17.63 -5.81 -9.26
C PRO A 95 16.48 -5.75 -8.27
N ASP A 96 15.83 -6.89 -8.06
CA ASP A 96 14.70 -6.95 -7.13
C ASP A 96 15.21 -6.79 -5.72
N VAL A 97 14.39 -6.16 -4.91
CA VAL A 97 14.76 -5.91 -3.53
C VAL A 97 13.73 -6.49 -2.59
N MET A 98 12.57 -6.87 -3.15
CA MET A 98 11.47 -7.44 -2.36
C MET A 98 10.69 -8.44 -3.18
N THR A 99 9.90 -9.25 -2.47
CA THR A 99 8.98 -10.18 -3.10
C THR A 99 7.80 -9.42 -3.71
N ALA A 100 7.41 -9.80 -4.91
CA ALA A 100 6.23 -9.21 -5.55
C ALA A 100 4.99 -9.45 -4.72
N MET A 101 4.03 -8.54 -4.85
CA MET A 101 2.81 -8.63 -4.08
C MET A 101 1.62 -8.53 -5.01
N VAL A 102 0.49 -9.06 -4.59
CA VAL A 102 -0.72 -8.98 -5.38
C VAL A 102 -1.79 -8.16 -4.64
N THR A 103 -2.17 -7.02 -5.22
CA THR A 103 -3.08 -6.09 -4.59
C THR A 103 -3.89 -5.32 -5.64
N SER A 104 -5.05 -4.80 -5.27
CA SER A 104 -5.88 -4.07 -6.22
C SER A 104 -5.59 -2.56 -6.15
N GLN A 105 -4.45 -2.20 -5.55
CA GLN A 105 -4.05 -0.79 -5.47
C GLN A 105 -2.54 -0.66 -5.48
N SER A 106 -2.05 0.36 -6.18
CA SER A 106 -0.62 0.66 -6.24
C SER A 106 -0.13 1.17 -4.89
N ALA A 107 -1.08 1.60 -4.06
CA ALA A 107 -0.79 2.11 -2.74
C ALA A 107 -0.06 1.08 -1.89
N ASP A 108 -0.49 -0.18 -1.98
CA ASP A 108 0.10 -1.25 -1.19
C ASP A 108 1.60 -1.36 -1.48
N CYS A 109 1.94 -1.31 -2.76
CA CYS A 109 3.33 -1.40 -3.18
C CYS A 109 4.09 -0.17 -2.71
N GLN A 110 3.38 0.94 -2.55
CA GLN A 110 3.97 2.18 -2.06
C GLN A 110 4.47 2.00 -0.64
N ALA A 111 3.55 1.62 0.24
CA ALA A 111 3.87 1.40 1.65
C ALA A 111 4.93 0.32 1.81
N ALA A 112 4.92 -0.62 0.88
CA ALA A 112 5.87 -1.72 0.90
C ALA A 112 7.28 -1.23 0.62
N CYS A 113 7.47 -0.57 -0.49
CA CYS A 113 8.79 -0.15 -0.90
C CYS A 113 9.25 1.07 -0.12
N ALA A 114 8.31 1.91 0.29
CA ALA A 114 8.64 3.12 1.01
C ALA A 114 9.12 2.82 2.43
N ALA A 115 8.78 1.63 2.90
CA ALA A 115 9.16 1.24 4.26
C ALA A 115 10.55 0.65 4.29
N ASP A 116 10.95 0.02 3.20
CA ASP A 116 12.21 -0.71 3.18
C ASP A 116 13.36 0.19 2.76
N PRO A 117 14.50 0.08 3.46
CA PRO A 117 15.68 0.90 3.20
C PRO A 117 16.48 0.40 1.99
N SER A 118 16.17 -0.81 1.55
CA SER A 118 16.85 -1.40 0.42
C SER A 118 15.98 -1.26 -0.82
N CYS A 119 14.76 -0.77 -0.62
CA CYS A 119 13.82 -0.65 -1.72
C CYS A 119 13.74 0.80 -2.16
N GLU A 120 13.89 1.02 -3.46
CA GLU A 120 13.89 2.35 -4.03
C GLU A 120 12.57 2.61 -4.75
N ILE A 121 12.27 1.74 -5.71
CA ILE A 121 11.11 1.93 -6.56
C ILE A 121 10.23 0.68 -6.58
N PHE A 122 9.06 0.82 -7.20
CA PHE A 122 8.11 -0.27 -7.34
C PHE A 122 7.23 -0.02 -8.53
N THR A 123 6.72 -1.09 -9.11
CA THR A 123 5.80 -0.98 -10.22
C THR A 123 4.58 -1.85 -9.97
N TYR A 124 3.43 -1.22 -9.98
CA TYR A 124 2.18 -1.92 -9.76
C TYR A 124 1.52 -2.25 -11.09
N ASN A 125 1.49 -3.53 -11.40
CA ASN A 125 0.74 -4.05 -12.51
C ASN A 125 -0.74 -3.96 -12.18
N GLU A 126 -1.41 -2.99 -12.76
CA GLU A 126 -2.83 -2.78 -12.52
C GLU A 126 -3.63 -3.84 -13.24
N HIS A 127 -2.95 -4.54 -14.14
CA HIS A 127 -3.56 -5.59 -14.93
C HIS A 127 -3.53 -6.90 -14.18
N ASP A 128 -2.38 -7.21 -13.62
CA ASP A 128 -2.19 -8.45 -12.87
C ASP A 128 -2.44 -8.22 -11.41
N GLN A 129 -2.73 -6.97 -11.08
CA GLN A 129 -2.91 -6.53 -9.69
C GLN A 129 -1.70 -6.94 -8.88
N LYS A 130 -0.53 -6.55 -9.36
CA LYS A 130 0.70 -7.06 -8.81
C LYS A 130 1.75 -5.97 -8.62
N CYS A 131 2.51 -6.08 -7.56
CA CYS A 131 3.59 -5.15 -7.27
C CYS A 131 4.92 -5.80 -7.57
N THR A 132 5.84 -5.03 -8.11
CA THR A 132 7.19 -5.49 -8.29
C THR A 132 8.16 -4.46 -7.72
N PHE A 133 9.11 -4.91 -6.93
CA PHE A 133 9.98 -4.01 -6.18
C PHE A 133 11.41 -4.10 -6.67
N LYS A 134 11.98 -2.96 -7.02
CA LYS A 134 13.31 -2.90 -7.59
C LYS A 134 14.15 -1.82 -6.94
N GLY A 135 15.43 -2.06 -6.85
CA GLY A 135 16.33 -1.12 -6.23
C GLY A 135 17.04 -0.24 -7.24
N ARG A 136 18.22 0.22 -6.87
CA ARG A 136 19.00 1.14 -7.70
C ARG A 136 19.42 0.49 -9.01
N GLY A 137 19.50 1.29 -10.05
CA GLY A 137 19.76 0.77 -11.38
C GLY A 137 18.49 0.62 -12.18
N PHE A 138 17.39 1.02 -11.57
CA PHE A 138 16.06 0.88 -12.15
C PHE A 138 15.91 1.68 -13.44
N SER A 139 16.55 2.84 -13.50
CA SER A 139 16.40 3.74 -14.64
C SER A 139 16.92 3.11 -15.94
N ALA A 140 17.86 2.18 -15.80
CA ALA A 140 18.41 1.48 -16.95
C ALA A 140 17.45 0.43 -17.46
N PHE A 141 16.53 0.04 -16.60
CA PHE A 141 15.58 -1.01 -16.90
C PHE A 141 14.17 -0.43 -16.96
N LYS A 142 14.11 0.85 -17.28
CA LYS A 142 12.85 1.56 -17.36
C LYS A 142 12.16 1.28 -18.69
N GLU A 143 10.85 1.02 -18.62
CA GLU A 143 10.06 0.78 -19.81
C GLU A 143 8.89 1.75 -19.85
N ARG A 144 8.92 2.69 -20.77
CA ARG A 144 7.84 3.66 -20.90
C ARG A 144 6.80 3.16 -21.88
N GLY A 145 5.53 3.39 -21.55
CA GLY A 145 4.46 3.01 -22.45
C GLY A 145 3.94 1.63 -22.17
N VAL A 146 3.97 1.26 -20.91
CA VAL A 146 3.52 -0.04 -20.47
C VAL A 146 2.10 0.07 -19.91
N LEU A 147 1.12 -0.38 -20.66
CA LEU A 147 -0.26 -0.31 -20.22
C LEU A 147 -0.52 -1.29 -19.09
N GLY A 148 -1.16 -0.80 -18.04
CA GLY A 148 -1.51 -1.66 -16.94
C GLY A 148 -0.45 -1.72 -15.87
N VAL A 149 0.38 -0.69 -15.80
CA VAL A 149 1.37 -0.62 -14.73
C VAL A 149 1.52 0.81 -14.21
N THR A 150 1.89 0.89 -12.96
CA THR A 150 2.12 2.14 -12.29
C THR A 150 3.36 2.04 -11.42
N SER A 151 4.39 2.78 -11.75
CA SER A 151 5.64 2.67 -11.04
C SER A 151 5.87 3.89 -10.16
N GLY A 152 6.29 3.66 -8.94
CA GLY A 152 6.56 4.74 -8.03
C GLY A 152 8.01 4.73 -7.60
N PRO A 153 8.77 5.75 -8.00
CA PRO A 153 10.18 5.84 -7.67
C PRO A 153 10.43 6.52 -6.33
N LYS A 154 9.38 6.69 -5.55
CA LYS A 154 9.48 7.40 -4.28
C LYS A 154 8.67 6.73 -3.18
N GLN A 155 8.56 7.39 -2.05
CA GLN A 155 7.85 6.85 -0.90
C GLN A 155 6.36 7.17 -0.99
N PHE A 156 5.70 7.14 0.16
CA PHE A 156 4.36 7.68 0.29
C PHE A 156 4.37 9.10 -0.25
N CYS A 157 3.67 9.34 -1.35
CA CYS A 157 3.71 10.65 -2.02
C CYS A 157 3.33 11.79 -1.07
N ASP A 158 2.60 11.45 0.00
CA ASP A 158 2.14 12.46 0.95
C ASP A 158 3.08 12.56 2.15
N GLU A 159 3.91 11.54 2.33
CA GLU A 159 4.74 11.43 3.53
C GLU A 159 6.22 11.66 3.22
N GLY A 160 6.74 10.89 2.28
CA GLY A 160 8.15 10.93 2.00
C GLY A 160 8.48 11.10 0.53
N GLY A 161 7.53 10.79 -0.32
CA GLY A 161 7.72 10.89 -1.74
C GLY A 161 7.00 12.09 -2.33
N SER A 1 -15.61 13.85 17.58
CA SER A 1 -15.21 12.60 16.91
C SER A 1 -16.40 11.95 16.19
N SER A 2 -16.33 11.91 14.87
CA SER A 2 -17.36 11.26 14.08
C SER A 2 -16.83 9.95 13.53
N GLU A 3 -17.20 8.85 14.18
CA GLU A 3 -16.75 7.53 13.79
C GLU A 3 -17.89 6.73 13.18
N PRO A 4 -18.04 6.79 11.85
CA PRO A 4 -19.12 6.13 11.14
C PRO A 4 -18.72 4.76 10.58
N ALA A 5 -19.57 4.21 9.72
CA ALA A 5 -19.33 2.93 9.08
C ALA A 5 -18.20 3.03 8.07
N LYS A 6 -17.60 1.89 7.75
CA LYS A 6 -16.55 1.81 6.74
C LYS A 6 -16.94 2.56 5.47
N LEU A 7 -16.38 3.75 5.27
CA LEU A 7 -16.62 4.51 4.06
C LEU A 7 -15.53 4.25 3.04
N ASP A 8 -15.93 3.89 1.83
CA ASP A 8 -14.99 3.48 0.77
C ASP A 8 -13.91 4.52 0.53
N LEU A 9 -12.66 4.11 0.72
CA LEU A 9 -11.51 4.98 0.59
C LEU A 9 -10.96 4.95 -0.84
N SER A 10 -9.96 5.78 -1.11
CA SER A 10 -9.28 5.75 -2.39
C SER A 10 -8.53 4.42 -2.57
N CYS A 11 -7.70 4.07 -1.59
CA CYS A 11 -6.97 2.82 -1.64
C CYS A 11 -7.52 1.86 -0.58
N VAL A 12 -8.09 0.77 -1.03
CA VAL A 12 -8.56 -0.29 -0.13
C VAL A 12 -8.67 -1.62 -0.87
N HIS A 13 -8.11 -2.66 -0.26
CA HIS A 13 -8.27 -4.03 -0.74
C HIS A 13 -9.73 -4.47 -0.64
N SER A 14 -10.59 -3.92 -1.48
CA SER A 14 -12.01 -4.24 -1.45
C SER A 14 -12.28 -5.59 -2.13
N ASP A 15 -11.46 -6.56 -1.79
CA ASP A 15 -11.58 -7.93 -2.30
C ASP A 15 -11.43 -8.90 -1.12
N ASN A 16 -11.43 -8.31 0.07
CA ASN A 16 -11.30 -9.04 1.34
C ASN A 16 -9.86 -9.55 1.51
N LYS A 17 -8.98 -8.63 1.89
CA LYS A 17 -7.57 -8.94 2.09
C LYS A 17 -7.00 -8.16 3.26
N GLY A 18 -6.13 -8.83 3.99
CA GLY A 18 -5.46 -8.18 5.10
C GLY A 18 -3.96 -8.29 4.96
N SER A 19 -3.23 -7.82 5.95
CA SER A 19 -1.78 -7.83 5.88
C SER A 19 -1.17 -8.15 7.23
N ARG A 20 -0.09 -8.92 7.23
CA ARG A 20 0.58 -9.30 8.45
C ARG A 20 1.73 -8.35 8.77
N ALA A 21 1.68 -7.79 9.95
CA ALA A 21 2.65 -6.82 10.43
C ALA A 21 2.21 -6.41 11.83
N PRO A 22 3.09 -5.83 12.66
CA PRO A 22 2.77 -5.56 14.06
C PRO A 22 1.72 -4.49 14.20
N THR A 23 0.60 -4.82 14.84
CA THR A 23 -0.41 -3.84 15.12
C THR A 23 0.14 -2.81 16.10
N ILE A 24 0.43 -1.64 15.56
CA ILE A 24 1.00 -0.57 16.34
C ILE A 24 -0.02 -0.04 17.35
N GLY A 25 0.32 -0.12 18.62
CA GLY A 25 -0.58 0.30 19.66
C GLY A 25 -1.81 -0.59 19.77
N GLU A 26 -2.99 0.02 19.73
CA GLU A 26 -4.24 -0.72 19.80
C GLU A 26 -5.12 -0.38 18.62
N PRO A 27 -5.98 -1.32 18.18
CA PRO A 27 -6.88 -1.11 17.05
C PRO A 27 -8.07 -0.25 17.40
N VAL A 28 -8.63 0.37 16.38
CA VAL A 28 -9.78 1.24 16.55
C VAL A 28 -11.03 0.59 15.98
N PRO A 29 -11.94 0.13 16.82
CA PRO A 29 -13.15 -0.52 16.35
C PRO A 29 -14.26 0.46 16.03
N ASP A 30 -15.14 0.04 15.14
CA ASP A 30 -16.30 0.85 14.75
C ASP A 30 -15.83 2.17 14.12
N VAL A 31 -14.97 2.05 13.11
CA VAL A 31 -14.40 3.22 12.45
C VAL A 31 -14.47 3.04 10.95
N SER A 32 -14.42 4.15 10.25
CA SER A 32 -14.50 4.16 8.80
C SER A 32 -13.12 3.85 8.21
N LEU A 33 -13.08 3.56 6.91
CA LEU A 33 -11.81 3.40 6.23
C LEU A 33 -11.07 4.72 6.30
N GLU A 34 -11.83 5.78 6.12
CA GLU A 34 -11.30 7.12 6.14
C GLU A 34 -10.79 7.47 7.53
N GLN A 35 -11.47 6.96 8.54
CA GLN A 35 -11.07 7.19 9.92
C GLN A 35 -9.82 6.40 10.26
N CYS A 36 -9.80 5.15 9.83
CA CYS A 36 -8.67 4.28 10.11
C CYS A 36 -7.45 4.73 9.31
N ALA A 37 -7.71 5.26 8.13
CA ALA A 37 -6.67 5.88 7.33
C ALA A 37 -6.08 7.07 8.08
N ALA A 38 -6.93 7.77 8.82
CA ALA A 38 -6.51 8.87 9.66
C ALA A 38 -5.72 8.34 10.86
N GLN A 39 -6.10 7.16 11.31
CA GLN A 39 -5.44 6.50 12.44
C GLN A 39 -3.97 6.20 12.13
N CYS A 40 -3.73 5.70 10.93
CA CYS A 40 -2.36 5.37 10.52
C CYS A 40 -1.55 6.65 10.32
N LYS A 41 -2.24 7.76 10.13
CA LYS A 41 -1.58 9.05 10.04
C LYS A 41 -1.41 9.64 11.43
N ALA A 42 -2.22 9.17 12.37
CA ALA A 42 -2.17 9.63 13.74
C ALA A 42 -1.04 8.97 14.51
N VAL A 43 -0.74 7.72 14.16
CA VAL A 43 0.36 7.00 14.79
C VAL A 43 1.60 7.05 13.90
N ASP A 44 2.64 7.70 14.39
CA ASP A 44 3.88 7.83 13.64
C ASP A 44 4.66 6.54 13.70
N GLY A 45 4.86 5.94 12.53
CA GLY A 45 5.50 4.66 12.45
C GLY A 45 4.63 3.64 11.75
N CYS A 46 3.59 4.12 11.10
CA CYS A 46 2.64 3.25 10.43
C CYS A 46 2.76 3.44 8.92
N THR A 47 2.97 2.33 8.22
CA THR A 47 3.13 2.37 6.79
C THR A 47 1.84 1.95 6.10
N HIS A 48 1.13 1.04 6.75
CA HIS A 48 -0.09 0.52 6.18
C HIS A 48 -1.01 0.06 7.29
N PHE A 49 -2.29 0.06 7.02
CA PHE A 49 -3.28 -0.31 8.02
C PHE A 49 -4.10 -1.48 7.51
N THR A 50 -4.92 -2.02 8.39
CA THR A 50 -5.85 -3.06 8.03
C THR A 50 -7.22 -2.78 8.63
N TYR A 51 -8.17 -2.43 7.79
CA TYR A 51 -9.53 -2.28 8.22
C TYR A 51 -10.18 -3.63 8.20
N ASN A 52 -10.96 -3.89 9.19
CA ASN A 52 -11.83 -5.02 9.13
C ASN A 52 -13.23 -4.52 8.85
N ASP A 53 -13.75 -4.84 7.69
CA ASP A 53 -15.08 -4.40 7.29
C ASP A 53 -16.16 -5.18 8.03
N ASP A 54 -15.76 -6.31 8.59
CA ASP A 54 -16.66 -7.17 9.36
C ASP A 54 -16.75 -6.70 10.82
N SER A 55 -15.60 -6.32 11.38
CA SER A 55 -15.52 -5.87 12.77
C SER A 55 -15.39 -4.35 12.86
N LYS A 56 -15.41 -3.72 11.69
CA LYS A 56 -15.20 -2.28 11.54
C LYS A 56 -13.99 -1.78 12.35
N MET A 57 -13.00 -2.64 12.54
CA MET A 57 -11.87 -2.31 13.40
C MET A 57 -10.67 -1.88 12.56
N CYS A 58 -9.82 -1.07 13.14
CA CYS A 58 -8.65 -0.55 12.47
C CYS A 58 -7.37 -1.10 13.06
N HIS A 59 -6.66 -1.91 12.31
CA HIS A 59 -5.36 -2.41 12.75
C HIS A 59 -4.23 -1.68 12.03
N VAL A 60 -3.67 -0.66 12.65
CA VAL A 60 -2.51 0.03 12.10
C VAL A 60 -1.30 -0.87 12.23
N LYS A 61 -0.49 -0.95 11.20
CA LYS A 61 0.63 -1.86 11.20
C LYS A 61 1.91 -1.21 10.70
N GLU A 62 3.01 -1.93 10.87
CA GLU A 62 4.33 -1.42 10.59
C GLU A 62 4.80 -1.83 9.20
N GLY A 63 5.92 -1.26 8.80
CA GLY A 63 6.43 -1.33 7.42
C GLY A 63 6.23 -2.63 6.66
N LYS A 64 6.01 -2.46 5.36
CA LYS A 64 5.80 -3.53 4.40
C LYS A 64 4.56 -4.37 4.67
N PRO A 65 3.62 -4.36 3.73
CA PRO A 65 2.42 -5.19 3.76
C PRO A 65 2.75 -6.65 3.53
N ASP A 66 1.97 -7.50 4.16
CA ASP A 66 2.14 -8.94 4.05
C ASP A 66 0.77 -9.54 3.82
N LEU A 67 0.26 -9.33 2.61
CA LEU A 67 -1.11 -9.64 2.27
C LEU A 67 -1.48 -11.10 2.46
N TYR A 68 -2.68 -11.29 2.98
CA TYR A 68 -3.27 -12.61 3.15
C TYR A 68 -4.78 -12.50 3.01
N ASP A 69 -5.42 -13.62 2.73
CA ASP A 69 -6.87 -13.63 2.57
C ASP A 69 -7.56 -13.34 3.90
N LEU A 70 -8.25 -12.23 3.95
CA LEU A 70 -8.93 -11.79 5.15
C LEU A 70 -10.38 -11.46 4.82
N THR A 71 -11.30 -12.28 5.31
CA THR A 71 -12.72 -12.07 5.03
C THR A 71 -13.20 -10.74 5.62
N GLY A 72 -13.68 -9.86 4.75
CA GLY A 72 -14.07 -8.54 5.18
C GLY A 72 -12.85 -7.68 5.40
N GLY A 73 -11.70 -8.24 5.11
CA GLY A 73 -10.46 -7.53 5.26
C GLY A 73 -10.29 -6.44 4.24
N LYS A 74 -9.95 -5.27 4.71
CA LYS A 74 -9.66 -4.16 3.83
C LYS A 74 -8.35 -3.52 4.26
N THR A 75 -7.29 -3.85 3.56
CA THR A 75 -5.97 -3.31 3.86
C THR A 75 -5.57 -2.30 2.80
N ALA A 76 -4.70 -1.37 3.16
CA ALA A 76 -4.13 -0.44 2.21
C ALA A 76 -2.95 0.30 2.84
N SER A 77 -2.32 1.15 2.06
CA SER A 77 -1.22 1.97 2.52
C SER A 77 -1.74 3.17 3.28
N ARG A 78 -0.89 3.77 4.10
CA ARG A 78 -1.25 4.98 4.83
C ARG A 78 -1.61 6.10 3.86
N SER A 79 -1.11 5.99 2.65
CA SER A 79 -1.35 6.96 1.62
C SER A 79 -1.93 6.29 0.38
N CYS A 80 -2.97 6.89 -0.17
CA CYS A 80 -3.54 6.40 -1.42
C CYS A 80 -3.22 7.39 -2.53
N ASP A 81 -2.35 8.34 -2.20
CA ASP A 81 -1.97 9.38 -3.15
C ASP A 81 -1.01 8.82 -4.18
N ARG A 82 -1.20 9.20 -5.44
CA ARG A 82 -0.43 8.64 -6.53
C ARG A 82 0.36 9.74 -7.25
N SER A 83 0.54 10.86 -6.58
CA SER A 83 1.19 12.02 -7.19
C SER A 83 2.65 11.73 -7.52
N CYS A 84 3.29 10.89 -6.72
CA CYS A 84 4.71 10.61 -6.89
C CYS A 84 4.92 9.41 -7.81
N PHE A 85 3.82 8.85 -8.31
CA PHE A 85 3.91 7.69 -9.19
C PHE A 85 4.09 8.11 -10.63
N GLU A 86 4.67 7.20 -11.39
CA GLU A 86 4.83 7.33 -12.83
C GLU A 86 3.97 6.26 -13.49
N GLN A 87 2.88 6.64 -14.11
CA GLN A 87 1.97 5.65 -14.68
C GLN A 87 2.36 5.30 -16.10
N HIS A 88 2.06 4.05 -16.46
CA HIS A 88 2.38 3.48 -17.77
C HIS A 88 3.88 3.36 -17.99
N VAL A 89 4.55 2.75 -17.03
CA VAL A 89 5.98 2.53 -17.11
C VAL A 89 6.38 1.40 -16.18
N SER A 90 7.09 0.42 -16.73
CA SER A 90 7.38 -0.80 -16.01
C SER A 90 8.88 -1.01 -15.83
N TYR A 91 9.28 -1.29 -14.60
CA TYR A 91 10.62 -1.73 -14.34
C TYR A 91 10.57 -3.20 -13.92
N GLU A 92 11.23 -4.06 -14.67
CA GLU A 92 11.17 -5.49 -14.42
C GLU A 92 12.54 -6.13 -14.51
N GLY A 93 13.30 -5.73 -15.52
CA GLY A 93 14.66 -6.23 -15.66
C GLY A 93 15.54 -5.83 -14.50
N ALA A 94 15.12 -4.81 -13.76
CA ALA A 94 15.86 -4.34 -12.60
C ALA A 94 15.83 -5.39 -11.50
N PRO A 95 16.98 -5.66 -10.87
CA PRO A 95 17.08 -6.62 -9.76
C PRO A 95 16.05 -6.34 -8.69
N ASP A 96 15.21 -7.34 -8.44
CA ASP A 96 14.11 -7.18 -7.49
C ASP A 96 14.63 -7.15 -6.08
N VAL A 97 14.13 -6.21 -5.31
CA VAL A 97 14.57 -6.01 -3.95
C VAL A 97 13.58 -6.61 -2.96
N MET A 98 12.38 -6.90 -3.47
CA MET A 98 11.34 -7.54 -2.68
C MET A 98 10.55 -8.50 -3.56
N THR A 99 9.84 -9.41 -2.93
CA THR A 99 8.96 -10.33 -3.62
C THR A 99 7.72 -9.60 -4.10
N ALA A 100 7.31 -9.87 -5.34
CA ALA A 100 6.12 -9.25 -5.91
C ALA A 100 4.89 -9.53 -5.08
N MET A 101 3.98 -8.58 -5.06
CA MET A 101 2.79 -8.69 -4.26
C MET A 101 1.56 -8.56 -5.14
N VAL A 102 0.45 -9.09 -4.68
CA VAL A 102 -0.80 -8.99 -5.43
C VAL A 102 -1.82 -8.17 -4.65
N THR A 103 -2.22 -7.05 -5.24
CA THR A 103 -3.08 -6.09 -4.57
C THR A 103 -3.95 -5.35 -5.58
N SER A 104 -5.05 -4.75 -5.13
CA SER A 104 -5.89 -3.96 -6.00
C SER A 104 -5.56 -2.47 -5.88
N GLN A 105 -4.34 -2.15 -5.44
CA GLN A 105 -3.92 -0.76 -5.32
C GLN A 105 -2.40 -0.62 -5.38
N SER A 106 -1.94 0.41 -6.07
CA SER A 106 -0.53 0.72 -6.17
C SER A 106 -0.01 1.25 -4.83
N ALA A 107 -0.94 1.71 -4.00
CA ALA A 107 -0.62 2.22 -2.68
C ALA A 107 0.06 1.15 -1.83
N ASP A 108 -0.39 -0.08 -1.98
CA ASP A 108 0.14 -1.19 -1.21
C ASP A 108 1.63 -1.35 -1.50
N CYS A 109 1.97 -1.30 -2.79
CA CYS A 109 3.36 -1.39 -3.21
C CYS A 109 4.15 -0.19 -2.68
N GLN A 110 3.47 0.94 -2.56
CA GLN A 110 4.08 2.16 -2.03
C GLN A 110 4.52 1.96 -0.59
N ALA A 111 3.61 1.46 0.24
CA ALA A 111 3.92 1.22 1.65
C ALA A 111 4.97 0.14 1.78
N ALA A 112 4.96 -0.78 0.84
CA ALA A 112 5.87 -1.89 0.83
C ALA A 112 7.30 -1.43 0.54
N CYS A 113 7.45 -0.63 -0.49
CA CYS A 113 8.77 -0.22 -0.91
C CYS A 113 9.27 0.97 -0.09
N ALA A 114 8.35 1.82 0.36
CA ALA A 114 8.71 3.01 1.14
C ALA A 114 9.22 2.64 2.53
N ALA A 115 8.98 1.40 2.92
CA ALA A 115 9.36 0.96 4.25
C ALA A 115 10.66 0.17 4.23
N ASP A 116 11.07 -0.27 3.06
CA ASP A 116 12.26 -1.11 2.97
C ASP A 116 13.48 -0.26 2.59
N PRO A 117 14.59 -0.46 3.29
CA PRO A 117 15.81 0.34 3.10
C PRO A 117 16.57 -0.03 1.83
N SER A 118 16.26 -1.21 1.30
CA SER A 118 16.91 -1.68 0.09
C SER A 118 16.02 -1.45 -1.11
N CYS A 119 14.83 -0.92 -0.87
CA CYS A 119 13.88 -0.70 -1.93
C CYS A 119 13.83 0.76 -2.33
N GLU A 120 13.99 1.00 -3.63
CA GLU A 120 14.03 2.36 -4.16
C GLU A 120 12.75 2.65 -4.91
N ILE A 121 12.44 1.79 -5.86
CA ILE A 121 11.28 1.99 -6.72
C ILE A 121 10.38 0.76 -6.72
N PHE A 122 9.23 0.90 -7.36
CA PHE A 122 8.27 -0.20 -7.49
C PHE A 122 7.38 0.04 -8.70
N THR A 123 6.62 -0.97 -9.07
CA THR A 123 5.65 -0.85 -10.15
C THR A 123 4.42 -1.71 -9.86
N TYR A 124 3.26 -1.11 -9.98
CA TYR A 124 2.02 -1.79 -9.77
C TYR A 124 1.35 -2.13 -11.08
N ASN A 125 1.27 -3.40 -11.37
CA ASN A 125 0.55 -3.92 -12.50
C ASN A 125 -0.94 -3.79 -12.26
N GLU A 126 -1.52 -2.76 -12.87
CA GLU A 126 -2.95 -2.48 -12.72
C GLU A 126 -3.76 -3.52 -13.48
N HIS A 127 -3.05 -4.36 -14.23
CA HIS A 127 -3.67 -5.45 -14.95
C HIS A 127 -3.65 -6.72 -14.10
N ASP A 128 -2.46 -7.15 -13.72
CA ASP A 128 -2.28 -8.39 -12.97
C ASP A 128 -2.60 -8.20 -11.50
N GLN A 129 -2.87 -6.95 -11.12
CA GLN A 129 -3.12 -6.58 -9.73
C GLN A 129 -1.88 -6.91 -8.91
N LYS A 130 -0.72 -6.52 -9.41
CA LYS A 130 0.52 -7.01 -8.85
C LYS A 130 1.55 -5.89 -8.66
N CYS A 131 2.33 -6.00 -7.61
CA CYS A 131 3.40 -5.06 -7.34
C CYS A 131 4.73 -5.72 -7.68
N THR A 132 5.65 -4.92 -8.16
CA THR A 132 7.02 -5.36 -8.35
C THR A 132 7.97 -4.37 -7.68
N PHE A 133 8.96 -4.88 -6.97
CA PHE A 133 9.86 -4.01 -6.23
C PHE A 133 11.27 -4.16 -6.76
N LYS A 134 11.86 -3.04 -7.17
CA LYS A 134 13.15 -3.05 -7.86
C LYS A 134 14.07 -2.00 -7.25
N GLY A 135 15.36 -2.29 -7.28
CA GLY A 135 16.32 -1.39 -6.69
C GLY A 135 16.96 -0.47 -7.70
N ARG A 136 18.14 0.03 -7.35
CA ARG A 136 18.86 0.96 -8.20
C ARG A 136 19.30 0.30 -9.49
N GLY A 137 19.38 1.08 -10.56
CA GLY A 137 19.65 0.54 -11.87
C GLY A 137 18.37 0.34 -12.65
N PHE A 138 17.27 0.72 -12.02
CA PHE A 138 15.94 0.55 -12.59
C PHE A 138 15.76 1.32 -13.89
N SER A 139 16.46 2.46 -14.02
CA SER A 139 16.32 3.31 -15.19
C SER A 139 16.90 2.64 -16.43
N ALA A 140 17.80 1.69 -16.20
CA ALA A 140 18.42 0.94 -17.29
C ALA A 140 17.47 -0.16 -17.77
N PHE A 141 16.55 -0.52 -16.91
CA PHE A 141 15.59 -1.56 -17.19
C PHE A 141 14.18 -0.97 -17.19
N LYS A 142 14.12 0.26 -17.63
CA LYS A 142 12.87 1.01 -17.63
C LYS A 142 12.11 0.83 -18.94
N GLU A 143 10.81 0.65 -18.85
CA GLU A 143 9.95 0.52 -20.02
C GLU A 143 8.86 1.59 -19.95
N ARG A 144 8.85 2.51 -20.92
CA ARG A 144 7.87 3.59 -20.93
C ARG A 144 6.70 3.24 -21.84
N GLY A 145 5.51 3.68 -21.45
CA GLY A 145 4.35 3.45 -22.27
C GLY A 145 3.78 2.06 -22.08
N VAL A 146 3.84 1.59 -20.85
CA VAL A 146 3.36 0.26 -20.50
C VAL A 146 1.97 0.35 -19.89
N LEU A 147 0.97 -0.03 -20.66
CA LEU A 147 -0.39 -0.03 -20.16
C LEU A 147 -0.58 -1.10 -19.11
N GLY A 148 -1.25 -0.73 -18.04
CA GLY A 148 -1.54 -1.68 -17.00
C GLY A 148 -0.49 -1.71 -15.93
N VAL A 149 0.30 -0.65 -15.81
CA VAL A 149 1.28 -0.55 -14.74
C VAL A 149 1.43 0.88 -14.25
N THR A 150 1.84 1.00 -13.00
CA THR A 150 2.09 2.28 -12.36
C THR A 150 3.34 2.16 -11.48
N SER A 151 4.34 2.97 -11.73
CA SER A 151 5.58 2.86 -10.99
C SER A 151 5.72 3.98 -9.99
N GLY A 152 6.54 3.76 -8.97
CA GLY A 152 6.79 4.77 -7.99
C GLY A 152 8.22 4.74 -7.50
N PRO A 153 8.99 5.79 -7.78
CA PRO A 153 10.39 5.85 -7.40
C PRO A 153 10.62 6.58 -6.08
N LYS A 154 9.58 6.70 -5.28
CA LYS A 154 9.66 7.46 -4.04
C LYS A 154 8.89 6.80 -2.91
N GLN A 155 8.87 7.47 -1.75
CA GLN A 155 8.12 7.04 -0.59
C GLN A 155 6.61 7.26 -0.79
N PHE A 156 5.88 7.30 0.31
CA PHE A 156 4.48 7.72 0.31
C PHE A 156 4.38 9.10 -0.33
N CYS A 157 3.66 9.18 -1.45
CA CYS A 157 3.64 10.37 -2.29
C CYS A 157 3.33 11.67 -1.55
N ASP A 158 2.58 11.59 -0.45
CA ASP A 158 2.23 12.80 0.28
C ASP A 158 2.62 12.71 1.75
N GLU A 159 3.14 11.56 2.16
CA GLU A 159 3.53 11.35 3.55
C GLU A 159 5.05 11.40 3.69
N GLY A 160 5.77 11.17 2.60
CA GLY A 160 7.22 11.06 2.68
C GLY A 160 7.94 11.47 1.41
N GLY A 161 7.50 10.95 0.28
CA GLY A 161 8.21 11.19 -0.97
C GLY A 161 8.05 12.62 -1.44
N SER A 1 -14.73 11.71 17.41
CA SER A 1 -15.70 12.74 16.97
C SER A 1 -16.89 12.09 16.26
N SER A 2 -16.61 11.36 15.20
CA SER A 2 -17.66 10.63 14.48
C SER A 2 -17.31 9.15 14.42
N GLU A 3 -18.31 8.32 14.20
CA GLU A 3 -18.10 6.88 14.15
C GLU A 3 -18.92 6.26 13.02
N PRO A 4 -18.60 6.60 11.76
CA PRO A 4 -19.32 6.09 10.60
C PRO A 4 -18.83 4.71 10.21
N ALA A 5 -19.70 3.94 9.57
CA ALA A 5 -19.34 2.64 9.06
C ALA A 5 -18.32 2.78 7.95
N LYS A 6 -17.55 1.72 7.71
CA LYS A 6 -16.48 1.70 6.69
C LYS A 6 -16.86 2.47 5.43
N LEU A 7 -16.34 3.70 5.30
CA LEU A 7 -16.62 4.53 4.14
C LEU A 7 -15.54 4.33 3.09
N ASP A 8 -15.95 4.23 1.83
CA ASP A 8 -15.04 4.01 0.70
C ASP A 8 -13.85 4.95 0.74
N LEU A 9 -12.66 4.39 0.79
CA LEU A 9 -11.44 5.17 0.80
C LEU A 9 -10.85 5.23 -0.60
N SER A 10 -9.83 6.07 -0.78
CA SER A 10 -9.14 6.13 -2.05
C SER A 10 -8.39 4.82 -2.31
N CYS A 11 -7.69 4.33 -1.30
CA CYS A 11 -6.98 3.07 -1.42
C CYS A 11 -7.55 2.06 -0.41
N VAL A 12 -8.16 1.00 -0.94
CA VAL A 12 -8.64 -0.09 -0.12
C VAL A 12 -8.84 -1.32 -0.99
N HIS A 13 -8.17 -2.40 -0.60
CA HIS A 13 -8.21 -3.67 -1.31
C HIS A 13 -9.63 -4.13 -1.56
N SER A 14 -10.51 -3.87 -0.57
CA SER A 14 -11.96 -4.16 -0.60
C SER A 14 -12.29 -5.66 -0.77
N ASP A 15 -11.63 -6.33 -1.70
CA ASP A 15 -11.84 -7.75 -1.93
C ASP A 15 -11.12 -8.57 -0.86
N ASN A 16 -11.73 -8.55 0.33
CA ASN A 16 -11.33 -9.35 1.50
C ASN A 16 -9.85 -9.72 1.55
N LYS A 17 -9.02 -8.72 1.82
CA LYS A 17 -7.59 -8.91 1.91
C LYS A 17 -6.99 -8.10 3.03
N GLY A 18 -6.15 -8.75 3.82
CA GLY A 18 -5.49 -8.10 4.92
C GLY A 18 -3.99 -8.23 4.81
N SER A 19 -3.27 -7.60 5.71
CA SER A 19 -1.82 -7.63 5.65
C SER A 19 -1.21 -8.06 6.97
N ARG A 20 -0.12 -8.81 6.88
CA ARG A 20 0.62 -9.25 8.04
C ARG A 20 1.72 -8.28 8.40
N ALA A 21 1.69 -7.81 9.63
CA ALA A 21 2.65 -6.85 10.15
C ALA A 21 2.21 -6.49 11.57
N PRO A 22 3.08 -5.89 12.41
CA PRO A 22 2.76 -5.67 13.81
C PRO A 22 1.70 -4.59 13.97
N THR A 23 0.62 -4.94 14.67
CA THR A 23 -0.40 -3.97 14.98
C THR A 23 0.13 -2.98 16.00
N ILE A 24 0.44 -1.78 15.52
CA ILE A 24 0.99 -0.75 16.34
C ILE A 24 -0.02 -0.25 17.36
N GLY A 25 0.34 -0.34 18.63
CA GLY A 25 -0.56 0.09 19.68
C GLY A 25 -1.79 -0.79 19.80
N GLU A 26 -2.95 -0.17 19.68
CA GLU A 26 -4.22 -0.89 19.77
C GLU A 26 -5.08 -0.54 18.56
N PRO A 27 -5.91 -1.50 18.08
CA PRO A 27 -6.78 -1.27 16.93
C PRO A 27 -7.99 -0.42 17.29
N VAL A 28 -8.59 0.15 16.26
CA VAL A 28 -9.74 1.04 16.45
C VAL A 28 -10.98 0.40 15.86
N PRO A 29 -11.88 -0.11 16.70
CA PRO A 29 -13.10 -0.74 16.23
C PRO A 29 -14.19 0.28 15.96
N ASP A 30 -15.15 -0.11 15.12
CA ASP A 30 -16.28 0.75 14.79
C ASP A 30 -15.80 2.06 14.15
N VAL A 31 -14.94 1.93 13.15
CA VAL A 31 -14.37 3.08 12.48
C VAL A 31 -14.46 2.92 10.98
N SER A 32 -14.35 4.02 10.27
CA SER A 32 -14.43 4.01 8.84
C SER A 32 -13.05 3.78 8.24
N LEU A 33 -12.98 3.55 6.93
CA LEU A 33 -11.68 3.39 6.26
C LEU A 33 -10.95 4.71 6.37
N GLU A 34 -11.71 5.77 6.20
CA GLU A 34 -11.18 7.12 6.23
C GLU A 34 -10.73 7.48 7.63
N GLN A 35 -11.49 7.02 8.62
CA GLN A 35 -11.15 7.25 10.02
C GLN A 35 -9.94 6.42 10.41
N CYS A 36 -9.86 5.20 9.88
CA CYS A 36 -8.72 4.35 10.14
C CYS A 36 -7.49 4.87 9.41
N ALA A 37 -7.71 5.47 8.25
CA ALA A 37 -6.64 6.08 7.50
C ALA A 37 -6.10 7.28 8.28
N ALA A 38 -6.98 7.94 9.02
CA ALA A 38 -6.61 9.02 9.90
C ALA A 38 -5.86 8.48 11.11
N GLN A 39 -6.15 7.23 11.44
CA GLN A 39 -5.54 6.54 12.57
C GLN A 39 -4.05 6.29 12.30
N CYS A 40 -3.73 5.85 11.10
CA CYS A 40 -2.35 5.60 10.73
C CYS A 40 -1.59 6.92 10.63
N LYS A 41 -2.33 7.99 10.42
CA LYS A 41 -1.74 9.31 10.39
C LYS A 41 -1.58 9.85 11.81
N ALA A 42 -2.30 9.24 12.76
CA ALA A 42 -2.21 9.63 14.15
C ALA A 42 -1.09 8.90 14.86
N VAL A 43 -0.82 7.67 14.43
CA VAL A 43 0.23 6.86 15.04
C VAL A 43 1.54 6.99 14.28
N ASP A 44 2.60 7.32 15.00
CA ASP A 44 3.92 7.43 14.41
C ASP A 44 4.55 6.05 14.31
N GLY A 45 5.02 5.72 13.12
CA GLY A 45 5.63 4.44 12.90
C GLY A 45 4.75 3.54 12.05
N CYS A 46 3.76 4.13 11.39
CA CYS A 46 2.78 3.35 10.65
C CYS A 46 2.93 3.59 9.16
N THR A 47 2.98 2.51 8.40
CA THR A 47 3.14 2.60 6.96
C THR A 47 1.85 2.21 6.28
N HIS A 48 1.12 1.30 6.90
CA HIS A 48 -0.14 0.83 6.34
C HIS A 48 -1.04 0.33 7.44
N PHE A 49 -2.25 0.02 7.07
CA PHE A 49 -3.27 -0.35 8.03
C PHE A 49 -4.13 -1.46 7.47
N THR A 50 -5.05 -1.92 8.30
CA THR A 50 -5.99 -2.94 7.91
C THR A 50 -7.34 -2.67 8.55
N TYR A 51 -8.26 -2.09 7.77
CA TYR A 51 -9.59 -1.85 8.26
C TYR A 51 -10.43 -3.08 8.03
N ASN A 52 -10.78 -3.75 9.10
CA ASN A 52 -11.61 -4.92 8.99
C ASN A 52 -13.03 -4.46 8.72
N ASP A 53 -13.56 -4.79 7.56
CA ASP A 53 -14.90 -4.37 7.19
C ASP A 53 -15.95 -5.15 7.95
N ASP A 54 -15.55 -6.31 8.45
CA ASP A 54 -16.44 -7.17 9.23
C ASP A 54 -16.58 -6.66 10.66
N SER A 55 -15.44 -6.31 11.27
CA SER A 55 -15.41 -5.90 12.66
C SER A 55 -15.17 -4.41 12.79
N LYS A 56 -15.21 -3.73 11.64
CA LYS A 56 -14.96 -2.31 11.54
C LYS A 56 -13.75 -1.86 12.37
N MET A 57 -12.77 -2.75 12.49
CA MET A 57 -11.63 -2.49 13.35
C MET A 57 -10.42 -2.07 12.53
N CYS A 58 -9.72 -1.07 13.02
CA CYS A 58 -8.56 -0.55 12.32
C CYS A 58 -7.28 -1.06 12.92
N HIS A 59 -6.57 -1.89 12.17
CA HIS A 59 -5.28 -2.39 12.60
C HIS A 59 -4.15 -1.63 11.91
N VAL A 60 -3.62 -0.62 12.59
CA VAL A 60 -2.47 0.12 12.09
C VAL A 60 -1.23 -0.75 12.23
N LYS A 61 -0.44 -0.82 11.17
CA LYS A 61 0.69 -1.73 11.18
C LYS A 61 1.96 -1.07 10.70
N GLU A 62 3.05 -1.80 10.85
CA GLU A 62 4.38 -1.27 10.60
C GLU A 62 4.84 -1.62 9.20
N GLY A 63 5.96 -1.03 8.80
CA GLY A 63 6.46 -1.10 7.43
C GLY A 63 6.29 -2.42 6.71
N LYS A 64 5.92 -2.30 5.43
CA LYS A 64 5.74 -3.43 4.53
C LYS A 64 4.49 -4.25 4.84
N PRO A 65 3.58 -4.30 3.87
CA PRO A 65 2.38 -5.10 3.95
C PRO A 65 2.64 -6.55 3.58
N ASP A 66 1.63 -7.38 3.73
CA ASP A 66 1.78 -8.80 3.53
C ASP A 66 0.40 -9.40 3.32
N LEU A 67 -0.14 -9.18 2.14
CA LEU A 67 -1.51 -9.52 1.83
C LEU A 67 -1.82 -11.00 1.92
N TYR A 68 -2.93 -11.27 2.57
CA TYR A 68 -3.46 -12.63 2.72
C TYR A 68 -4.98 -12.54 2.72
N ASP A 69 -5.64 -13.65 2.44
CA ASP A 69 -7.10 -13.68 2.38
C ASP A 69 -7.70 -13.43 3.75
N LEU A 70 -8.17 -12.21 3.95
CA LEU A 70 -8.74 -11.79 5.22
C LEU A 70 -10.22 -11.52 5.04
N THR A 71 -11.06 -12.23 5.78
CA THR A 71 -12.50 -12.05 5.68
C THR A 71 -12.92 -10.62 6.02
N GLY A 72 -13.52 -9.94 5.05
CA GLY A 72 -13.87 -8.55 5.24
C GLY A 72 -12.64 -7.68 5.37
N GLY A 73 -11.51 -8.24 4.97
CA GLY A 73 -10.26 -7.53 5.08
C GLY A 73 -10.13 -6.41 4.08
N LYS A 74 -9.75 -5.25 4.59
CA LYS A 74 -9.49 -4.11 3.76
C LYS A 74 -8.15 -3.47 4.16
N THR A 75 -7.13 -3.75 3.37
CA THR A 75 -5.80 -3.23 3.61
C THR A 75 -5.39 -2.25 2.52
N ALA A 76 -4.58 -1.27 2.89
CA ALA A 76 -4.03 -0.31 1.97
C ALA A 76 -2.87 0.42 2.63
N SER A 77 -2.24 1.31 1.89
CA SER A 77 -1.16 2.13 2.43
C SER A 77 -1.72 3.39 3.05
N ARG A 78 -0.96 3.96 3.98
CA ARG A 78 -1.34 5.20 4.65
C ARG A 78 -1.51 6.34 3.64
N SER A 79 -0.88 6.20 2.49
CA SER A 79 -1.00 7.18 1.43
C SER A 79 -1.64 6.53 0.21
N CYS A 80 -2.89 6.89 -0.07
CA CYS A 80 -3.58 6.39 -1.24
C CYS A 80 -3.23 7.22 -2.47
N ASP A 81 -2.68 8.40 -2.20
CA ASP A 81 -2.30 9.33 -3.26
C ASP A 81 -1.29 8.71 -4.20
N ARG A 82 -1.46 8.95 -5.49
CA ARG A 82 -0.61 8.36 -6.51
C ARG A 82 0.15 9.43 -7.29
N SER A 83 0.27 10.61 -6.70
CA SER A 83 0.86 11.75 -7.41
C SER A 83 2.38 11.60 -7.56
N CYS A 84 2.97 10.71 -6.78
CA CYS A 84 4.41 10.49 -6.87
C CYS A 84 4.72 9.29 -7.76
N PHE A 85 3.66 8.69 -8.31
CA PHE A 85 3.82 7.51 -9.15
C PHE A 85 3.99 7.90 -10.62
N GLU A 86 4.52 6.97 -11.39
CA GLU A 86 4.64 7.10 -12.83
C GLU A 86 3.77 6.03 -13.48
N GLN A 87 2.70 6.43 -14.14
CA GLN A 87 1.84 5.47 -14.82
C GLN A 87 2.39 5.14 -16.20
N HIS A 88 2.08 3.92 -16.64
CA HIS A 88 2.51 3.40 -17.94
C HIS A 88 4.02 3.24 -18.02
N VAL A 89 4.59 2.66 -16.99
CA VAL A 89 6.02 2.42 -16.97
C VAL A 89 6.35 1.32 -15.97
N SER A 90 7.16 0.39 -16.39
CA SER A 90 7.47 -0.78 -15.60
C SER A 90 8.96 -0.92 -15.39
N TYR A 91 9.36 -1.24 -14.18
CA TYR A 91 10.72 -1.63 -13.91
C TYR A 91 10.72 -3.11 -13.55
N GLU A 92 11.42 -3.94 -14.34
CA GLU A 92 11.41 -5.37 -14.12
C GLU A 92 12.80 -5.95 -14.25
N GLY A 93 13.54 -5.48 -15.23
CA GLY A 93 14.92 -5.91 -15.40
C GLY A 93 15.78 -5.53 -14.21
N ALA A 94 15.32 -4.53 -13.45
CA ALA A 94 16.01 -4.08 -12.26
C ALA A 94 16.00 -5.17 -11.19
N PRO A 95 17.12 -5.34 -10.49
CA PRO A 95 17.23 -6.31 -9.38
C PRO A 95 16.12 -6.09 -8.36
N ASP A 96 15.32 -7.13 -8.15
CA ASP A 96 14.23 -7.05 -7.20
C ASP A 96 14.77 -7.00 -5.79
N VAL A 97 14.20 -6.12 -5.00
CA VAL A 97 14.67 -5.91 -3.65
C VAL A 97 13.68 -6.48 -2.64
N MET A 98 12.49 -6.80 -3.12
CA MET A 98 11.43 -7.35 -2.26
C MET A 98 10.61 -8.37 -3.03
N THR A 99 9.82 -9.13 -2.30
CA THR A 99 8.91 -10.10 -2.89
C THR A 99 7.67 -9.39 -3.45
N ALA A 100 7.33 -9.70 -4.69
CA ALA A 100 6.18 -9.10 -5.36
C ALA A 100 4.90 -9.36 -4.59
N MET A 101 3.91 -8.52 -4.81
CA MET A 101 2.65 -8.63 -4.10
C MET A 101 1.49 -8.59 -5.09
N VAL A 102 0.37 -9.13 -4.69
CA VAL A 102 -0.85 -9.06 -5.49
C VAL A 102 -1.90 -8.25 -4.75
N THR A 103 -2.23 -7.09 -5.30
CA THR A 103 -3.10 -6.13 -4.63
C THR A 103 -3.90 -5.35 -5.65
N SER A 104 -4.95 -4.67 -5.19
CA SER A 104 -5.81 -3.91 -6.10
C SER A 104 -5.47 -2.42 -6.08
N GLN A 105 -4.37 -2.05 -5.43
CA GLN A 105 -3.94 -0.66 -5.36
C GLN A 105 -2.43 -0.55 -5.35
N SER A 106 -1.92 0.47 -6.03
CA SER A 106 -0.49 0.76 -6.04
C SER A 106 -0.04 1.18 -4.65
N ALA A 107 -1.01 1.55 -3.81
CA ALA A 107 -0.76 1.95 -2.44
C ALA A 107 0.02 0.90 -1.66
N ASP A 108 -0.41 -0.37 -1.79
CA ASP A 108 0.21 -1.44 -1.02
C ASP A 108 1.70 -1.56 -1.35
N CYS A 109 2.02 -1.50 -2.63
CA CYS A 109 3.42 -1.55 -3.06
C CYS A 109 4.17 -0.31 -2.61
N GLN A 110 3.44 0.79 -2.45
CA GLN A 110 4.02 2.05 -1.99
C GLN A 110 4.55 1.89 -0.58
N ALA A 111 3.68 1.52 0.34
CA ALA A 111 4.06 1.33 1.73
C ALA A 111 5.09 0.23 1.88
N ALA A 112 5.05 -0.75 0.98
CA ALA A 112 6.03 -1.81 0.97
C ALA A 112 7.43 -1.28 0.73
N CYS A 113 7.61 -0.61 -0.39
CA CYS A 113 8.93 -0.18 -0.81
C CYS A 113 9.40 1.02 0.00
N ALA A 114 8.46 1.91 0.33
CA ALA A 114 8.80 3.11 1.07
C ALA A 114 9.25 2.78 2.49
N ALA A 115 8.92 1.60 2.96
CA ALA A 115 9.27 1.19 4.30
C ALA A 115 10.63 0.50 4.33
N ASP A 116 10.98 -0.16 3.24
CA ASP A 116 12.21 -0.93 3.20
C ASP A 116 13.39 -0.05 2.82
N PRO A 117 14.50 -0.17 3.55
CA PRO A 117 15.67 0.68 3.36
C PRO A 117 16.52 0.24 2.17
N SER A 118 16.24 -0.95 1.67
CA SER A 118 16.97 -1.49 0.54
C SER A 118 16.11 -1.34 -0.72
N CYS A 119 14.91 -0.81 -0.54
CA CYS A 119 13.98 -0.66 -1.63
C CYS A 119 13.94 0.79 -2.09
N GLU A 120 14.05 0.97 -3.38
CA GLU A 120 14.07 2.29 -3.98
C GLU A 120 12.74 2.56 -4.65
N ILE A 121 12.41 1.72 -5.62
CA ILE A 121 11.24 1.94 -6.45
C ILE A 121 10.34 0.71 -6.50
N PHE A 122 9.21 0.84 -7.16
CA PHE A 122 8.26 -0.27 -7.32
C PHE A 122 7.40 -0.05 -8.55
N THR A 123 6.65 -1.08 -8.92
CA THR A 123 5.68 -0.97 -10.01
C THR A 123 4.46 -1.84 -9.72
N TYR A 124 3.30 -1.33 -10.06
CA TYR A 124 2.06 -2.01 -9.85
C TYR A 124 1.36 -2.30 -11.17
N ASN A 125 1.26 -3.57 -11.50
CA ASN A 125 0.49 -4.01 -12.64
C ASN A 125 -0.98 -3.84 -12.34
N GLU A 126 -1.58 -2.84 -12.97
CA GLU A 126 -2.98 -2.52 -12.77
C GLU A 126 -3.85 -3.57 -13.46
N HIS A 127 -3.21 -4.35 -14.31
CA HIS A 127 -3.87 -5.43 -15.03
C HIS A 127 -3.88 -6.70 -14.20
N ASP A 128 -2.69 -7.15 -13.84
CA ASP A 128 -2.53 -8.40 -13.11
C ASP A 128 -2.81 -8.22 -11.63
N GLN A 129 -3.06 -6.97 -11.25
CA GLN A 129 -3.27 -6.60 -9.86
C GLN A 129 -2.05 -6.99 -9.04
N LYS A 130 -0.88 -6.55 -9.49
CA LYS A 130 0.37 -7.04 -8.92
C LYS A 130 1.36 -5.92 -8.66
N CYS A 131 2.25 -6.13 -7.70
CA CYS A 131 3.32 -5.18 -7.40
C CYS A 131 4.66 -5.85 -7.64
N THR A 132 5.64 -5.06 -8.00
CA THR A 132 7.02 -5.50 -8.09
C THR A 132 7.93 -4.46 -7.43
N PHE A 133 8.99 -4.92 -6.78
CA PHE A 133 9.86 -4.01 -6.05
C PHE A 133 11.29 -4.11 -6.53
N LYS A 134 11.85 -2.99 -6.94
CA LYS A 134 13.15 -2.94 -7.57
C LYS A 134 13.98 -1.83 -6.95
N GLY A 135 15.28 -2.02 -6.91
CA GLY A 135 16.14 -1.03 -6.29
C GLY A 135 16.96 -0.26 -7.30
N ARG A 136 18.20 0.06 -6.91
CA ARG A 136 19.08 0.89 -7.73
C ARG A 136 19.38 0.24 -9.07
N GLY A 137 19.57 1.08 -10.08
CA GLY A 137 19.77 0.60 -11.44
C GLY A 137 18.47 0.52 -12.20
N PHE A 138 17.40 0.90 -11.52
CA PHE A 138 16.05 0.81 -12.07
C PHE A 138 15.89 1.66 -13.33
N SER A 139 16.60 2.79 -13.41
CA SER A 139 16.46 3.69 -14.55
C SER A 139 17.01 3.06 -15.83
N ALA A 140 17.95 2.15 -15.67
CA ALA A 140 18.54 1.46 -16.81
C ALA A 140 17.60 0.38 -17.31
N PHE A 141 16.74 -0.08 -16.43
CA PHE A 141 15.79 -1.11 -16.74
C PHE A 141 14.38 -0.54 -16.73
N LYS A 142 14.30 0.72 -17.09
CA LYS A 142 13.03 1.43 -17.10
C LYS A 142 12.29 1.23 -18.42
N GLU A 143 11.05 0.77 -18.30
CA GLU A 143 10.21 0.49 -19.46
C GLU A 143 9.08 1.50 -19.52
N ARG A 144 9.12 2.42 -20.46
CA ARG A 144 8.09 3.45 -20.56
C ARG A 144 7.06 3.06 -21.63
N GLY A 145 5.80 3.42 -21.36
CA GLY A 145 4.75 3.15 -22.32
C GLY A 145 4.12 1.80 -22.09
N VAL A 146 4.12 1.39 -20.83
CA VAL A 146 3.60 0.08 -20.45
C VAL A 146 2.16 0.20 -19.95
N LEU A 147 1.22 -0.31 -20.72
CA LEU A 147 -0.17 -0.24 -20.34
C LEU A 147 -0.47 -1.20 -19.20
N GLY A 148 -1.17 -0.70 -18.20
CA GLY A 148 -1.57 -1.53 -17.10
C GLY A 148 -0.53 -1.63 -16.03
N VAL A 149 0.31 -0.62 -15.90
CA VAL A 149 1.26 -0.57 -14.81
C VAL A 149 1.41 0.83 -14.27
N THR A 150 1.76 0.89 -13.01
CA THR A 150 2.01 2.13 -12.31
C THR A 150 3.25 1.99 -11.45
N SER A 151 4.25 2.79 -11.69
CA SER A 151 5.48 2.68 -10.94
C SER A 151 5.60 3.79 -9.92
N GLY A 152 6.40 3.58 -8.91
CA GLY A 152 6.63 4.61 -7.93
C GLY A 152 8.08 4.69 -7.57
N PRO A 153 8.77 5.74 -8.02
CA PRO A 153 10.19 5.94 -7.74
C PRO A 153 10.43 6.64 -6.42
N LYS A 154 9.40 6.69 -5.57
CA LYS A 154 9.50 7.44 -4.32
C LYS A 154 8.71 6.76 -3.20
N GLN A 155 8.62 7.48 -2.07
CA GLN A 155 7.95 6.98 -0.88
C GLN A 155 6.44 7.19 -0.97
N PHE A 156 5.81 7.17 0.19
CA PHE A 156 4.41 7.59 0.32
C PHE A 156 4.25 8.96 -0.33
N CYS A 157 3.44 9.03 -1.39
CA CYS A 157 3.35 10.23 -2.23
C CYS A 157 3.03 11.50 -1.44
N ASP A 158 2.39 11.37 -0.30
CA ASP A 158 2.02 12.54 0.49
C ASP A 158 2.63 12.49 1.88
N GLU A 159 3.22 11.35 2.24
CA GLU A 159 3.72 11.14 3.59
C GLU A 159 5.26 11.09 3.63
N GLY A 160 5.90 11.19 2.48
CA GLY A 160 7.36 11.07 2.45
C GLY A 160 7.97 11.39 1.10
N GLY A 161 7.33 10.92 0.04
CA GLY A 161 7.85 11.13 -1.30
C GLY A 161 7.49 12.50 -1.83
N SER A 1 -18.40 11.95 18.74
CA SER A 1 -17.19 11.65 17.96
C SER A 1 -17.56 11.27 16.54
N SER A 2 -16.73 11.68 15.58
CA SER A 2 -16.99 11.40 14.18
C SER A 2 -16.50 10.00 13.83
N GLU A 3 -17.19 8.99 14.32
CA GLU A 3 -16.82 7.60 14.06
C GLU A 3 -17.96 6.86 13.38
N PRO A 4 -18.04 6.95 12.05
CA PRO A 4 -19.10 6.31 11.27
C PRO A 4 -18.68 4.94 10.74
N ALA A 5 -19.52 4.38 9.88
CA ALA A 5 -19.26 3.10 9.24
C ALA A 5 -18.14 3.22 8.23
N LYS A 6 -17.52 2.09 7.89
CA LYS A 6 -16.48 2.03 6.86
C LYS A 6 -16.89 2.82 5.61
N LEU A 7 -16.30 4.00 5.43
CA LEU A 7 -16.60 4.82 4.25
C LEU A 7 -15.57 4.56 3.16
N ASP A 8 -16.03 4.38 1.93
CA ASP A 8 -15.16 4.06 0.79
C ASP A 8 -14.00 5.04 0.66
N LEU A 9 -12.79 4.49 0.65
CA LEU A 9 -11.58 5.30 0.58
C LEU A 9 -11.06 5.35 -0.85
N SER A 10 -9.87 5.90 -1.03
CA SER A 10 -9.24 5.93 -2.34
C SER A 10 -8.52 4.60 -2.60
N CYS A 11 -7.76 4.14 -1.61
CA CYS A 11 -7.08 2.86 -1.73
C CYS A 11 -7.63 1.88 -0.71
N VAL A 12 -8.28 0.84 -1.19
CA VAL A 12 -8.73 -0.25 -0.34
C VAL A 12 -8.94 -1.52 -1.15
N HIS A 13 -8.34 -2.61 -0.68
CA HIS A 13 -8.50 -3.92 -1.31
C HIS A 13 -9.95 -4.20 -1.67
N SER A 14 -10.84 -4.16 -0.66
CA SER A 14 -12.29 -4.39 -0.85
C SER A 14 -12.57 -5.71 -1.59
N ASP A 15 -11.66 -6.67 -1.47
CA ASP A 15 -11.88 -8.01 -1.97
C ASP A 15 -11.61 -9.01 -0.85
N ASN A 16 -11.68 -8.49 0.37
CA ASN A 16 -11.42 -9.25 1.58
C ASN A 16 -9.94 -9.65 1.66
N LYS A 17 -9.12 -8.70 2.12
CA LYS A 17 -7.68 -8.91 2.25
C LYS A 17 -7.13 -8.23 3.47
N GLY A 18 -6.10 -8.84 4.04
CA GLY A 18 -5.43 -8.26 5.18
C GLY A 18 -3.93 -8.33 5.04
N SER A 19 -3.20 -7.94 6.06
CA SER A 19 -1.75 -7.97 5.98
C SER A 19 -1.15 -8.53 7.25
N ARG A 20 0.05 -9.02 7.11
CA ARG A 20 0.81 -9.51 8.23
C ARG A 20 1.88 -8.49 8.54
N ALA A 21 1.87 -8.00 9.76
CA ALA A 21 2.71 -6.90 10.19
C ALA A 21 2.24 -6.49 11.58
N PRO A 22 3.12 -5.91 12.40
CA PRO A 22 2.81 -5.65 13.81
C PRO A 22 1.71 -4.63 13.96
N THR A 23 0.61 -5.02 14.58
CA THR A 23 -0.44 -4.08 14.88
C THR A 23 0.06 -3.08 15.91
N ILE A 24 0.34 -1.89 15.44
CA ILE A 24 0.88 -0.84 16.28
C ILE A 24 -0.16 -0.34 17.27
N GLY A 25 0.16 -0.44 18.55
CA GLY A 25 -0.77 -0.01 19.58
C GLY A 25 -2.01 -0.89 19.63
N GLU A 26 -3.16 -0.27 19.80
CA GLU A 26 -4.43 -1.00 19.82
C GLU A 26 -5.26 -0.63 18.60
N PRO A 27 -6.07 -1.58 18.09
CA PRO A 27 -6.92 -1.33 16.94
C PRO A 27 -8.14 -0.50 17.31
N VAL A 28 -8.63 0.24 16.33
CA VAL A 28 -9.74 1.14 16.52
C VAL A 28 -11.01 0.53 15.94
N PRO A 29 -11.92 0.06 16.78
CA PRO A 29 -13.15 -0.56 16.31
C PRO A 29 -14.24 0.45 16.01
N ASP A 30 -15.12 0.07 15.10
CA ASP A 30 -16.26 0.90 14.72
C ASP A 30 -15.77 2.23 14.15
N VAL A 31 -14.87 2.13 13.18
CA VAL A 31 -14.29 3.31 12.54
C VAL A 31 -14.34 3.17 11.04
N SER A 32 -14.27 4.29 10.37
CA SER A 32 -14.36 4.33 8.93
C SER A 32 -13.00 4.03 8.31
N LEU A 33 -12.97 3.79 7.00
CA LEU A 33 -11.70 3.61 6.32
C LEU A 33 -10.93 4.90 6.41
N GLU A 34 -11.67 5.98 6.26
CA GLU A 34 -11.11 7.32 6.27
C GLU A 34 -10.61 7.68 7.66
N GLN A 35 -11.25 7.12 8.68
CA GLN A 35 -10.83 7.34 10.05
C GLN A 35 -9.61 6.49 10.37
N CYS A 36 -9.63 5.25 9.90
CA CYS A 36 -8.51 4.36 10.14
C CYS A 36 -7.28 4.81 9.36
N ALA A 37 -7.54 5.42 8.20
CA ALA A 37 -6.47 6.02 7.43
C ALA A 37 -5.83 7.16 8.21
N ALA A 38 -6.67 7.90 8.92
CA ALA A 38 -6.21 8.98 9.77
C ALA A 38 -5.49 8.42 11.00
N GLN A 39 -5.92 7.24 11.41
CA GLN A 39 -5.32 6.53 12.55
C GLN A 39 -3.85 6.21 12.27
N CYS A 40 -3.57 5.72 11.08
CA CYS A 40 -2.22 5.38 10.69
C CYS A 40 -1.37 6.65 10.55
N LYS A 41 -2.04 7.77 10.36
CA LYS A 41 -1.36 9.05 10.32
C LYS A 41 -1.16 9.60 11.73
N ALA A 42 -2.00 9.14 12.65
CA ALA A 42 -1.89 9.55 14.05
C ALA A 42 -0.75 8.80 14.74
N VAL A 43 -0.54 7.56 14.34
CA VAL A 43 0.54 6.76 14.93
C VAL A 43 1.75 6.73 14.00
N ASP A 44 2.88 7.21 14.49
CA ASP A 44 4.11 7.19 13.71
C ASP A 44 4.76 5.83 13.79
N GLY A 45 5.19 5.35 12.64
CA GLY A 45 5.72 4.02 12.55
C GLY A 45 4.78 3.11 11.78
N CYS A 46 3.78 3.71 11.16
CA CYS A 46 2.77 2.97 10.43
C CYS A 46 2.89 3.26 8.94
N THR A 47 2.91 2.21 8.14
CA THR A 47 3.01 2.39 6.71
C THR A 47 1.73 1.97 6.02
N HIS A 48 1.00 1.08 6.67
CA HIS A 48 -0.24 0.57 6.12
C HIS A 48 -1.14 0.09 7.23
N PHE A 49 -2.42 -0.02 6.92
CA PHE A 49 -3.41 -0.39 7.91
C PHE A 49 -4.29 -1.51 7.37
N THR A 50 -5.08 -2.07 8.26
CA THR A 50 -6.04 -3.07 7.89
C THR A 50 -7.39 -2.75 8.51
N TYR A 51 -8.32 -2.31 7.69
CA TYR A 51 -9.67 -2.11 8.15
C TYR A 51 -10.40 -3.42 8.07
N ASN A 52 -10.97 -3.81 9.17
CA ASN A 52 -11.85 -4.94 9.12
C ASN A 52 -13.25 -4.42 8.86
N ASP A 53 -13.78 -4.68 7.69
CA ASP A 53 -15.10 -4.21 7.31
C ASP A 53 -16.17 -4.91 8.16
N ASP A 54 -15.84 -6.10 8.63
CA ASP A 54 -16.76 -6.89 9.45
C ASP A 54 -16.82 -6.34 10.88
N SER A 55 -15.65 -6.16 11.50
CA SER A 55 -15.57 -5.71 12.89
C SER A 55 -15.36 -4.20 12.95
N LYS A 56 -15.35 -3.58 11.78
CA LYS A 56 -15.06 -2.16 11.62
C LYS A 56 -13.85 -1.72 12.41
N MET A 57 -12.89 -2.63 12.58
CA MET A 57 -11.73 -2.37 13.42
C MET A 57 -10.54 -1.96 12.59
N CYS A 58 -9.76 -1.04 13.10
CA CYS A 58 -8.60 -0.53 12.41
C CYS A 58 -7.32 -1.10 12.98
N HIS A 59 -6.67 -1.95 12.20
CA HIS A 59 -5.38 -2.49 12.59
C HIS A 59 -4.25 -1.73 11.88
N VAL A 60 -3.70 -0.73 12.55
CA VAL A 60 -2.53 -0.03 12.03
C VAL A 60 -1.32 -0.94 12.12
N LYS A 61 -0.56 -1.03 11.04
CA LYS A 61 0.54 -1.97 10.98
C LYS A 61 1.82 -1.30 10.52
N GLU A 62 2.93 -1.99 10.72
CA GLU A 62 4.24 -1.44 10.46
C GLU A 62 4.73 -1.82 9.07
N GLY A 63 5.83 -1.20 8.68
CA GLY A 63 6.32 -1.21 7.31
C GLY A 63 6.20 -2.53 6.55
N LYS A 64 5.97 -2.36 5.25
CA LYS A 64 5.79 -3.46 4.30
C LYS A 64 4.56 -4.32 4.58
N PRO A 65 3.64 -4.35 3.61
CA PRO A 65 2.45 -5.17 3.69
C PRO A 65 2.70 -6.61 3.30
N ASP A 66 1.88 -7.48 3.82
CA ASP A 66 2.00 -8.91 3.62
C ASP A 66 0.60 -9.48 3.47
N LEU A 67 0.07 -9.36 2.27
CA LEU A 67 -1.33 -9.60 2.00
C LEU A 67 -1.74 -11.07 2.07
N TYR A 68 -2.89 -11.28 2.68
CA TYR A 68 -3.50 -12.60 2.80
C TYR A 68 -5.02 -12.47 2.73
N ASP A 69 -5.69 -13.60 2.53
CA ASP A 69 -7.15 -13.64 2.48
C ASP A 69 -7.75 -13.32 3.85
N LEU A 70 -8.52 -12.25 3.89
CA LEU A 70 -9.14 -11.79 5.13
C LEU A 70 -10.59 -11.43 4.87
N THR A 71 -11.52 -12.27 5.28
CA THR A 71 -12.93 -12.04 5.03
C THR A 71 -13.39 -10.72 5.64
N GLY A 72 -13.87 -9.83 4.78
CA GLY A 72 -14.26 -8.50 5.24
C GLY A 72 -13.05 -7.63 5.46
N GLY A 73 -11.90 -8.15 5.08
CA GLY A 73 -10.67 -7.45 5.23
C GLY A 73 -10.49 -6.38 4.19
N LYS A 74 -10.15 -5.20 4.64
CA LYS A 74 -9.85 -4.10 3.76
C LYS A 74 -8.51 -3.49 4.16
N THR A 75 -7.48 -3.86 3.45
CA THR A 75 -6.14 -3.37 3.74
C THR A 75 -5.68 -2.42 2.64
N ALA A 76 -4.83 -1.47 3.00
CA ALA A 76 -4.23 -0.55 2.06
C ALA A 76 -3.10 0.22 2.72
N SER A 77 -2.44 1.05 1.95
CA SER A 77 -1.35 1.87 2.43
C SER A 77 -1.86 3.17 3.04
N ARG A 78 -1.07 3.74 3.93
CA ARG A 78 -1.42 4.98 4.64
C ARG A 78 -1.63 6.14 3.68
N SER A 79 -1.09 6.01 2.48
CA SER A 79 -1.31 6.96 1.43
C SER A 79 -1.92 6.29 0.21
N CYS A 80 -3.01 6.83 -0.29
CA CYS A 80 -3.66 6.28 -1.47
C CYS A 80 -3.36 7.15 -2.68
N ASP A 81 -2.73 8.31 -2.42
CA ASP A 81 -2.37 9.24 -3.46
C ASP A 81 -1.40 8.62 -4.46
N ARG A 82 -1.52 9.00 -5.71
CA ARG A 82 -0.62 8.53 -6.76
C ARG A 82 0.16 9.70 -7.35
N SER A 83 0.17 10.82 -6.63
CA SER A 83 0.80 12.05 -7.10
C SER A 83 2.30 11.90 -7.33
N CYS A 84 2.91 10.90 -6.71
CA CYS A 84 4.35 10.70 -6.83
C CYS A 84 4.66 9.52 -7.75
N PHE A 85 3.61 8.90 -8.28
CA PHE A 85 3.76 7.72 -9.12
C PHE A 85 3.98 8.10 -10.59
N GLU A 86 4.46 7.13 -11.34
CA GLU A 86 4.59 7.23 -12.77
C GLU A 86 3.77 6.12 -13.41
N GLN A 87 2.65 6.46 -14.04
CA GLN A 87 1.82 5.45 -14.66
C GLN A 87 2.33 5.11 -16.06
N HIS A 88 2.00 3.90 -16.50
CA HIS A 88 2.38 3.40 -17.81
C HIS A 88 3.88 3.25 -17.95
N VAL A 89 4.51 2.72 -16.93
CA VAL A 89 5.94 2.51 -16.94
C VAL A 89 6.31 1.42 -15.96
N SER A 90 7.12 0.50 -16.42
CA SER A 90 7.48 -0.66 -15.64
C SER A 90 8.99 -0.77 -15.47
N TYR A 91 9.43 -1.02 -14.26
CA TYR A 91 10.81 -1.37 -14.02
C TYR A 91 10.88 -2.83 -13.66
N GLU A 92 11.62 -3.62 -14.43
CA GLU A 92 11.64 -5.07 -14.22
C GLU A 92 13.06 -5.61 -14.29
N GLY A 93 13.82 -5.19 -15.29
CA GLY A 93 15.20 -5.64 -15.41
C GLY A 93 16.05 -5.23 -14.22
N ALA A 94 15.59 -4.19 -13.52
CA ALA A 94 16.26 -3.72 -12.32
C ALA A 94 16.26 -4.81 -11.25
N PRO A 95 17.43 -5.09 -10.66
CA PRO A 95 17.55 -6.07 -9.58
C PRO A 95 16.56 -5.79 -8.46
N ASP A 96 15.70 -6.76 -8.20
CA ASP A 96 14.64 -6.59 -7.21
C ASP A 96 15.23 -6.45 -5.83
N VAL A 97 14.52 -5.73 -4.99
CA VAL A 97 14.94 -5.52 -3.63
C VAL A 97 13.95 -6.18 -2.67
N MET A 98 12.78 -6.53 -3.19
CA MET A 98 11.74 -7.18 -2.40
C MET A 98 10.97 -8.19 -3.25
N THR A 99 10.22 -9.05 -2.58
CA THR A 99 9.34 -9.99 -3.23
C THR A 99 8.08 -9.28 -3.71
N ALA A 100 7.66 -9.59 -4.94
CA ALA A 100 6.45 -8.99 -5.50
C ALA A 100 5.22 -9.34 -4.66
N MET A 101 4.20 -8.52 -4.78
CA MET A 101 3.00 -8.70 -4.00
C MET A 101 1.79 -8.61 -4.92
N VAL A 102 0.69 -9.19 -4.51
CA VAL A 102 -0.55 -9.13 -5.27
C VAL A 102 -1.59 -8.30 -4.53
N THR A 103 -1.97 -7.17 -5.12
CA THR A 103 -2.88 -6.22 -4.49
C THR A 103 -3.68 -5.48 -5.56
N SER A 104 -4.78 -4.83 -5.17
CA SER A 104 -5.61 -4.12 -6.14
C SER A 104 -5.34 -2.62 -6.12
N GLN A 105 -4.26 -2.22 -5.45
CA GLN A 105 -3.87 -0.82 -5.41
C GLN A 105 -2.35 -0.69 -5.40
N SER A 106 -1.86 0.33 -6.08
CA SER A 106 -0.44 0.62 -6.10
C SER A 106 -0.01 1.17 -4.76
N ALA A 107 -0.99 1.50 -3.92
CA ALA A 107 -0.73 2.00 -2.59
C ALA A 107 0.09 1.00 -1.77
N ASP A 108 -0.32 -0.27 -1.83
CA ASP A 108 0.33 -1.31 -1.06
C ASP A 108 1.81 -1.41 -1.43
N CYS A 109 2.10 -1.33 -2.72
CA CYS A 109 3.47 -1.39 -3.20
C CYS A 109 4.27 -0.17 -2.73
N GLN A 110 3.56 0.96 -2.59
CA GLN A 110 4.17 2.19 -2.12
C GLN A 110 4.61 2.05 -0.67
N ALA A 111 3.69 1.59 0.18
CA ALA A 111 3.99 1.39 1.59
C ALA A 111 5.03 0.29 1.77
N ALA A 112 5.04 -0.66 0.83
CA ALA A 112 6.05 -1.70 0.82
C ALA A 112 7.45 -1.12 0.63
N CYS A 113 7.63 -0.44 -0.48
CA CYS A 113 8.95 0.03 -0.87
C CYS A 113 9.40 1.19 0.00
N ALA A 114 8.48 2.08 0.36
CA ALA A 114 8.83 3.26 1.14
C ALA A 114 9.20 2.91 2.57
N ALA A 115 8.93 1.68 2.97
CA ALA A 115 9.23 1.24 4.32
C ALA A 115 10.58 0.55 4.40
N ASP A 116 11.02 -0.01 3.28
CA ASP A 116 12.24 -0.79 3.28
C ASP A 116 13.46 0.09 3.07
N PRO A 117 14.53 -0.17 3.83
CA PRO A 117 15.75 0.65 3.81
C PRO A 117 16.59 0.41 2.56
N SER A 118 16.24 -0.62 1.82
CA SER A 118 16.98 -0.99 0.63
C SER A 118 16.09 -0.93 -0.61
N CYS A 119 14.90 -0.35 -0.47
CA CYS A 119 14.00 -0.24 -1.60
C CYS A 119 13.92 1.20 -2.09
N GLU A 120 13.99 1.36 -3.41
CA GLU A 120 13.97 2.68 -4.02
C GLU A 120 12.67 2.91 -4.76
N ILE A 121 12.38 2.01 -5.69
CA ILE A 121 11.22 2.18 -6.54
C ILE A 121 10.35 0.92 -6.57
N PHE A 122 9.20 1.05 -7.21
CA PHE A 122 8.26 -0.05 -7.34
C PHE A 122 7.38 0.14 -8.58
N THR A 123 6.65 -0.90 -8.95
CA THR A 123 5.69 -0.83 -10.04
C THR A 123 4.52 -1.78 -9.80
N TYR A 124 3.33 -1.22 -9.84
CA TYR A 124 2.12 -1.98 -9.66
C TYR A 124 1.48 -2.31 -11.00
N ASN A 125 1.48 -3.59 -11.31
CA ASN A 125 0.78 -4.13 -12.45
C ASN A 125 -0.70 -4.11 -12.18
N GLU A 126 -1.40 -3.21 -12.83
CA GLU A 126 -2.82 -2.99 -12.60
C GLU A 126 -3.63 -4.06 -13.30
N HIS A 127 -2.98 -4.85 -14.15
CA HIS A 127 -3.64 -5.94 -14.82
C HIS A 127 -3.49 -7.21 -14.01
N ASP A 128 -2.24 -7.51 -13.66
CA ASP A 128 -1.92 -8.72 -12.91
C ASP A 128 -2.24 -8.53 -11.44
N GLN A 129 -2.58 -7.30 -11.07
CA GLN A 129 -2.88 -6.92 -9.70
C GLN A 129 -1.66 -7.19 -8.84
N LYS A 130 -0.51 -6.72 -9.30
CA LYS A 130 0.75 -7.17 -8.73
C LYS A 130 1.75 -6.03 -8.55
N CYS A 131 2.52 -6.11 -7.49
CA CYS A 131 3.56 -5.15 -7.22
C CYS A 131 4.91 -5.71 -7.67
N THR A 132 5.85 -4.84 -7.93
CA THR A 132 7.24 -5.24 -8.15
C THR A 132 8.15 -4.21 -7.48
N PHE A 133 9.23 -4.66 -6.87
CA PHE A 133 10.09 -3.75 -6.11
C PHE A 133 11.53 -3.84 -6.58
N LYS A 134 12.08 -2.71 -6.97
CA LYS A 134 13.39 -2.67 -7.61
C LYS A 134 14.25 -1.58 -7.00
N GLY A 135 15.56 -1.80 -7.00
CA GLY A 135 16.47 -0.84 -6.40
C GLY A 135 17.11 0.06 -7.43
N ARG A 136 18.30 0.56 -7.11
CA ARG A 136 19.00 1.49 -7.99
C ARG A 136 19.44 0.79 -9.27
N GLY A 137 19.51 1.57 -10.35
CA GLY A 137 19.76 1.01 -11.65
C GLY A 137 18.46 0.91 -12.43
N PHE A 138 17.38 1.31 -11.78
CA PHE A 138 16.04 1.23 -12.34
C PHE A 138 15.87 2.17 -13.52
N SER A 139 16.62 3.26 -13.54
CA SER A 139 16.49 4.27 -14.59
C SER A 139 16.86 3.69 -15.95
N ALA A 140 17.79 2.74 -15.97
CA ALA A 140 18.21 2.09 -17.20
C ALA A 140 17.20 1.04 -17.61
N PHE A 141 16.67 0.34 -16.62
CA PHE A 141 15.71 -0.73 -16.86
C PHE A 141 14.29 -0.19 -16.77
N LYS A 142 14.11 1.04 -17.23
CA LYS A 142 12.82 1.69 -17.22
C LYS A 142 12.08 1.49 -18.53
N GLU A 143 10.84 1.04 -18.44
CA GLU A 143 10.02 0.79 -19.62
C GLU A 143 8.86 1.78 -19.65
N ARG A 144 8.91 2.74 -20.55
CA ARG A 144 7.86 3.74 -20.65
C ARG A 144 6.83 3.35 -21.70
N GLY A 145 5.56 3.54 -21.37
CA GLY A 145 4.48 3.22 -22.29
C GLY A 145 3.92 1.84 -22.04
N VAL A 146 3.93 1.43 -20.78
CA VAL A 146 3.46 0.11 -20.41
C VAL A 146 2.03 0.17 -19.90
N LEU A 147 1.12 -0.48 -20.61
CA LEU A 147 -0.28 -0.45 -20.24
C LEU A 147 -0.55 -1.40 -19.09
N GLY A 148 -1.12 -0.85 -18.03
CA GLY A 148 -1.51 -1.67 -16.91
C GLY A 148 -0.46 -1.71 -15.83
N VAL A 149 0.32 -0.66 -15.72
CA VAL A 149 1.30 -0.58 -14.65
C VAL A 149 1.42 0.83 -14.13
N THR A 150 1.75 0.91 -12.87
CA THR A 150 1.97 2.17 -12.19
C THR A 150 3.23 2.07 -11.34
N SER A 151 4.21 2.91 -11.62
CA SER A 151 5.45 2.83 -10.89
C SER A 151 5.56 3.98 -9.91
N GLY A 152 6.44 3.82 -8.93
CA GLY A 152 6.67 4.88 -7.99
C GLY A 152 8.12 4.92 -7.61
N PRO A 153 8.83 5.98 -8.02
CA PRO A 153 10.25 6.13 -7.73
C PRO A 153 10.49 6.88 -6.42
N LYS A 154 9.48 6.88 -5.55
CA LYS A 154 9.54 7.67 -4.33
C LYS A 154 8.80 7.00 -3.19
N GLN A 155 8.62 7.75 -2.10
CA GLN A 155 7.94 7.27 -0.91
C GLN A 155 6.44 7.45 -1.01
N PHE A 156 5.78 7.41 0.13
CA PHE A 156 4.35 7.75 0.23
C PHE A 156 4.12 9.12 -0.38
N CYS A 157 3.36 9.18 -1.47
CA CYS A 157 3.13 10.45 -2.18
C CYS A 157 2.55 11.52 -1.27
N ASP A 158 1.96 11.11 -0.16
CA ASP A 158 1.33 12.05 0.76
C ASP A 158 2.24 12.35 1.95
N GLU A 159 3.16 11.44 2.24
CA GLU A 159 3.94 11.49 3.47
C GLU A 159 5.41 11.82 3.20
N GLY A 160 5.91 11.46 2.02
CA GLY A 160 7.33 11.60 1.76
C GLY A 160 7.66 11.87 0.30
N GLY A 161 7.05 11.09 -0.59
CA GLY A 161 7.33 11.23 -2.00
C GLY A 161 6.92 12.57 -2.56
N SER A 1 -17.32 8.56 19.43
CA SER A 1 -18.74 8.87 19.16
C SER A 1 -18.95 9.30 17.71
N SER A 2 -17.93 9.92 17.12
CA SER A 2 -18.03 10.40 15.76
C SER A 2 -17.27 9.49 14.79
N GLU A 3 -17.53 8.20 14.89
CA GLU A 3 -16.88 7.23 14.02
C GLU A 3 -17.93 6.48 13.21
N PRO A 4 -18.00 6.75 11.90
CA PRO A 4 -18.98 6.11 11.02
C PRO A 4 -18.54 4.74 10.52
N ALA A 5 -19.45 4.04 9.87
CA ALA A 5 -19.16 2.72 9.29
C ALA A 5 -18.12 2.85 8.19
N LYS A 6 -17.46 1.73 7.86
CA LYS A 6 -16.45 1.70 6.80
C LYS A 6 -16.89 2.54 5.59
N LEU A 7 -16.24 3.68 5.39
CA LEU A 7 -16.52 4.51 4.21
C LEU A 7 -15.44 4.31 3.17
N ASP A 8 -15.86 4.02 1.95
CA ASP A 8 -14.96 3.67 0.85
C ASP A 8 -13.85 4.72 0.67
N LEU A 9 -12.61 4.27 0.80
CA LEU A 9 -11.45 5.14 0.71
C LEU A 9 -10.90 5.18 -0.72
N SER A 10 -9.86 5.96 -0.94
CA SER A 10 -9.18 5.98 -2.22
C SER A 10 -8.51 4.64 -2.50
N CYS A 11 -7.68 4.17 -1.56
CA CYS A 11 -7.03 2.88 -1.71
C CYS A 11 -7.57 1.90 -0.68
N VAL A 12 -8.23 0.87 -1.15
CA VAL A 12 -8.64 -0.22 -0.29
C VAL A 12 -8.89 -1.47 -1.11
N HIS A 13 -8.33 -2.58 -0.66
CA HIS A 13 -8.54 -3.87 -1.30
C HIS A 13 -10.01 -4.10 -1.62
N SER A 14 -10.84 -4.24 -0.59
CA SER A 14 -12.26 -4.50 -0.78
C SER A 14 -12.45 -5.86 -1.47
N ASP A 15 -11.47 -6.73 -1.28
CA ASP A 15 -11.52 -8.08 -1.79
C ASP A 15 -11.20 -9.06 -0.67
N ASN A 16 -11.41 -8.57 0.56
CA ASN A 16 -11.18 -9.32 1.78
C ASN A 16 -9.71 -9.70 1.92
N LYS A 17 -8.89 -8.72 2.32
CA LYS A 17 -7.46 -8.95 2.47
C LYS A 17 -6.90 -8.20 3.67
N GLY A 18 -5.91 -8.82 4.30
CA GLY A 18 -5.19 -8.18 5.37
C GLY A 18 -3.70 -8.23 5.12
N SER A 19 -2.89 -7.82 6.08
CA SER A 19 -1.45 -7.85 5.91
C SER A 19 -0.76 -8.22 7.20
N ARG A 20 0.17 -9.15 7.10
CA ARG A 20 0.91 -9.60 8.27
C ARG A 20 1.94 -8.55 8.63
N ALA A 21 1.84 -8.08 9.85
CA ALA A 21 2.64 -6.97 10.34
C ALA A 21 2.12 -6.58 11.72
N PRO A 22 2.95 -5.99 12.59
CA PRO A 22 2.56 -5.72 13.97
C PRO A 22 1.51 -4.63 14.05
N THR A 23 0.42 -4.93 14.72
CA THR A 23 -0.59 -3.92 14.97
C THR A 23 -0.03 -2.90 15.96
N ILE A 24 0.33 -1.76 15.43
CA ILE A 24 0.93 -0.71 16.21
C ILE A 24 -0.06 -0.16 17.23
N GLY A 25 0.29 -0.25 18.50
CA GLY A 25 -0.60 0.19 19.55
C GLY A 25 -1.84 -0.66 19.65
N GLU A 26 -3.00 -0.02 19.58
CA GLU A 26 -4.27 -0.71 19.69
C GLU A 26 -5.12 -0.44 18.46
N PRO A 27 -5.98 -1.38 18.05
CA PRO A 27 -6.90 -1.18 16.95
C PRO A 27 -8.09 -0.33 17.34
N VAL A 28 -8.66 0.32 16.36
CA VAL A 28 -9.81 1.20 16.57
C VAL A 28 -11.06 0.58 15.99
N PRO A 29 -11.97 0.10 16.83
CA PRO A 29 -13.21 -0.50 16.37
C PRO A 29 -14.28 0.53 16.09
N ASP A 30 -15.24 0.16 15.27
CA ASP A 30 -16.37 1.01 14.94
C ASP A 30 -15.91 2.25 14.18
N VAL A 31 -14.96 2.06 13.25
CA VAL A 31 -14.39 3.19 12.53
C VAL A 31 -14.43 2.96 11.04
N SER A 32 -14.37 4.05 10.31
CA SER A 32 -14.42 4.04 8.86
C SER A 32 -13.05 3.73 8.28
N LEU A 33 -12.97 3.57 6.96
CA LEU A 33 -11.69 3.42 6.29
C LEU A 33 -10.96 4.74 6.41
N GLU A 34 -11.71 5.79 6.22
CA GLU A 34 -11.18 7.15 6.26
C GLU A 34 -10.72 7.50 7.67
N GLN A 35 -11.49 7.06 8.66
CA GLN A 35 -11.12 7.29 10.06
C GLN A 35 -9.88 6.47 10.41
N CYS A 36 -9.84 5.24 9.94
CA CYS A 36 -8.71 4.38 10.21
C CYS A 36 -7.48 4.85 9.43
N ALA A 37 -7.72 5.44 8.28
CA ALA A 37 -6.65 6.06 7.52
C ALA A 37 -6.08 7.23 8.31
N ALA A 38 -6.97 7.93 9.02
CA ALA A 38 -6.57 9.01 9.89
C ALA A 38 -5.82 8.47 11.12
N GLN A 39 -6.11 7.22 11.45
CA GLN A 39 -5.47 6.54 12.56
C GLN A 39 -4.00 6.27 12.26
N CYS A 40 -3.72 5.80 11.07
CA CYS A 40 -2.35 5.53 10.65
C CYS A 40 -1.58 6.84 10.51
N LYS A 41 -2.33 7.93 10.35
CA LYS A 41 -1.73 9.25 10.29
C LYS A 41 -1.64 9.85 11.69
N ALA A 42 -2.28 9.19 12.64
CA ALA A 42 -2.21 9.60 14.04
C ALA A 42 -1.06 8.91 14.75
N VAL A 43 -0.78 7.68 14.33
CA VAL A 43 0.33 6.93 14.90
C VAL A 43 1.56 6.99 13.99
N ASP A 44 2.67 7.42 14.55
CA ASP A 44 3.93 7.47 13.81
C ASP A 44 4.54 6.08 13.77
N GLY A 45 5.03 5.71 12.60
CA GLY A 45 5.62 4.41 12.44
C GLY A 45 4.70 3.45 11.72
N CYS A 46 3.67 3.99 11.09
CA CYS A 46 2.69 3.18 10.39
C CYS A 46 2.82 3.38 8.90
N THR A 47 2.90 2.28 8.17
CA THR A 47 3.06 2.34 6.73
C THR A 47 1.78 1.93 6.03
N HIS A 48 1.06 1.02 6.65
CA HIS A 48 -0.19 0.54 6.08
C HIS A 48 -1.11 0.10 7.19
N PHE A 49 -2.39 0.16 6.92
CA PHE A 49 -3.39 -0.20 7.90
C PHE A 49 -4.24 -1.34 7.39
N THR A 50 -4.96 -1.96 8.29
CA THR A 50 -5.87 -3.01 7.94
C THR A 50 -7.23 -2.72 8.56
N TYR A 51 -8.19 -2.37 7.73
CA TYR A 51 -9.54 -2.20 8.18
C TYR A 51 -10.20 -3.54 8.18
N ASN A 52 -11.02 -3.76 9.15
CA ASN A 52 -11.92 -4.87 9.09
C ASN A 52 -13.29 -4.32 8.76
N ASP A 53 -13.80 -4.70 7.60
CA ASP A 53 -15.10 -4.21 7.14
C ASP A 53 -16.22 -4.90 7.91
N ASP A 54 -15.90 -6.05 8.48
CA ASP A 54 -16.84 -6.79 9.30
C ASP A 54 -16.92 -6.19 10.70
N SER A 55 -15.77 -6.02 11.34
CA SER A 55 -15.69 -5.53 12.71
C SER A 55 -15.58 -4.01 12.78
N LYS A 56 -15.46 -3.38 11.61
CA LYS A 56 -15.18 -1.95 11.50
C LYS A 56 -14.01 -1.54 12.37
N MET A 57 -13.06 -2.45 12.54
CA MET A 57 -11.92 -2.18 13.39
C MET A 57 -10.73 -1.73 12.53
N CYS A 58 -9.81 -1.02 13.15
CA CYS A 58 -8.66 -0.49 12.46
C CYS A 58 -7.37 -1.05 13.02
N HIS A 59 -6.70 -1.87 12.24
CA HIS A 59 -5.41 -2.41 12.64
C HIS A 59 -4.28 -1.67 11.92
N VAL A 60 -3.72 -0.66 12.57
CA VAL A 60 -2.56 0.04 12.02
C VAL A 60 -1.33 -0.87 12.12
N LYS A 61 -0.57 -0.97 11.06
CA LYS A 61 0.53 -1.92 11.01
C LYS A 61 1.83 -1.28 10.53
N GLU A 62 2.91 -2.01 10.70
CA GLU A 62 4.25 -1.52 10.44
C GLU A 62 4.72 -1.90 9.05
N GLY A 63 5.86 -1.33 8.65
CA GLY A 63 6.35 -1.39 7.29
C GLY A 63 6.17 -2.70 6.53
N LYS A 64 6.06 -2.54 5.20
CA LYS A 64 5.82 -3.63 4.25
C LYS A 64 4.50 -4.37 4.50
N PRO A 65 3.63 -4.42 3.49
CA PRO A 65 2.44 -5.25 3.53
C PRO A 65 2.78 -6.71 3.39
N ASP A 66 1.84 -7.55 3.72
CA ASP A 66 2.01 -8.97 3.66
C ASP A 66 0.65 -9.59 3.52
N LEU A 67 0.08 -9.36 2.35
CA LEU A 67 -1.31 -9.67 2.08
C LEU A 67 -1.65 -11.15 2.26
N TYR A 68 -2.79 -11.36 2.88
CA TYR A 68 -3.34 -12.68 3.12
C TYR A 68 -4.86 -12.59 3.10
N ASP A 69 -5.52 -13.72 2.95
CA ASP A 69 -6.98 -13.74 2.86
C ASP A 69 -7.61 -13.40 4.19
N LEU A 70 -8.27 -12.26 4.24
CA LEU A 70 -8.92 -11.77 5.44
C LEU A 70 -10.37 -11.43 5.14
N THR A 71 -11.29 -12.28 5.56
CA THR A 71 -12.72 -12.06 5.27
C THR A 71 -13.18 -10.70 5.79
N GLY A 72 -13.66 -9.86 4.88
CA GLY A 72 -14.07 -8.51 5.24
C GLY A 72 -12.88 -7.62 5.46
N GLY A 73 -11.71 -8.17 5.23
CA GLY A 73 -10.49 -7.43 5.41
C GLY A 73 -10.27 -6.40 4.35
N LYS A 74 -9.85 -5.24 4.77
CA LYS A 74 -9.54 -4.16 3.86
C LYS A 74 -8.21 -3.53 4.24
N THR A 75 -7.17 -3.90 3.53
CA THR A 75 -5.84 -3.39 3.81
C THR A 75 -5.39 -2.47 2.68
N ALA A 76 -4.61 -1.45 3.02
CA ALA A 76 -4.04 -0.55 2.04
C ALA A 76 -2.94 0.30 2.68
N SER A 77 -2.22 1.03 1.86
CA SER A 77 -1.19 1.94 2.34
C SER A 77 -1.80 3.18 2.96
N ARG A 78 -1.04 3.81 3.84
CA ARG A 78 -1.45 5.03 4.51
C ARG A 78 -1.66 6.18 3.53
N SER A 79 -0.98 6.09 2.41
CA SER A 79 -1.09 7.10 1.36
C SER A 79 -1.58 6.45 0.09
N CYS A 80 -2.82 6.75 -0.28
CA CYS A 80 -3.40 6.22 -1.50
C CYS A 80 -3.03 7.13 -2.68
N ASP A 81 -2.37 8.24 -2.34
CA ASP A 81 -1.96 9.23 -3.31
C ASP A 81 -1.12 8.60 -4.42
N ARG A 82 -1.46 8.91 -5.66
CA ARG A 82 -0.68 8.46 -6.80
C ARG A 82 0.11 9.62 -7.37
N SER A 83 0.31 10.65 -6.55
CA SER A 83 0.96 11.87 -6.98
C SER A 83 2.44 11.65 -7.27
N CYS A 84 3.08 10.76 -6.52
CA CYS A 84 4.50 10.51 -6.70
C CYS A 84 4.72 9.34 -7.66
N PHE A 85 3.62 8.76 -8.15
CA PHE A 85 3.70 7.62 -9.03
C PHE A 85 3.90 8.06 -10.47
N GLU A 86 4.46 7.15 -11.24
CA GLU A 86 4.63 7.32 -12.68
C GLU A 86 3.85 6.21 -13.38
N GLN A 87 2.82 6.57 -14.11
CA GLN A 87 1.99 5.56 -14.75
C GLN A 87 2.49 5.25 -16.15
N HIS A 88 2.13 4.05 -16.60
CA HIS A 88 2.50 3.55 -17.92
C HIS A 88 4.00 3.41 -18.04
N VAL A 89 4.61 2.88 -17.01
CA VAL A 89 6.05 2.66 -16.99
C VAL A 89 6.39 1.53 -16.04
N SER A 90 7.12 0.56 -16.54
CA SER A 90 7.39 -0.65 -15.78
C SER A 90 8.88 -0.85 -15.58
N TYR A 91 9.28 -1.13 -14.35
CA TYR A 91 10.63 -1.55 -14.07
C TYR A 91 10.58 -3.03 -13.68
N GLU A 92 11.28 -3.87 -14.44
CA GLU A 92 11.24 -5.30 -14.19
C GLU A 92 12.62 -5.92 -14.33
N GLY A 93 13.35 -5.50 -15.35
CA GLY A 93 14.71 -5.97 -15.52
C GLY A 93 15.62 -5.48 -14.41
N ALA A 94 15.16 -4.45 -13.69
CA ALA A 94 15.90 -3.89 -12.58
C ALA A 94 16.05 -4.90 -11.46
N PRO A 95 17.22 -4.91 -10.80
CA PRO A 95 17.48 -5.79 -9.66
C PRO A 95 16.39 -5.68 -8.61
N ASP A 96 15.66 -6.76 -8.41
CA ASP A 96 14.57 -6.77 -7.45
C ASP A 96 15.11 -6.70 -6.05
N VAL A 97 14.40 -6.00 -5.20
CA VAL A 97 14.82 -5.82 -3.83
C VAL A 97 13.84 -6.52 -2.88
N MET A 98 12.65 -6.84 -3.40
CA MET A 98 11.62 -7.48 -2.59
C MET A 98 10.80 -8.43 -3.44
N THR A 99 10.08 -9.33 -2.77
CA THR A 99 9.15 -10.24 -3.42
C THR A 99 7.95 -9.46 -3.95
N ALA A 100 7.49 -9.82 -5.15
CA ALA A 100 6.31 -9.20 -5.73
C ALA A 100 5.07 -9.49 -4.89
N MET A 101 4.12 -8.58 -4.93
CA MET A 101 2.90 -8.72 -4.17
C MET A 101 1.71 -8.64 -5.10
N VAL A 102 0.60 -9.20 -4.68
CA VAL A 102 -0.63 -9.14 -5.45
C VAL A 102 -1.70 -8.38 -4.66
N THR A 103 -2.10 -7.24 -5.21
CA THR A 103 -3.02 -6.32 -4.53
C THR A 103 -3.87 -5.58 -5.54
N SER A 104 -4.98 -5.00 -5.10
CA SER A 104 -5.87 -4.29 -6.00
C SER A 104 -5.57 -2.78 -6.00
N GLN A 105 -4.39 -2.40 -5.52
CA GLN A 105 -3.99 -1.00 -5.48
C GLN A 105 -2.48 -0.84 -5.50
N SER A 106 -2.02 0.23 -6.13
CA SER A 106 -0.61 0.54 -6.18
C SER A 106 -0.13 1.05 -4.83
N ALA A 107 -1.10 1.41 -3.99
CA ALA A 107 -0.83 1.90 -2.65
C ALA A 107 0.00 0.91 -1.85
N ASP A 108 -0.39 -0.36 -1.87
CA ASP A 108 0.29 -1.39 -1.11
C ASP A 108 1.75 -1.46 -1.51
N CYS A 109 2.04 -1.36 -2.80
CA CYS A 109 3.41 -1.42 -3.29
C CYS A 109 4.18 -0.18 -2.81
N GLN A 110 3.47 0.93 -2.63
CA GLN A 110 4.08 2.15 -2.16
C GLN A 110 4.62 1.96 -0.75
N ALA A 111 3.73 1.56 0.16
CA ALA A 111 4.11 1.34 1.55
C ALA A 111 5.12 0.21 1.67
N ALA A 112 5.07 -0.73 0.74
CA ALA A 112 6.03 -1.83 0.71
C ALA A 112 7.44 -1.32 0.50
N CYS A 113 7.63 -0.60 -0.58
CA CYS A 113 8.96 -0.15 -0.97
C CYS A 113 9.44 0.99 -0.07
N ALA A 114 8.53 1.89 0.27
CA ALA A 114 8.87 3.04 1.10
C ALA A 114 9.34 2.62 2.48
N ALA A 115 8.86 1.47 2.92
CA ALA A 115 9.20 0.98 4.25
C ALA A 115 10.54 0.25 4.23
N ASP A 116 10.96 -0.21 3.08
CA ASP A 116 12.18 -1.00 3.00
C ASP A 116 13.39 -0.12 2.73
N PRO A 117 14.45 -0.33 3.51
CA PRO A 117 15.66 0.48 3.42
C PRO A 117 16.51 0.15 2.21
N SER A 118 16.23 -0.98 1.59
CA SER A 118 16.98 -1.44 0.45
C SER A 118 16.17 -1.26 -0.82
N CYS A 119 14.98 -0.69 -0.69
CA CYS A 119 14.09 -0.53 -1.82
C CYS A 119 14.09 0.91 -2.31
N GLU A 120 14.15 1.08 -3.62
CA GLU A 120 14.17 2.39 -4.23
C GLU A 120 12.83 2.68 -4.87
N ILE A 121 12.44 1.81 -5.80
CA ILE A 121 11.25 2.04 -6.59
C ILE A 121 10.34 0.81 -6.61
N PHE A 122 9.18 0.97 -7.23
CA PHE A 122 8.22 -0.11 -7.38
C PHE A 122 7.34 0.12 -8.60
N THR A 123 6.59 -0.90 -8.97
CA THR A 123 5.61 -0.80 -10.06
C THR A 123 4.43 -1.71 -9.79
N TYR A 124 3.25 -1.16 -9.94
CA TYR A 124 2.02 -1.90 -9.76
C TYR A 124 1.38 -2.21 -11.11
N ASN A 125 1.30 -3.49 -11.41
CA ASN A 125 0.61 -3.98 -12.57
C ASN A 125 -0.88 -3.95 -12.32
N GLU A 126 -1.55 -3.00 -12.97
CA GLU A 126 -2.96 -2.77 -12.75
C GLU A 126 -3.80 -3.80 -13.49
N HIS A 127 -3.14 -4.66 -14.27
CA HIS A 127 -3.82 -5.78 -14.89
C HIS A 127 -3.68 -7.02 -14.01
N ASP A 128 -2.44 -7.35 -13.69
CA ASP A 128 -2.14 -8.55 -12.92
C ASP A 128 -2.46 -8.36 -11.45
N GLN A 129 -2.80 -7.12 -11.09
CA GLN A 129 -3.03 -6.75 -9.70
C GLN A 129 -1.78 -7.05 -8.89
N LYS A 130 -0.64 -6.57 -9.37
CA LYS A 130 0.62 -7.05 -8.84
C LYS A 130 1.63 -5.92 -8.63
N CYS A 131 2.44 -6.07 -7.59
CA CYS A 131 3.49 -5.12 -7.28
C CYS A 131 4.84 -5.74 -7.63
N THR A 132 5.77 -4.92 -8.04
CA THR A 132 7.14 -5.34 -8.24
C THR A 132 8.09 -4.32 -7.61
N PHE A 133 9.09 -4.79 -6.89
CA PHE A 133 9.97 -3.90 -6.13
C PHE A 133 11.40 -4.00 -6.63
N LYS A 134 11.97 -2.87 -7.02
CA LYS A 134 13.25 -2.82 -7.70
C LYS A 134 14.14 -1.76 -7.09
N GLY A 135 15.45 -1.99 -7.12
CA GLY A 135 16.38 -1.07 -6.53
C GLY A 135 17.14 -0.25 -7.56
N ARG A 136 18.36 0.13 -7.19
CA ARG A 136 19.21 0.95 -8.05
C ARG A 136 19.48 0.27 -9.38
N GLY A 137 19.52 1.07 -10.43
CA GLY A 137 19.68 0.53 -11.77
C GLY A 137 18.36 0.41 -12.50
N PHE A 138 17.32 0.95 -11.87
CA PHE A 138 15.96 0.82 -12.37
C PHE A 138 15.75 1.62 -13.66
N SER A 139 16.40 2.77 -13.78
CA SER A 139 16.19 3.64 -14.93
C SER A 139 16.78 3.02 -16.21
N ALA A 140 17.74 2.14 -16.04
CA ALA A 140 18.35 1.44 -17.17
C ALA A 140 17.42 0.34 -17.66
N PHE A 141 16.59 -0.13 -16.75
CA PHE A 141 15.66 -1.20 -17.04
C PHE A 141 14.24 -0.67 -17.02
N LYS A 142 14.13 0.60 -17.37
CA LYS A 142 12.87 1.29 -17.35
C LYS A 142 12.13 1.10 -18.65
N GLU A 143 10.82 0.86 -18.55
CA GLU A 143 10.00 0.69 -19.73
C GLU A 143 8.88 1.73 -19.74
N ARG A 144 9.00 2.73 -20.60
CA ARG A 144 7.97 3.75 -20.73
C ARG A 144 6.92 3.32 -21.74
N GLY A 145 5.66 3.63 -21.44
CA GLY A 145 4.58 3.34 -22.36
C GLY A 145 3.99 1.97 -22.12
N VAL A 146 3.99 1.56 -20.87
CA VAL A 146 3.47 0.26 -20.49
C VAL A 146 2.05 0.39 -19.94
N LEU A 147 1.09 -0.10 -20.69
CA LEU A 147 -0.29 -0.02 -20.26
C LEU A 147 -0.56 -0.95 -19.10
N GLY A 148 -1.21 -0.41 -18.07
CA GLY A 148 -1.60 -1.22 -16.95
C GLY A 148 -0.53 -1.33 -15.90
N VAL A 149 0.32 -0.33 -15.79
CA VAL A 149 1.31 -0.33 -14.72
C VAL A 149 1.49 1.06 -14.15
N THR A 150 1.74 1.08 -12.87
CA THR A 150 1.95 2.30 -12.13
C THR A 150 3.20 2.17 -11.29
N SER A 151 4.19 3.00 -11.56
CA SER A 151 5.45 2.89 -10.86
C SER A 151 5.59 3.99 -9.84
N GLY A 152 6.45 3.78 -8.86
CA GLY A 152 6.69 4.79 -7.86
C GLY A 152 8.16 4.86 -7.52
N PRO A 153 8.83 5.94 -7.93
CA PRO A 153 10.26 6.10 -7.68
C PRO A 153 10.54 6.79 -6.34
N LYS A 154 9.52 6.85 -5.49
CA LYS A 154 9.65 7.55 -4.21
C LYS A 154 8.86 6.86 -3.11
N GLN A 155 8.75 7.54 -1.95
CA GLN A 155 8.08 6.98 -0.79
C GLN A 155 6.58 7.20 -0.87
N PHE A 156 5.93 7.21 0.30
CA PHE A 156 4.56 7.64 0.43
C PHE A 156 4.42 9.03 -0.19
N CYS A 157 3.64 9.15 -1.25
CA CYS A 157 3.55 10.40 -2.02
C CYS A 157 3.14 11.58 -1.14
N ASP A 158 2.45 11.29 -0.06
CA ASP A 158 1.97 12.34 0.84
C ASP A 158 2.65 12.25 2.20
N GLU A 159 3.25 11.11 2.49
CA GLU A 159 3.76 10.82 3.83
C GLU A 159 5.27 10.61 3.84
N GLY A 160 5.99 11.12 2.84
CA GLY A 160 7.43 10.91 2.80
C GLY A 160 8.08 11.36 1.50
N GLY A 161 7.56 10.89 0.37
CA GLY A 161 8.21 11.15 -0.90
C GLY A 161 7.86 12.51 -1.46
N SER A 1 -15.56 13.92 16.50
CA SER A 1 -15.75 12.48 16.25
C SER A 1 -16.99 12.24 15.40
N SER A 2 -16.78 12.03 14.11
CA SER A 2 -17.86 11.72 13.18
C SER A 2 -18.38 10.31 13.43
N GLU A 3 -17.45 9.36 13.58
CA GLU A 3 -17.80 7.98 13.92
C GLU A 3 -18.82 7.37 12.94
N PRO A 4 -18.47 7.28 11.64
CA PRO A 4 -19.31 6.67 10.64
C PRO A 4 -18.91 5.22 10.34
N ALA A 5 -19.71 4.57 9.50
CA ALA A 5 -19.44 3.21 9.05
C ALA A 5 -18.30 3.22 8.03
N LYS A 6 -17.67 2.05 7.83
CA LYS A 6 -16.58 1.92 6.84
C LYS A 6 -16.91 2.64 5.53
N LEU A 7 -16.35 3.84 5.35
CA LEU A 7 -16.59 4.60 4.13
C LEU A 7 -15.50 4.31 3.10
N ASP A 8 -15.92 3.97 1.89
CA ASP A 8 -14.99 3.55 0.82
C ASP A 8 -13.89 4.58 0.59
N LEU A 9 -12.66 4.18 0.87
CA LEU A 9 -11.51 5.06 0.77
C LEU A 9 -10.93 5.08 -0.65
N SER A 10 -9.97 5.95 -0.89
CA SER A 10 -9.24 5.97 -2.14
C SER A 10 -8.50 4.64 -2.35
N CYS A 11 -7.69 4.25 -1.37
CA CYS A 11 -6.98 2.98 -1.45
C CYS A 11 -7.55 2.00 -0.45
N VAL A 12 -8.18 0.96 -0.95
CA VAL A 12 -8.62 -0.15 -0.13
C VAL A 12 -8.84 -1.37 -1.01
N HIS A 13 -8.31 -2.50 -0.56
CA HIS A 13 -8.49 -3.77 -1.26
C HIS A 13 -9.95 -4.00 -1.61
N SER A 14 -10.78 -4.19 -0.58
CA SER A 14 -12.21 -4.42 -0.75
C SER A 14 -12.48 -5.81 -1.36
N ASP A 15 -11.41 -6.59 -1.51
CA ASP A 15 -11.52 -7.97 -1.98
C ASP A 15 -11.17 -8.93 -0.85
N ASN A 16 -11.39 -8.46 0.38
CA ASN A 16 -11.15 -9.23 1.59
C ASN A 16 -9.67 -9.60 1.72
N LYS A 17 -8.87 -8.64 2.18
CA LYS A 17 -7.45 -8.85 2.35
C LYS A 17 -6.91 -8.13 3.57
N GLY A 18 -5.94 -8.76 4.21
CA GLY A 18 -5.25 -8.16 5.32
C GLY A 18 -3.76 -8.18 5.11
N SER A 19 -2.99 -7.79 6.11
CA SER A 19 -1.55 -7.80 5.99
C SER A 19 -0.90 -8.19 7.30
N ARG A 20 0.06 -9.08 7.22
CA ARG A 20 0.79 -9.52 8.38
C ARG A 20 1.84 -8.50 8.75
N ALA A 21 1.74 -8.01 9.97
CA ALA A 21 2.60 -6.94 10.48
C ALA A 21 2.10 -6.57 11.87
N PRO A 22 2.95 -5.96 12.71
CA PRO A 22 2.59 -5.70 14.11
C PRO A 22 1.54 -4.64 14.21
N THR A 23 0.43 -4.97 14.85
CA THR A 23 -0.59 -3.99 15.10
C THR A 23 -0.09 -2.97 16.10
N ILE A 24 0.25 -1.80 15.59
CA ILE A 24 0.82 -0.74 16.40
C ILE A 24 -0.19 -0.24 17.43
N GLY A 25 0.16 -0.37 18.69
CA GLY A 25 -0.75 0.00 19.76
C GLY A 25 -1.96 -0.91 19.81
N GLU A 26 -3.13 -0.31 19.85
CA GLU A 26 -4.38 -1.07 19.85
C GLU A 26 -5.23 -0.69 18.65
N PRO A 27 -6.06 -1.61 18.16
CA PRO A 27 -6.94 -1.36 17.02
C PRO A 27 -8.13 -0.49 17.40
N VAL A 28 -8.65 0.20 16.41
CA VAL A 28 -9.77 1.10 16.62
C VAL A 28 -11.03 0.49 16.02
N PRO A 29 -11.95 0.01 16.84
CA PRO A 29 -13.19 -0.57 16.37
C PRO A 29 -14.26 0.48 16.13
N ASP A 30 -15.18 0.16 15.23
CA ASP A 30 -16.29 1.03 14.90
C ASP A 30 -15.76 2.34 14.30
N VAL A 31 -14.96 2.19 13.24
CA VAL A 31 -14.33 3.34 12.58
C VAL A 31 -14.43 3.17 11.07
N SER A 32 -14.34 4.28 10.36
CA SER A 32 -14.45 4.26 8.93
C SER A 32 -13.08 4.01 8.31
N LEU A 33 -13.03 3.73 7.02
CA LEU A 33 -11.75 3.56 6.34
C LEU A 33 -11.00 4.86 6.40
N GLU A 34 -11.75 5.93 6.21
CA GLU A 34 -11.20 7.27 6.22
C GLU A 34 -10.74 7.66 7.62
N GLN A 35 -11.38 7.07 8.62
CA GLN A 35 -11.03 7.33 10.00
C GLN A 35 -9.83 6.49 10.41
N CYS A 36 -9.79 5.26 9.94
CA CYS A 36 -8.68 4.38 10.22
C CYS A 36 -7.45 4.83 9.44
N ALA A 37 -7.69 5.40 8.28
CA ALA A 37 -6.64 6.02 7.49
C ALA A 37 -6.03 7.17 8.28
N ALA A 38 -6.88 7.90 8.98
CA ALA A 38 -6.44 8.99 9.83
C ALA A 38 -5.70 8.43 11.05
N GLN A 39 -6.10 7.24 11.46
CA GLN A 39 -5.49 6.55 12.60
C GLN A 39 -4.02 6.24 12.31
N CYS A 40 -3.75 5.73 11.12
CA CYS A 40 -2.39 5.39 10.72
C CYS A 40 -1.56 6.65 10.58
N LYS A 41 -2.23 7.78 10.40
CA LYS A 41 -1.56 9.06 10.34
C LYS A 41 -1.38 9.63 11.73
N ALA A 42 -2.21 9.16 12.66
CA ALA A 42 -2.13 9.59 14.06
C ALA A 42 -1.03 8.83 14.79
N VAL A 43 -0.80 7.59 14.39
CA VAL A 43 0.27 6.79 14.98
C VAL A 43 1.49 6.78 14.06
N ASP A 44 2.55 7.43 14.51
CA ASP A 44 3.78 7.48 13.75
C ASP A 44 4.50 6.16 13.84
N GLY A 45 4.89 5.64 12.68
CA GLY A 45 5.49 4.34 12.61
C GLY A 45 4.59 3.37 11.88
N CYS A 46 3.57 3.90 11.24
CA CYS A 46 2.60 3.07 10.52
C CYS A 46 2.74 3.31 9.02
N THR A 47 2.85 2.24 8.27
CA THR A 47 3.02 2.33 6.84
C THR A 47 1.76 1.91 6.12
N HIS A 48 1.03 1.00 6.74
CA HIS A 48 -0.21 0.50 6.17
C HIS A 48 -1.15 0.07 7.27
N PHE A 49 -2.43 0.14 7.01
CA PHE A 49 -3.43 -0.20 7.99
C PHE A 49 -4.29 -1.34 7.48
N THR A 50 -5.05 -1.93 8.37
CA THR A 50 -5.98 -2.96 8.00
C THR A 50 -7.34 -2.67 8.62
N TYR A 51 -8.29 -2.31 7.78
CA TYR A 51 -9.65 -2.18 8.23
C TYR A 51 -10.30 -3.52 8.16
N ASN A 52 -10.98 -3.88 9.21
CA ASN A 52 -11.81 -5.03 9.15
C ASN A 52 -13.22 -4.55 8.86
N ASP A 53 -13.69 -4.76 7.64
CA ASP A 53 -15.02 -4.34 7.24
C ASP A 53 -16.08 -5.12 8.01
N ASP A 54 -15.71 -6.31 8.43
CA ASP A 54 -16.57 -7.16 9.26
C ASP A 54 -16.71 -6.57 10.67
N SER A 55 -15.58 -6.40 11.34
CA SER A 55 -15.56 -5.95 12.73
C SER A 55 -15.45 -4.43 12.84
N LYS A 56 -15.44 -3.78 11.69
CA LYS A 56 -15.27 -2.33 11.59
C LYS A 56 -14.08 -1.84 12.39
N MET A 57 -13.05 -2.66 12.52
CA MET A 57 -11.93 -2.34 13.38
C MET A 57 -10.72 -1.90 12.56
N CYS A 58 -9.88 -1.07 13.15
CA CYS A 58 -8.71 -0.55 12.47
C CYS A 58 -7.43 -1.11 13.06
N HIS A 59 -6.75 -1.95 12.31
CA HIS A 59 -5.46 -2.48 12.72
C HIS A 59 -4.33 -1.73 12.02
N VAL A 60 -3.78 -0.72 12.68
CA VAL A 60 -2.63 0.00 12.16
C VAL A 60 -1.40 -0.89 12.27
N LYS A 61 -0.61 -0.95 11.20
CA LYS A 61 0.50 -1.89 11.16
C LYS A 61 1.79 -1.23 10.68
N GLU A 62 2.89 -1.95 10.87
CA GLU A 62 4.22 -1.41 10.62
C GLU A 62 4.73 -1.79 9.24
N GLY A 63 5.86 -1.19 8.87
CA GLY A 63 6.39 -1.24 7.51
C GLY A 63 6.26 -2.56 6.76
N LYS A 64 6.17 -2.40 5.43
CA LYS A 64 5.94 -3.49 4.48
C LYS A 64 4.66 -4.29 4.73
N PRO A 65 3.72 -4.23 3.77
CA PRO A 65 2.50 -5.03 3.78
C PRO A 65 2.81 -6.49 3.55
N ASP A 66 1.84 -7.32 3.90
CA ASP A 66 1.98 -8.75 3.77
C ASP A 66 0.61 -9.35 3.57
N LEU A 67 0.09 -9.11 2.39
CA LEU A 67 -1.29 -9.42 2.06
C LEU A 67 -1.62 -10.90 2.17
N TYR A 68 -2.78 -11.15 2.74
CA TYR A 68 -3.33 -12.47 2.87
C TYR A 68 -4.84 -12.37 2.82
N ASP A 69 -5.50 -13.48 2.54
CA ASP A 69 -6.96 -13.49 2.44
C ASP A 69 -7.59 -13.29 3.80
N LEU A 70 -8.22 -12.13 3.97
CA LEU A 70 -8.86 -11.76 5.20
C LEU A 70 -10.32 -11.42 4.91
N THR A 71 -11.22 -12.31 5.29
CA THR A 71 -12.64 -12.11 5.01
C THR A 71 -13.15 -10.80 5.59
N GLY A 72 -13.64 -9.92 4.70
CA GLY A 72 -14.08 -8.60 5.13
C GLY A 72 -12.90 -7.71 5.41
N GLY A 73 -11.71 -8.22 5.11
CA GLY A 73 -10.51 -7.47 5.32
C GLY A 73 -10.31 -6.40 4.28
N LYS A 74 -9.91 -5.24 4.75
CA LYS A 74 -9.60 -4.14 3.86
C LYS A 74 -8.28 -3.51 4.27
N THR A 75 -7.22 -3.86 3.57
CA THR A 75 -5.91 -3.33 3.86
C THR A 75 -5.45 -2.41 2.74
N ALA A 76 -4.67 -1.40 3.10
CA ALA A 76 -4.08 -0.49 2.13
C ALA A 76 -2.99 0.33 2.79
N SER A 77 -2.26 1.08 1.99
CA SER A 77 -1.20 1.95 2.48
C SER A 77 -1.77 3.17 3.19
N ARG A 78 -0.97 3.74 4.08
CA ARG A 78 -1.33 4.96 4.81
C ARG A 78 -1.61 6.11 3.85
N SER A 79 -1.09 5.98 2.64
CA SER A 79 -1.26 6.99 1.62
C SER A 79 -1.83 6.34 0.36
N CYS A 80 -2.93 6.89 -0.12
CA CYS A 80 -3.51 6.43 -1.37
C CYS A 80 -3.13 7.39 -2.48
N ASP A 81 -2.25 8.33 -2.15
CA ASP A 81 -1.79 9.33 -3.09
C ASP A 81 -0.97 8.68 -4.19
N ARG A 82 -1.25 9.06 -5.43
CA ARG A 82 -0.55 8.52 -6.57
C ARG A 82 0.19 9.64 -7.29
N SER A 83 0.36 10.75 -6.59
CA SER A 83 0.94 11.96 -7.19
C SER A 83 2.41 11.76 -7.55
N CYS A 84 3.08 10.83 -6.88
CA CYS A 84 4.50 10.60 -7.11
C CYS A 84 4.72 9.39 -8.00
N PHE A 85 3.63 8.80 -8.48
CA PHE A 85 3.72 7.60 -9.32
C PHE A 85 3.86 7.96 -10.79
N GLU A 86 4.46 7.05 -11.53
CA GLU A 86 4.59 7.16 -12.97
C GLU A 86 3.76 6.07 -13.63
N GLN A 87 2.71 6.44 -14.33
CA GLN A 87 1.87 5.46 -14.99
C GLN A 87 2.41 5.09 -16.36
N HIS A 88 2.09 3.87 -16.77
CA HIS A 88 2.47 3.32 -18.06
C HIS A 88 3.98 3.20 -18.21
N VAL A 89 4.60 2.60 -17.21
CA VAL A 89 6.04 2.41 -17.21
C VAL A 89 6.41 1.29 -16.26
N SER A 90 7.22 0.36 -16.73
CA SER A 90 7.55 -0.83 -15.97
C SER A 90 9.06 -0.98 -15.81
N TYR A 91 9.49 -1.25 -14.60
CA TYR A 91 10.87 -1.65 -14.36
C TYR A 91 10.87 -3.12 -13.95
N GLU A 92 11.56 -3.96 -14.71
CA GLU A 92 11.57 -5.40 -14.44
C GLU A 92 12.95 -5.98 -14.54
N GLY A 93 13.71 -5.53 -15.54
CA GLY A 93 15.09 -5.97 -15.68
C GLY A 93 15.94 -5.59 -14.48
N ALA A 94 15.46 -4.63 -13.71
CA ALA A 94 16.14 -4.20 -12.49
C ALA A 94 16.02 -5.26 -11.42
N PRO A 95 17.12 -5.53 -10.70
CA PRO A 95 17.13 -6.47 -9.57
C PRO A 95 16.05 -6.13 -8.57
N ASP A 96 15.29 -7.14 -8.17
CA ASP A 96 14.18 -6.94 -7.26
C ASP A 96 14.69 -6.86 -5.84
N VAL A 97 14.24 -5.84 -5.14
CA VAL A 97 14.68 -5.58 -3.78
C VAL A 97 13.70 -6.17 -2.78
N MET A 98 12.50 -6.50 -3.27
CA MET A 98 11.46 -7.08 -2.43
C MET A 98 10.68 -8.12 -3.20
N THR A 99 9.95 -8.95 -2.49
CA THR A 99 9.07 -9.92 -3.09
C THR A 99 7.86 -9.22 -3.72
N ALA A 100 7.52 -9.61 -4.94
CA ALA A 100 6.35 -9.06 -5.62
C ALA A 100 5.09 -9.28 -4.82
N MET A 101 4.10 -8.46 -5.07
CA MET A 101 2.88 -8.46 -4.30
C MET A 101 1.68 -8.48 -5.22
N VAL A 102 0.57 -8.96 -4.72
CA VAL A 102 -0.68 -8.95 -5.47
C VAL A 102 -1.74 -8.16 -4.70
N THR A 103 -2.08 -6.99 -5.22
CA THR A 103 -3.01 -6.09 -4.57
C THR A 103 -3.81 -5.32 -5.61
N SER A 104 -4.91 -4.71 -5.19
CA SER A 104 -5.78 -3.98 -6.10
C SER A 104 -5.52 -2.48 -6.00
N GLN A 105 -4.34 -2.12 -5.51
CA GLN A 105 -3.94 -0.72 -5.41
C GLN A 105 -2.42 -0.60 -5.42
N SER A 106 -1.92 0.40 -6.12
CA SER A 106 -0.51 0.69 -6.16
C SER A 106 -0.04 1.26 -4.82
N ALA A 107 -1.01 1.64 -4.00
CA ALA A 107 -0.73 2.15 -2.67
C ALA A 107 0.04 1.15 -1.82
N ASP A 108 -0.38 -0.12 -1.89
CA ASP A 108 0.23 -1.16 -1.10
C ASP A 108 1.70 -1.30 -1.43
N CYS A 109 2.02 -1.30 -2.73
CA CYS A 109 3.40 -1.38 -3.18
C CYS A 109 4.18 -0.16 -2.71
N GLN A 110 3.48 0.97 -2.58
CA GLN A 110 4.08 2.20 -2.12
C GLN A 110 4.54 2.05 -0.67
N ALA A 111 3.66 1.56 0.19
CA ALA A 111 3.98 1.36 1.60
C ALA A 111 5.08 0.32 1.75
N ALA A 112 5.07 -0.65 0.87
CA ALA A 112 6.03 -1.74 0.88
C ALA A 112 7.44 -1.24 0.57
N CYS A 113 7.56 -0.48 -0.50
CA CYS A 113 8.86 0.00 -0.94
C CYS A 113 9.32 1.19 -0.11
N ALA A 114 8.37 2.04 0.29
CA ALA A 114 8.70 3.25 1.05
C ALA A 114 9.24 2.91 2.43
N ALA A 115 8.86 1.75 2.93
CA ALA A 115 9.29 1.31 4.24
C ALA A 115 10.65 0.65 4.18
N ASP A 116 10.99 0.13 3.01
CA ASP A 116 12.23 -0.61 2.86
C ASP A 116 13.40 0.33 2.61
N PRO A 117 14.50 0.15 3.35
CA PRO A 117 15.67 1.02 3.27
C PRO A 117 16.55 0.69 2.07
N SER A 118 16.24 -0.41 1.40
CA SER A 118 17.00 -0.85 0.26
C SER A 118 16.15 -0.79 -1.00
N CYS A 119 14.97 -0.21 -0.88
CA CYS A 119 14.07 -0.13 -2.03
C CYS A 119 14.07 1.29 -2.59
N GLU A 120 14.11 1.38 -3.91
CA GLU A 120 14.09 2.67 -4.58
C GLU A 120 12.76 2.86 -5.27
N ILE A 121 12.41 1.92 -6.13
CA ILE A 121 11.21 2.06 -6.94
C ILE A 121 10.35 0.81 -6.86
N PHE A 122 9.17 0.91 -7.44
CA PHE A 122 8.25 -0.20 -7.54
C PHE A 122 7.36 -0.02 -8.76
N THR A 123 6.68 -1.07 -9.17
CA THR A 123 5.75 -0.98 -10.29
C THR A 123 4.53 -1.85 -10.02
N TYR A 124 3.38 -1.22 -10.05
CA TYR A 124 2.12 -1.90 -9.83
C TYR A 124 1.43 -2.20 -11.15
N ASN A 125 1.32 -3.48 -11.45
CA ASN A 125 0.56 -3.97 -12.57
C ASN A 125 -0.92 -3.84 -12.27
N GLU A 126 -1.53 -2.82 -12.86
CA GLU A 126 -2.94 -2.55 -12.67
C GLU A 126 -3.77 -3.58 -13.43
N HIS A 127 -3.10 -4.37 -14.24
CA HIS A 127 -3.72 -5.44 -15.00
C HIS A 127 -3.71 -6.73 -14.20
N ASP A 128 -2.51 -7.16 -13.81
CA ASP A 128 -2.34 -8.42 -13.11
C ASP A 128 -2.65 -8.26 -11.63
N GLN A 129 -2.86 -7.01 -11.23
CA GLN A 129 -3.12 -6.66 -9.83
C GLN A 129 -1.90 -7.01 -9.00
N LYS A 130 -0.74 -6.58 -9.45
CA LYS A 130 0.51 -7.05 -8.90
C LYS A 130 1.49 -5.90 -8.70
N CYS A 131 2.41 -6.06 -7.77
CA CYS A 131 3.46 -5.09 -7.55
C CYS A 131 4.81 -5.73 -7.76
N THR A 132 5.75 -4.98 -8.26
CA THR A 132 7.13 -5.40 -8.32
C THR A 132 8.01 -4.35 -7.65
N PHE A 133 9.07 -4.76 -6.99
CA PHE A 133 9.94 -3.82 -6.28
C PHE A 133 11.36 -3.95 -6.77
N LYS A 134 11.93 -2.84 -7.22
CA LYS A 134 13.24 -2.85 -7.86
C LYS A 134 14.13 -1.76 -7.26
N GLY A 135 15.43 -1.99 -7.30
CA GLY A 135 16.36 -1.07 -6.69
C GLY A 135 17.23 -0.35 -7.69
N ARG A 136 18.44 -0.03 -7.27
CA ARG A 136 19.39 0.73 -8.07
C ARG A 136 19.69 0.09 -9.41
N GLY A 137 19.74 0.90 -10.45
CA GLY A 137 19.95 0.40 -11.79
C GLY A 137 18.65 0.40 -12.58
N PHE A 138 17.57 0.74 -11.90
CA PHE A 138 16.24 0.71 -12.48
C PHE A 138 16.12 1.61 -13.71
N SER A 139 16.89 2.70 -13.72
CA SER A 139 16.85 3.68 -14.79
C SER A 139 17.21 3.06 -16.14
N ALA A 140 18.04 2.04 -16.11
CA ALA A 140 18.50 1.38 -17.32
C ALA A 140 17.50 0.35 -17.77
N PHE A 141 16.75 -0.17 -16.83
CA PHE A 141 15.79 -1.23 -17.09
C PHE A 141 14.37 -0.67 -17.07
N LYS A 142 14.26 0.55 -17.53
CA LYS A 142 12.97 1.24 -17.55
C LYS A 142 12.23 1.01 -18.86
N GLU A 143 10.95 0.68 -18.76
CA GLU A 143 10.12 0.49 -19.94
C GLU A 143 9.01 1.52 -19.96
N ARG A 144 9.10 2.49 -20.85
CA ARG A 144 8.07 3.51 -20.98
C ARG A 144 6.97 3.04 -21.92
N GLY A 145 5.73 3.38 -21.61
CA GLY A 145 4.62 3.08 -22.49
C GLY A 145 4.04 1.71 -22.22
N VAL A 146 4.04 1.31 -20.96
CA VAL A 146 3.53 0.00 -20.57
C VAL A 146 2.13 0.16 -19.98
N LEU A 147 1.12 -0.29 -20.71
CA LEU A 147 -0.26 -0.16 -20.26
C LEU A 147 -0.55 -1.12 -19.12
N GLY A 148 -1.17 -0.59 -18.08
CA GLY A 148 -1.57 -1.42 -16.98
C GLY A 148 -0.50 -1.54 -15.92
N VAL A 149 0.38 -0.56 -15.83
CA VAL A 149 1.39 -0.54 -14.79
C VAL A 149 1.62 0.85 -14.26
N THR A 150 2.00 0.91 -13.00
CA THR A 150 2.27 2.16 -12.33
C THR A 150 3.54 2.05 -11.50
N SER A 151 4.53 2.85 -11.82
CA SER A 151 5.80 2.77 -11.13
C SER A 151 5.97 3.94 -10.18
N GLY A 152 6.42 3.65 -8.97
CA GLY A 152 6.65 4.70 -8.01
C GLY A 152 8.08 4.72 -7.55
N PRO A 153 8.85 5.72 -7.95
CA PRO A 153 10.25 5.83 -7.60
C PRO A 153 10.48 6.60 -6.31
N LYS A 154 9.50 6.59 -5.43
CA LYS A 154 9.57 7.37 -4.20
C LYS A 154 8.87 6.68 -3.04
N GLN A 155 8.73 7.42 -1.95
CA GLN A 155 8.03 6.93 -0.78
C GLN A 155 6.53 7.19 -0.92
N PHE A 156 5.83 7.17 0.21
CA PHE A 156 4.44 7.62 0.27
C PHE A 156 4.36 9.01 -0.35
N CYS A 157 3.63 9.13 -1.47
CA CYS A 157 3.61 10.36 -2.25
C CYS A 157 3.28 11.61 -1.42
N ASP A 158 2.63 11.43 -0.28
CA ASP A 158 2.28 12.56 0.56
C ASP A 158 2.91 12.44 1.96
N GLU A 159 3.44 11.26 2.27
CA GLU A 159 3.98 11.00 3.58
C GLU A 159 5.50 10.79 3.53
N GLY A 160 6.15 11.21 2.44
CA GLY A 160 7.57 10.99 2.31
C GLY A 160 8.12 11.36 0.93
N GLY A 161 7.36 11.05 -0.10
CA GLY A 161 7.81 11.31 -1.45
C GLY A 161 7.84 12.79 -1.80
N SER A 1 -17.73 12.50 18.74
CA SER A 1 -16.83 12.43 17.58
C SER A 1 -17.52 11.71 16.41
N SER A 2 -17.14 12.08 15.19
CA SER A 2 -17.71 11.49 14.00
C SER A 2 -17.03 10.18 13.65
N GLU A 3 -17.58 9.07 14.12
CA GLU A 3 -17.06 7.75 13.82
C GLU A 3 -18.14 6.89 13.18
N PRO A 4 -18.26 6.95 11.84
CA PRO A 4 -19.29 6.23 11.10
C PRO A 4 -18.86 4.84 10.65
N ALA A 5 -19.61 4.29 9.71
CA ALA A 5 -19.31 2.98 9.14
C ALA A 5 -18.14 3.08 8.17
N LYS A 6 -17.51 1.93 7.89
CA LYS A 6 -16.41 1.86 6.92
C LYS A 6 -16.78 2.58 5.62
N LEU A 7 -16.27 3.80 5.43
CA LEU A 7 -16.55 4.56 4.22
C LEU A 7 -15.46 4.31 3.19
N ASP A 8 -15.89 3.94 1.98
CA ASP A 8 -14.98 3.55 0.90
C ASP A 8 -13.88 4.59 0.68
N LEU A 9 -12.64 4.19 0.91
CA LEU A 9 -11.49 5.07 0.81
C LEU A 9 -10.94 5.10 -0.62
N SER A 10 -10.00 5.99 -0.87
CA SER A 10 -9.32 6.05 -2.16
C SER A 10 -8.53 4.76 -2.41
N CYS A 11 -7.79 4.29 -1.41
CA CYS A 11 -7.09 3.03 -1.51
C CYS A 11 -7.65 2.05 -0.50
N VAL A 12 -8.29 1.01 -1.01
CA VAL A 12 -8.73 -0.10 -0.19
C VAL A 12 -8.96 -1.33 -1.05
N HIS A 13 -8.33 -2.44 -0.66
CA HIS A 13 -8.49 -3.70 -1.35
C HIS A 13 -9.94 -3.97 -1.72
N SER A 14 -10.80 -4.05 -0.70
CA SER A 14 -12.20 -4.46 -0.87
C SER A 14 -12.28 -5.77 -1.64
N ASP A 15 -11.28 -6.62 -1.44
CA ASP A 15 -11.24 -7.96 -2.00
C ASP A 15 -11.21 -8.96 -0.87
N ASN A 16 -11.42 -8.44 0.35
CA ASN A 16 -11.24 -9.20 1.58
C ASN A 16 -9.78 -9.58 1.73
N LYS A 17 -8.96 -8.60 2.10
CA LYS A 17 -7.53 -8.81 2.22
C LYS A 17 -6.95 -8.14 3.45
N GLY A 18 -5.93 -8.77 3.99
CA GLY A 18 -5.24 -8.23 5.14
C GLY A 18 -3.75 -8.29 4.95
N SER A 19 -2.98 -7.89 5.94
CA SER A 19 -1.55 -7.84 5.78
C SER A 19 -0.82 -8.19 7.07
N ARG A 20 0.16 -9.07 6.96
CA ARG A 20 0.90 -9.51 8.12
C ARG A 20 1.91 -8.46 8.52
N ALA A 21 1.80 -8.01 9.77
CA ALA A 21 2.62 -6.94 10.30
C ALA A 21 2.10 -6.62 11.70
N PRO A 22 2.93 -6.05 12.59
CA PRO A 22 2.54 -5.82 13.97
C PRO A 22 1.48 -4.73 14.08
N THR A 23 0.40 -5.01 14.79
CA THR A 23 -0.60 -4.00 15.04
C THR A 23 -0.07 -3.00 16.05
N ILE A 24 0.30 -1.85 15.53
CA ILE A 24 0.90 -0.80 16.33
C ILE A 24 -0.08 -0.28 17.36
N GLY A 25 0.28 -0.40 18.63
CA GLY A 25 -0.60 0.03 19.70
C GLY A 25 -1.83 -0.84 19.82
N GLU A 26 -3.00 -0.21 19.76
CA GLU A 26 -4.26 -0.93 19.83
C GLU A 26 -5.14 -0.53 18.64
N PRO A 27 -6.00 -1.44 18.15
CA PRO A 27 -6.89 -1.16 17.03
C PRO A 27 -8.04 -0.25 17.41
N VAL A 28 -8.67 0.32 16.40
CA VAL A 28 -9.80 1.22 16.59
C VAL A 28 -11.06 0.62 16.02
N PRO A 29 -12.00 0.20 16.85
CA PRO A 29 -13.25 -0.39 16.38
C PRO A 29 -14.31 0.64 16.06
N ASP A 30 -15.26 0.25 15.23
CA ASP A 30 -16.37 1.09 14.83
C ASP A 30 -15.85 2.39 14.20
N VAL A 31 -14.96 2.23 13.22
CA VAL A 31 -14.35 3.37 12.55
C VAL A 31 -14.41 3.20 11.05
N SER A 32 -14.36 4.31 10.36
CA SER A 32 -14.42 4.33 8.92
C SER A 32 -13.05 4.01 8.33
N LEU A 33 -13.00 3.74 7.03
CA LEU A 33 -11.73 3.53 6.37
C LEU A 33 -10.96 4.83 6.43
N GLU A 34 -11.70 5.90 6.25
CA GLU A 34 -11.15 7.24 6.24
C GLU A 34 -10.65 7.62 7.63
N GLN A 35 -11.35 7.15 8.65
CA GLN A 35 -10.95 7.40 10.03
C GLN A 35 -9.74 6.55 10.40
N CYS A 36 -9.74 5.31 9.94
CA CYS A 36 -8.63 4.41 10.20
C CYS A 36 -7.40 4.84 9.41
N ALA A 37 -7.63 5.41 8.24
CA ALA A 37 -6.57 6.00 7.44
C ALA A 37 -5.93 7.14 8.21
N ALA A 38 -6.77 7.91 8.88
CA ALA A 38 -6.32 9.00 9.72
C ALA A 38 -5.62 8.45 10.97
N GLN A 39 -6.03 7.27 11.38
CA GLN A 39 -5.44 6.58 12.54
C GLN A 39 -3.98 6.24 12.27
N CYS A 40 -3.70 5.75 11.07
CA CYS A 40 -2.33 5.41 10.70
C CYS A 40 -1.48 6.66 10.58
N LYS A 41 -2.15 7.79 10.39
CA LYS A 41 -1.47 9.07 10.35
C LYS A 41 -1.36 9.66 11.75
N ALA A 42 -2.12 9.11 12.69
CA ALA A 42 -2.07 9.55 14.07
C ALA A 42 -0.96 8.84 14.83
N VAL A 43 -0.72 7.59 14.45
CA VAL A 43 0.34 6.81 15.07
C VAL A 43 1.61 6.85 14.24
N ASP A 44 2.70 7.22 14.89
CA ASP A 44 4.00 7.27 14.23
C ASP A 44 4.58 5.87 14.13
N GLY A 45 5.00 5.52 12.93
CA GLY A 45 5.57 4.22 12.70
C GLY A 45 4.67 3.32 11.88
N CYS A 46 3.67 3.91 11.24
CA CYS A 46 2.69 3.14 10.49
C CYS A 46 2.85 3.38 9.00
N THR A 47 2.89 2.30 8.25
CA THR A 47 3.07 2.37 6.80
C THR A 47 1.80 1.96 6.10
N HIS A 48 1.07 1.05 6.71
CA HIS A 48 -0.17 0.56 6.14
C HIS A 48 -1.10 0.13 7.25
N PHE A 49 -2.37 0.14 6.96
CA PHE A 49 -3.37 -0.22 7.95
C PHE A 49 -4.21 -1.38 7.44
N THR A 50 -5.03 -1.90 8.31
CA THR A 50 -5.95 -2.95 7.95
C THR A 50 -7.30 -2.70 8.60
N TYR A 51 -8.27 -2.31 7.79
CA TYR A 51 -9.62 -2.17 8.26
C TYR A 51 -10.29 -3.50 8.19
N ASN A 52 -10.89 -3.90 9.25
CA ASN A 52 -11.72 -5.07 9.21
C ASN A 52 -13.13 -4.60 8.95
N ASP A 53 -13.64 -4.85 7.76
CA ASP A 53 -14.99 -4.43 7.39
C ASP A 53 -16.03 -5.26 8.11
N ASP A 54 -15.61 -6.40 8.63
CA ASP A 54 -16.48 -7.29 9.39
C ASP A 54 -16.55 -6.88 10.86
N SER A 55 -15.43 -6.39 11.39
CA SER A 55 -15.32 -6.02 12.79
C SER A 55 -15.23 -4.52 12.94
N LYS A 56 -15.36 -3.84 11.80
CA LYS A 56 -15.20 -2.40 11.70
C LYS A 56 -14.03 -1.87 12.52
N MET A 57 -12.98 -2.67 12.62
CA MET A 57 -11.85 -2.35 13.48
C MET A 57 -10.66 -1.90 12.63
N CYS A 58 -9.85 -1.03 13.20
CA CYS A 58 -8.69 -0.50 12.51
C CYS A 58 -7.39 -1.05 13.07
N HIS A 59 -6.73 -1.90 12.29
CA HIS A 59 -5.44 -2.43 12.68
C HIS A 59 -4.32 -1.68 11.96
N VAL A 60 -3.75 -0.67 12.62
CA VAL A 60 -2.58 0.03 12.09
C VAL A 60 -1.36 -0.87 12.19
N LYS A 61 -0.57 -0.93 11.14
CA LYS A 61 0.54 -1.87 11.09
C LYS A 61 1.83 -1.21 10.64
N GLU A 62 2.91 -1.96 10.80
CA GLU A 62 4.25 -1.45 10.55
C GLU A 62 4.71 -1.81 9.15
N GLY A 63 5.86 -1.26 8.78
CA GLY A 63 6.38 -1.29 7.42
C GLY A 63 6.15 -2.57 6.63
N LYS A 64 5.87 -2.37 5.34
CA LYS A 64 5.65 -3.43 4.37
C LYS A 64 4.37 -4.21 4.62
N PRO A 65 3.43 -4.13 3.67
CA PRO A 65 2.19 -4.86 3.69
C PRO A 65 2.37 -6.27 3.17
N ASP A 66 1.97 -7.22 3.99
CA ASP A 66 2.16 -8.62 3.70
C ASP A 66 0.80 -9.26 3.47
N LEU A 67 0.28 -9.09 2.27
CA LEU A 67 -1.10 -9.40 1.96
C LEU A 67 -1.43 -10.89 2.10
N TYR A 68 -2.58 -11.13 2.69
CA TYR A 68 -3.14 -12.46 2.84
C TYR A 68 -4.66 -12.34 2.79
N ASP A 69 -5.33 -13.45 2.49
CA ASP A 69 -6.78 -13.45 2.40
C ASP A 69 -7.42 -13.24 3.77
N LEU A 70 -8.23 -12.20 3.86
CA LEU A 70 -8.85 -11.79 5.11
C LEU A 70 -10.31 -11.45 4.87
N THR A 71 -11.22 -12.33 5.28
CA THR A 71 -12.65 -12.11 5.05
C THR A 71 -13.13 -10.78 5.63
N GLY A 72 -13.62 -9.91 4.75
CA GLY A 72 -14.04 -8.59 5.18
C GLY A 72 -12.86 -7.69 5.43
N GLY A 73 -11.68 -8.21 5.14
CA GLY A 73 -10.46 -7.47 5.33
C GLY A 73 -10.29 -6.39 4.29
N LYS A 74 -9.90 -5.23 4.75
CA LYS A 74 -9.62 -4.13 3.86
C LYS A 74 -8.28 -3.51 4.25
N THR A 75 -7.25 -3.86 3.50
CA THR A 75 -5.91 -3.34 3.74
C THR A 75 -5.51 -2.38 2.62
N ALA A 76 -4.70 -1.39 2.96
CA ALA A 76 -4.14 -0.47 2.00
C ALA A 76 -3.01 0.33 2.64
N SER A 77 -2.34 1.14 1.85
CA SER A 77 -1.25 1.97 2.34
C SER A 77 -1.79 3.19 3.06
N ARG A 78 -0.97 3.75 3.95
CA ARG A 78 -1.32 4.95 4.70
C ARG A 78 -1.60 6.11 3.76
N SER A 79 -1.07 6.01 2.55
CA SER A 79 -1.26 7.02 1.54
C SER A 79 -1.82 6.38 0.28
N CYS A 80 -2.96 6.88 -0.17
CA CYS A 80 -3.57 6.42 -1.40
C CYS A 80 -3.19 7.37 -2.53
N ASP A 81 -2.32 8.31 -2.21
CA ASP A 81 -1.92 9.34 -3.13
C ASP A 81 -1.06 8.77 -4.24
N ARG A 82 -1.44 9.09 -5.47
CA ARG A 82 -0.73 8.61 -6.64
C ARG A 82 -0.08 9.77 -7.37
N SER A 83 0.34 10.76 -6.61
CA SER A 83 0.93 11.97 -7.16
C SER A 83 2.40 11.76 -7.52
N CYS A 84 3.06 10.85 -6.81
CA CYS A 84 4.48 10.60 -7.05
C CYS A 84 4.66 9.38 -7.95
N PHE A 85 3.54 8.79 -8.37
CA PHE A 85 3.59 7.62 -9.24
C PHE A 85 3.72 8.04 -10.69
N GLU A 86 4.28 7.14 -11.47
CA GLU A 86 4.39 7.30 -12.91
C GLU A 86 3.57 6.21 -13.59
N GLN A 87 2.58 6.62 -14.35
CA GLN A 87 1.72 5.66 -15.01
C GLN A 87 2.33 5.16 -16.32
N HIS A 88 2.00 3.92 -16.64
CA HIS A 88 2.42 3.28 -17.88
C HIS A 88 3.94 3.15 -17.95
N VAL A 89 4.53 2.63 -16.90
CA VAL A 89 5.97 2.42 -16.87
C VAL A 89 6.30 1.30 -15.89
N SER A 90 7.15 0.40 -16.31
CA SER A 90 7.48 -0.77 -15.52
C SER A 90 8.98 -0.88 -15.32
N TYR A 91 9.40 -1.16 -14.10
CA TYR A 91 10.77 -1.58 -13.88
C TYR A 91 10.74 -3.06 -13.51
N GLU A 92 11.40 -3.88 -14.30
CA GLU A 92 11.38 -5.32 -14.08
C GLU A 92 12.76 -5.92 -14.29
N GLY A 93 13.48 -5.38 -15.26
CA GLY A 93 14.85 -5.81 -15.50
C GLY A 93 15.76 -5.44 -14.35
N ALA A 94 15.31 -4.51 -13.52
CA ALA A 94 16.06 -4.11 -12.34
C ALA A 94 15.99 -5.21 -11.29
N PRO A 95 17.11 -5.47 -10.59
CA PRO A 95 17.17 -6.47 -9.52
C PRO A 95 16.09 -6.25 -8.48
N ASP A 96 15.30 -7.29 -8.25
CA ASP A 96 14.19 -7.20 -7.30
C ASP A 96 14.72 -7.14 -5.88
N VAL A 97 14.14 -6.28 -5.08
CA VAL A 97 14.57 -6.10 -3.71
C VAL A 97 13.55 -6.69 -2.75
N MET A 98 12.36 -6.96 -3.27
CA MET A 98 11.26 -7.53 -2.49
C MET A 98 10.46 -8.49 -3.36
N THR A 99 9.63 -9.29 -2.70
CA THR A 99 8.75 -10.21 -3.40
C THR A 99 7.57 -9.46 -3.99
N ALA A 100 7.25 -9.75 -5.25
CA ALA A 100 6.10 -9.14 -5.90
C ALA A 100 4.83 -9.48 -5.14
N MET A 101 3.94 -8.53 -5.07
CA MET A 101 2.73 -8.68 -4.30
C MET A 101 1.52 -8.55 -5.20
N VAL A 102 0.42 -9.12 -4.78
CA VAL A 102 -0.83 -9.02 -5.54
C VAL A 102 -1.84 -8.17 -4.78
N THR A 103 -2.22 -7.05 -5.36
CA THR A 103 -3.10 -6.10 -4.71
C THR A 103 -3.93 -5.32 -5.73
N SER A 104 -5.02 -4.71 -5.28
CA SER A 104 -5.89 -3.98 -6.19
C SER A 104 -5.62 -2.48 -6.13
N GLN A 105 -4.44 -2.10 -5.63
CA GLN A 105 -4.04 -0.70 -5.54
C GLN A 105 -2.53 -0.57 -5.56
N SER A 106 -2.04 0.46 -6.24
CA SER A 106 -0.62 0.75 -6.29
C SER A 106 -0.15 1.29 -4.95
N ALA A 107 -1.12 1.68 -4.12
CA ALA A 107 -0.83 2.18 -2.79
C ALA A 107 -0.07 1.16 -1.96
N ASP A 108 -0.49 -0.10 -2.05
CA ASP A 108 0.11 -1.17 -1.26
C ASP A 108 1.59 -1.30 -1.57
N CYS A 109 1.92 -1.27 -2.86
CA CYS A 109 3.32 -1.36 -3.29
C CYS A 109 4.12 -0.16 -2.77
N GLN A 110 3.42 0.96 -2.60
CA GLN A 110 4.04 2.17 -2.08
C GLN A 110 4.49 1.97 -0.64
N ALA A 111 3.59 1.49 0.20
CA ALA A 111 3.90 1.25 1.61
C ALA A 111 4.96 0.17 1.73
N ALA A 112 4.96 -0.74 0.78
CA ALA A 112 5.89 -1.85 0.77
C ALA A 112 7.31 -1.37 0.54
N CYS A 113 7.50 -0.54 -0.46
CA CYS A 113 8.84 -0.11 -0.82
C CYS A 113 9.28 1.08 0.02
N ALA A 114 8.33 1.92 0.43
CA ALA A 114 8.65 3.11 1.22
C ALA A 114 9.14 2.73 2.61
N ALA A 115 8.90 1.49 3.00
CA ALA A 115 9.26 1.03 4.33
C ALA A 115 10.58 0.28 4.34
N ASP A 116 11.03 -0.17 3.18
CA ASP A 116 12.21 -1.01 3.13
C ASP A 116 13.44 -0.20 2.76
N PRO A 117 14.53 -0.37 3.52
CA PRO A 117 15.76 0.41 3.33
C PRO A 117 16.58 -0.08 2.15
N SER A 118 16.21 -1.22 1.62
CA SER A 118 16.91 -1.80 0.49
C SER A 118 16.08 -1.59 -0.78
N CYS A 119 14.90 -0.99 -0.61
CA CYS A 119 13.99 -0.79 -1.72
C CYS A 119 14.03 0.67 -2.18
N GLU A 120 14.09 0.88 -3.48
CA GLU A 120 14.13 2.22 -4.04
C GLU A 120 12.81 2.55 -4.71
N ILE A 121 12.43 1.71 -5.65
CA ILE A 121 11.27 1.96 -6.47
C ILE A 121 10.32 0.77 -6.48
N PHE A 122 9.17 0.94 -7.13
CA PHE A 122 8.18 -0.12 -7.27
C PHE A 122 7.33 0.11 -8.51
N THR A 123 6.58 -0.91 -8.89
CA THR A 123 5.64 -0.81 -10.00
C THR A 123 4.42 -1.68 -9.71
N TYR A 124 3.25 -1.13 -9.97
CA TYR A 124 2.01 -1.84 -9.78
C TYR A 124 1.40 -2.20 -11.13
N ASN A 125 1.38 -3.49 -11.40
CA ASN A 125 0.70 -4.05 -12.52
C ASN A 125 -0.80 -3.94 -12.29
N GLU A 126 -1.42 -3.00 -12.97
CA GLU A 126 -2.85 -2.74 -12.83
C GLU A 126 -3.63 -3.84 -13.54
N HIS A 127 -2.95 -4.57 -14.40
CA HIS A 127 -3.55 -5.68 -15.12
C HIS A 127 -3.35 -6.98 -14.35
N ASP A 128 -2.12 -7.21 -13.92
CA ASP A 128 -1.76 -8.41 -13.19
C ASP A 128 -2.14 -8.29 -11.73
N GLN A 129 -2.61 -7.10 -11.36
CA GLN A 129 -2.96 -6.78 -9.97
C GLN A 129 -1.76 -7.01 -9.08
N LYS A 130 -0.58 -6.59 -9.55
CA LYS A 130 0.65 -7.04 -8.95
C LYS A 130 1.68 -5.94 -8.75
N CYS A 131 2.37 -5.99 -7.63
CA CYS A 131 3.44 -5.08 -7.34
C CYS A 131 4.77 -5.71 -7.76
N THR A 132 5.74 -4.88 -8.06
CA THR A 132 7.11 -5.31 -8.21
C THR A 132 8.03 -4.31 -7.54
N PHE A 133 9.05 -4.79 -6.86
CA PHE A 133 9.93 -3.91 -6.10
C PHE A 133 11.36 -4.07 -6.60
N LYS A 134 11.96 -2.95 -6.99
CA LYS A 134 13.27 -2.98 -7.62
C LYS A 134 14.18 -1.95 -6.98
N GLY A 135 15.47 -2.28 -6.90
CA GLY A 135 16.42 -1.44 -6.23
C GLY A 135 17.34 -0.71 -7.18
N ARG A 136 18.50 -0.34 -6.67
CA ARG A 136 19.47 0.45 -7.44
C ARG A 136 19.84 -0.23 -8.75
N GLY A 137 19.72 0.51 -9.84
CA GLY A 137 19.91 -0.04 -11.17
C GLY A 137 18.64 0.06 -11.98
N PHE A 138 17.59 0.55 -11.34
CA PHE A 138 16.27 0.66 -11.94
C PHE A 138 16.26 1.69 -13.08
N SER A 139 17.17 2.64 -13.03
CA SER A 139 17.20 3.76 -13.97
C SER A 139 17.37 3.28 -15.42
N ALA A 140 18.20 2.27 -15.60
CA ALA A 140 18.49 1.75 -16.94
C ALA A 140 17.39 0.81 -17.41
N PHE A 141 16.79 0.10 -16.47
CA PHE A 141 15.79 -0.91 -16.80
C PHE A 141 14.39 -0.34 -16.69
N LYS A 142 14.26 0.96 -16.94
CA LYS A 142 12.95 1.60 -16.92
C LYS A 142 12.23 1.38 -18.26
N GLU A 143 11.05 0.81 -18.19
CA GLU A 143 10.25 0.55 -19.37
C GLU A 143 9.10 1.56 -19.44
N ARG A 144 9.14 2.46 -20.40
CA ARG A 144 8.12 3.50 -20.49
C ARG A 144 7.11 3.16 -21.57
N GLY A 145 5.85 3.43 -21.27
CA GLY A 145 4.79 3.17 -22.22
C GLY A 145 4.19 1.80 -22.02
N VAL A 146 4.24 1.34 -20.78
CA VAL A 146 3.76 0.01 -20.43
C VAL A 146 2.33 0.08 -19.94
N LEU A 147 1.39 -0.43 -20.73
CA LEU A 147 0.00 -0.41 -20.33
C LEU A 147 -0.28 -1.42 -19.24
N GLY A 148 -1.01 -0.98 -18.23
CA GLY A 148 -1.38 -1.86 -17.16
C GLY A 148 -0.38 -1.87 -16.04
N VAL A 149 0.42 -0.81 -15.93
CA VAL A 149 1.37 -0.70 -14.83
C VAL A 149 1.52 0.73 -14.36
N THR A 150 1.85 0.87 -13.10
CA THR A 150 2.08 2.15 -12.47
C THR A 150 3.32 2.09 -11.60
N SER A 151 4.28 2.94 -11.84
CA SER A 151 5.54 2.86 -11.10
C SER A 151 5.62 3.99 -10.08
N GLY A 152 6.42 3.77 -9.06
CA GLY A 152 6.65 4.79 -8.07
C GLY A 152 8.09 4.76 -7.61
N PRO A 153 8.86 5.80 -7.92
CA PRO A 153 10.26 5.86 -7.56
C PRO A 153 10.52 6.56 -6.24
N LYS A 154 9.50 6.59 -5.38
CA LYS A 154 9.60 7.37 -4.15
C LYS A 154 8.89 6.71 -2.98
N GLN A 155 8.77 7.48 -1.90
CA GLN A 155 8.06 7.05 -0.70
C GLN A 155 6.56 7.25 -0.87
N PHE A 156 5.85 7.35 0.24
CA PHE A 156 4.45 7.74 0.22
C PHE A 156 4.32 9.12 -0.42
N CYS A 157 3.59 9.21 -1.52
CA CYS A 157 3.52 10.44 -2.32
C CYS A 157 3.12 11.67 -1.51
N ASP A 158 2.46 11.49 -0.38
CA ASP A 158 2.04 12.63 0.43
C ASP A 158 2.68 12.61 1.81
N GLU A 159 3.32 11.50 2.16
CA GLU A 159 3.84 11.32 3.50
C GLU A 159 5.38 11.34 3.51
N GLY A 160 5.99 11.37 2.33
CA GLY A 160 7.44 11.33 2.28
C GLY A 160 8.01 11.60 0.89
N GLY A 161 7.42 10.99 -0.13
CA GLY A 161 7.94 11.11 -1.47
C GLY A 161 7.78 12.50 -2.03
N SER A 1 -22.57 11.14 14.86
CA SER A 1 -21.61 10.08 15.23
C SER A 1 -20.24 10.39 14.67
N SER A 2 -19.25 10.51 15.55
CA SER A 2 -17.89 10.80 15.15
C SER A 2 -17.23 9.55 14.57
N GLU A 3 -17.72 8.39 14.97
CA GLU A 3 -17.25 7.12 14.42
C GLU A 3 -18.32 6.55 13.48
N PRO A 4 -18.16 6.76 12.16
CA PRO A 4 -19.09 6.26 11.16
C PRO A 4 -18.72 4.86 10.68
N ALA A 5 -19.55 4.32 9.80
CA ALA A 5 -19.29 3.03 9.18
C ALA A 5 -18.13 3.13 8.20
N LYS A 6 -17.52 1.99 7.89
CA LYS A 6 -16.43 1.94 6.91
C LYS A 6 -16.80 2.70 5.62
N LEU A 7 -16.33 3.94 5.50
CA LEU A 7 -16.62 4.75 4.33
C LEU A 7 -15.59 4.51 3.24
N ASP A 8 -16.06 4.28 2.02
CA ASP A 8 -15.20 3.84 0.91
C ASP A 8 -14.05 4.81 0.66
N LEU A 9 -12.83 4.32 0.80
CA LEU A 9 -11.63 5.14 0.67
C LEU A 9 -11.11 5.13 -0.76
N SER A 10 -10.02 5.85 -1.00
CA SER A 10 -9.35 5.81 -2.29
C SER A 10 -8.63 4.48 -2.47
N CYS A 11 -7.75 4.13 -1.53
CA CYS A 11 -7.06 2.86 -1.59
C CYS A 11 -7.63 1.91 -0.55
N VAL A 12 -8.25 0.85 -1.04
CA VAL A 12 -8.73 -0.21 -0.17
C VAL A 12 -8.92 -1.50 -0.99
N HIS A 13 -8.30 -2.58 -0.52
CA HIS A 13 -8.41 -3.90 -1.13
C HIS A 13 -9.85 -4.27 -1.43
N SER A 14 -10.68 -4.19 -0.38
CA SER A 14 -12.12 -4.50 -0.40
C SER A 14 -12.44 -5.96 -0.79
N ASP A 15 -11.60 -6.57 -1.62
CA ASP A 15 -11.76 -7.98 -1.99
C ASP A 15 -11.18 -8.89 -0.91
N ASN A 16 -11.62 -8.64 0.33
CA ASN A 16 -11.25 -9.42 1.52
C ASN A 16 -9.76 -9.75 1.60
N LYS A 17 -8.98 -8.80 2.11
CA LYS A 17 -7.54 -8.99 2.25
C LYS A 17 -6.99 -8.32 3.49
N GLY A 18 -6.03 -8.99 4.13
CA GLY A 18 -5.35 -8.47 5.30
C GLY A 18 -3.87 -8.34 5.07
N SER A 19 -3.12 -7.87 6.05
CA SER A 19 -1.68 -7.78 5.94
C SER A 19 -1.01 -8.16 7.25
N ARG A 20 -0.02 -9.02 7.16
CA ARG A 20 0.73 -9.43 8.33
C ARG A 20 1.76 -8.38 8.68
N ALA A 21 1.68 -7.87 9.89
CA ALA A 21 2.55 -6.80 10.37
C ALA A 21 2.10 -6.40 11.76
N PRO A 22 2.99 -5.82 12.58
CA PRO A 22 2.68 -5.55 13.98
C PRO A 22 1.61 -4.48 14.11
N THR A 23 0.55 -4.78 14.84
CA THR A 23 -0.47 -3.80 15.09
C THR A 23 0.05 -2.78 16.08
N ILE A 24 0.38 -1.62 15.56
CA ILE A 24 0.95 -0.55 16.34
C ILE A 24 -0.05 -0.03 17.36
N GLY A 25 0.33 -0.12 18.62
CA GLY A 25 -0.57 0.30 19.69
C GLY A 25 -1.77 -0.60 19.82
N GLU A 26 -2.95 -0.03 19.57
CA GLU A 26 -4.19 -0.78 19.66
C GLU A 26 -5.02 -0.58 18.39
N PRO A 27 -5.89 -1.54 18.03
CA PRO A 27 -6.81 -1.37 16.92
C PRO A 27 -8.01 -0.52 17.32
N VAL A 28 -8.60 0.11 16.32
CA VAL A 28 -9.74 0.99 16.54
C VAL A 28 -11.00 0.38 15.96
N PRO A 29 -11.89 -0.12 16.80
CA PRO A 29 -13.12 -0.74 16.34
C PRO A 29 -14.22 0.28 16.06
N ASP A 30 -15.11 -0.09 15.13
CA ASP A 30 -16.25 0.75 14.79
C ASP A 30 -15.78 2.09 14.21
N VAL A 31 -14.89 2.02 13.22
CA VAL A 31 -14.32 3.22 12.61
C VAL A 31 -14.38 3.11 11.10
N SER A 32 -14.31 4.25 10.45
CA SER A 32 -14.41 4.31 9.01
C SER A 32 -13.06 4.01 8.37
N LEU A 33 -13.04 3.75 7.06
CA LEU A 33 -11.77 3.58 6.36
C LEU A 33 -10.99 4.86 6.48
N GLU A 34 -11.71 5.95 6.30
CA GLU A 34 -11.14 7.28 6.34
C GLU A 34 -10.64 7.59 7.74
N GLN A 35 -11.38 7.14 8.74
CA GLN A 35 -11.00 7.34 10.13
C GLN A 35 -9.78 6.50 10.48
N CYS A 36 -9.75 5.27 9.98
CA CYS A 36 -8.62 4.39 10.21
C CYS A 36 -7.41 4.88 9.43
N ALA A 37 -7.67 5.47 8.27
CA ALA A 37 -6.62 6.08 7.48
C ALA A 37 -6.03 7.26 8.25
N ALA A 38 -6.89 7.99 8.94
CA ALA A 38 -6.47 9.08 9.80
C ALA A 38 -5.72 8.53 11.01
N GLN A 39 -6.10 7.33 11.41
CA GLN A 39 -5.47 6.65 12.54
C GLN A 39 -4.01 6.36 12.24
N CYS A 40 -3.73 5.85 11.06
CA CYS A 40 -2.36 5.53 10.67
C CYS A 40 -1.55 6.81 10.50
N LYS A 41 -2.24 7.93 10.32
CA LYS A 41 -1.58 9.22 10.26
C LYS A 41 -1.37 9.75 11.67
N ALA A 42 -2.25 9.37 12.59
CA ALA A 42 -2.16 9.78 13.97
C ALA A 42 -1.05 9.04 14.70
N VAL A 43 -0.84 7.78 14.32
CA VAL A 43 0.23 6.99 14.92
C VAL A 43 1.48 7.04 14.06
N ASP A 44 2.56 7.53 14.65
CA ASP A 44 3.82 7.64 13.95
C ASP A 44 4.54 6.30 13.93
N GLY A 45 4.91 5.88 12.76
CA GLY A 45 5.55 4.60 12.60
C GLY A 45 4.67 3.61 11.86
N CYS A 46 3.65 4.14 11.19
CA CYS A 46 2.70 3.31 10.48
C CYS A 46 2.86 3.50 8.98
N THR A 47 2.82 2.41 8.24
CA THR A 47 2.97 2.47 6.81
C THR A 47 1.68 2.07 6.11
N HIS A 48 0.93 1.21 6.77
CA HIS A 48 -0.33 0.73 6.23
C HIS A 48 -1.22 0.25 7.36
N PHE A 49 -2.46 0.04 7.03
CA PHE A 49 -3.46 -0.34 8.00
C PHE A 49 -4.31 -1.46 7.44
N THR A 50 -5.17 -2.01 8.26
CA THR A 50 -6.10 -3.01 7.83
C THR A 50 -7.45 -2.76 8.48
N TYR A 51 -8.40 -2.29 7.67
CA TYR A 51 -9.74 -2.09 8.15
C TYR A 51 -10.50 -3.38 8.04
N ASN A 52 -10.89 -3.91 9.15
CA ASN A 52 -11.76 -5.05 9.13
C ASN A 52 -13.17 -4.56 8.93
N ASP A 53 -13.74 -4.82 7.78
CA ASP A 53 -15.09 -4.38 7.48
C ASP A 53 -16.10 -5.19 8.27
N ASP A 54 -15.70 -6.39 8.68
CA ASP A 54 -16.55 -7.28 9.46
C ASP A 54 -16.60 -6.83 10.93
N SER A 55 -15.45 -6.42 11.46
CA SER A 55 -15.34 -5.99 12.85
C SER A 55 -15.23 -4.47 12.93
N LYS A 56 -15.37 -3.83 11.77
CA LYS A 56 -15.19 -2.39 11.62
C LYS A 56 -13.95 -1.88 12.36
N MET A 57 -12.95 -2.73 12.51
CA MET A 57 -11.81 -2.42 13.36
C MET A 57 -10.62 -1.96 12.51
N CYS A 58 -9.82 -1.10 13.08
CA CYS A 58 -8.66 -0.55 12.39
C CYS A 58 -7.38 -1.13 12.96
N HIS A 59 -6.67 -1.92 12.19
CA HIS A 59 -5.38 -2.42 12.60
C HIS A 59 -4.26 -1.63 11.91
N VAL A 60 -3.74 -0.62 12.60
CA VAL A 60 -2.57 0.11 12.10
C VAL A 60 -1.34 -0.77 12.21
N LYS A 61 -0.59 -0.86 11.12
CA LYS A 61 0.52 -1.80 11.06
C LYS A 61 1.80 -1.15 10.58
N GLU A 62 2.90 -1.86 10.78
CA GLU A 62 4.22 -1.32 10.51
C GLU A 62 4.71 -1.72 9.12
N GLY A 63 5.82 -1.12 8.73
CA GLY A 63 6.32 -1.15 7.35
C GLY A 63 6.16 -2.46 6.60
N LYS A 64 5.79 -2.30 5.31
CA LYS A 64 5.60 -3.39 4.37
C LYS A 64 4.36 -4.22 4.66
N PRO A 65 3.45 -4.28 3.69
CA PRO A 65 2.25 -5.08 3.77
C PRO A 65 2.53 -6.53 3.40
N ASP A 66 1.80 -7.41 4.04
CA ASP A 66 1.98 -8.84 3.86
C ASP A 66 0.61 -9.47 3.66
N LEU A 67 0.12 -9.36 2.45
CA LEU A 67 -1.26 -9.67 2.12
C LEU A 67 -1.63 -11.14 2.35
N TYR A 68 -2.80 -11.32 2.92
CA TYR A 68 -3.36 -12.65 3.18
C TYR A 68 -4.87 -12.62 3.07
N ASP A 69 -5.48 -13.80 3.03
CA ASP A 69 -6.92 -13.92 2.95
C ASP A 69 -7.58 -13.45 4.23
N LEU A 70 -8.38 -12.41 4.14
CA LEU A 70 -9.07 -11.85 5.29
C LEU A 70 -10.49 -11.47 4.91
N THR A 71 -11.46 -12.28 5.32
CA THR A 71 -12.86 -12.01 5.03
C THR A 71 -13.29 -10.65 5.58
N GLY A 72 -13.85 -9.82 4.70
CA GLY A 72 -14.22 -8.48 5.09
C GLY A 72 -12.99 -7.60 5.28
N GLY A 73 -11.85 -8.13 4.90
CA GLY A 73 -10.60 -7.42 5.08
C GLY A 73 -10.39 -6.34 4.06
N LYS A 74 -10.20 -5.15 4.57
CA LYS A 74 -9.84 -4.01 3.74
C LYS A 74 -8.48 -3.47 4.14
N THR A 75 -7.46 -3.82 3.39
CA THR A 75 -6.12 -3.33 3.65
C THR A 75 -5.71 -2.34 2.59
N ALA A 76 -4.83 -1.40 2.95
CA ALA A 76 -4.23 -0.48 2.00
C ALA A 76 -3.09 0.28 2.64
N SER A 77 -2.39 1.06 1.85
CA SER A 77 -1.33 1.91 2.35
C SER A 77 -1.90 3.18 2.96
N ARG A 78 -1.11 3.81 3.82
CA ARG A 78 -1.50 5.05 4.47
C ARG A 78 -1.67 6.18 3.47
N SER A 79 -1.01 6.02 2.32
CA SER A 79 -1.10 7.00 1.26
C SER A 79 -1.63 6.34 -0.01
N CYS A 80 -2.86 6.69 -0.36
CA CYS A 80 -3.47 6.20 -1.59
C CYS A 80 -3.05 7.09 -2.75
N ASP A 81 -2.39 8.19 -2.40
CA ASP A 81 -1.99 9.21 -3.35
C ASP A 81 -1.10 8.62 -4.44
N ARG A 82 -1.44 8.90 -5.69
CA ARG A 82 -0.62 8.48 -6.81
C ARG A 82 0.24 9.63 -7.31
N SER A 83 0.37 10.65 -6.46
CA SER A 83 1.09 11.87 -6.80
C SER A 83 2.56 11.60 -7.13
N CYS A 84 3.19 10.67 -6.42
CA CYS A 84 4.60 10.42 -6.62
C CYS A 84 4.82 9.23 -7.55
N PHE A 85 3.73 8.72 -8.11
CA PHE A 85 3.81 7.55 -8.98
C PHE A 85 4.08 7.97 -10.42
N GLU A 86 4.51 7.01 -11.21
CA GLU A 86 4.68 7.15 -12.64
C GLU A 86 3.77 6.14 -13.31
N GLN A 87 2.76 6.60 -14.04
CA GLN A 87 1.87 5.68 -14.70
C GLN A 87 2.35 5.35 -16.10
N HIS A 88 2.02 4.13 -16.52
CA HIS A 88 2.38 3.60 -17.84
C HIS A 88 3.89 3.43 -17.97
N VAL A 89 4.49 2.81 -16.98
CA VAL A 89 5.92 2.57 -16.99
C VAL A 89 6.25 1.40 -16.07
N SER A 90 7.11 0.53 -16.55
CA SER A 90 7.43 -0.69 -15.84
C SER A 90 8.92 -0.83 -15.65
N TYR A 91 9.33 -1.12 -14.42
CA TYR A 91 10.69 -1.55 -14.16
C TYR A 91 10.66 -3.02 -13.78
N GLU A 92 11.36 -3.85 -14.54
CA GLU A 92 11.33 -5.29 -14.30
C GLU A 92 12.73 -5.87 -14.33
N GLY A 93 13.50 -5.52 -15.35
CA GLY A 93 14.85 -6.04 -15.49
C GLY A 93 15.77 -5.55 -14.38
N ALA A 94 15.30 -4.56 -13.63
CA ALA A 94 16.06 -4.03 -12.51
C ALA A 94 16.14 -5.06 -11.40
N PRO A 95 17.30 -5.16 -10.74
CA PRO A 95 17.50 -6.09 -9.62
C PRO A 95 16.40 -5.98 -8.57
N ASP A 96 15.69 -7.08 -8.35
CA ASP A 96 14.60 -7.10 -7.40
C ASP A 96 15.13 -7.01 -6.00
N VAL A 97 14.47 -6.23 -5.18
CA VAL A 97 14.88 -6.02 -3.82
C VAL A 97 13.87 -6.63 -2.85
N MET A 98 12.68 -6.90 -3.38
CA MET A 98 11.61 -7.51 -2.59
C MET A 98 10.81 -8.46 -3.47
N THR A 99 10.08 -9.35 -2.84
CA THR A 99 9.22 -10.27 -3.55
C THR A 99 7.97 -9.55 -4.04
N ALA A 100 7.56 -9.82 -5.27
CA ALA A 100 6.36 -9.22 -5.84
C ALA A 100 5.15 -9.51 -4.98
N MET A 101 4.18 -8.62 -5.07
CA MET A 101 2.97 -8.74 -4.30
C MET A 101 1.75 -8.64 -5.20
N VAL A 102 0.65 -9.19 -4.77
CA VAL A 102 -0.58 -9.12 -5.52
C VAL A 102 -1.62 -8.32 -4.74
N THR A 103 -2.00 -7.16 -5.27
CA THR A 103 -2.87 -6.25 -4.55
C THR A 103 -3.79 -5.48 -5.51
N SER A 104 -4.92 -4.99 -5.00
CA SER A 104 -5.88 -4.30 -5.84
C SER A 104 -5.59 -2.81 -5.89
N GLN A 105 -4.40 -2.41 -5.45
CA GLN A 105 -4.02 -0.99 -5.42
C GLN A 105 -2.51 -0.83 -5.50
N SER A 106 -2.08 0.23 -6.15
CA SER A 106 -0.66 0.56 -6.24
C SER A 106 -0.15 1.10 -4.92
N ALA A 107 -1.10 1.47 -4.06
CA ALA A 107 -0.81 2.00 -2.74
C ALA A 107 0.03 1.02 -1.92
N ASP A 108 -0.35 -0.24 -1.95
CA ASP A 108 0.32 -1.27 -1.18
C ASP A 108 1.79 -1.37 -1.55
N CYS A 109 2.08 -1.33 -2.85
CA CYS A 109 3.46 -1.42 -3.31
C CYS A 109 4.24 -0.19 -2.87
N GLN A 110 3.54 0.92 -2.68
CA GLN A 110 4.15 2.16 -2.20
C GLN A 110 4.65 1.97 -0.77
N ALA A 111 3.73 1.60 0.11
CA ALA A 111 4.06 1.39 1.51
C ALA A 111 5.06 0.26 1.68
N ALA A 112 5.01 -0.71 0.76
CA ALA A 112 5.97 -1.80 0.76
C ALA A 112 7.38 -1.29 0.54
N CYS A 113 7.58 -0.63 -0.59
CA CYS A 113 8.90 -0.22 -0.99
C CYS A 113 9.41 0.94 -0.15
N ALA A 114 8.52 1.86 0.20
CA ALA A 114 8.91 3.06 0.94
C ALA A 114 9.36 2.72 2.35
N ALA A 115 8.90 1.60 2.86
CA ALA A 115 9.24 1.19 4.21
C ALA A 115 10.57 0.44 4.25
N ASP A 116 10.94 -0.16 3.14
CA ASP A 116 12.11 -1.02 3.11
C ASP A 116 13.36 -0.20 2.80
N PRO A 117 14.47 -0.51 3.50
CA PRO A 117 15.73 0.20 3.35
C PRO A 117 16.50 -0.21 2.09
N SER A 118 16.16 -1.37 1.55
CA SER A 118 16.86 -1.87 0.38
C SER A 118 16.02 -1.64 -0.88
N CYS A 119 14.86 -1.05 -0.69
CA CYS A 119 13.96 -0.81 -1.80
C CYS A 119 14.01 0.65 -2.22
N GLU A 120 14.06 0.87 -3.54
CA GLU A 120 14.11 2.22 -4.09
C GLU A 120 12.84 2.53 -4.84
N ILE A 121 12.51 1.66 -5.79
CA ILE A 121 11.35 1.89 -6.64
C ILE A 121 10.44 0.67 -6.68
N PHE A 122 9.28 0.84 -7.30
CA PHE A 122 8.30 -0.23 -7.43
C PHE A 122 7.45 -0.01 -8.67
N THR A 123 6.70 -1.03 -9.05
CA THR A 123 5.73 -0.93 -10.14
C THR A 123 4.53 -1.81 -9.85
N TYR A 124 3.36 -1.28 -10.10
CA TYR A 124 2.12 -1.99 -9.88
C TYR A 124 1.41 -2.28 -11.19
N ASN A 125 1.30 -3.55 -11.50
CA ASN A 125 0.52 -4.02 -12.63
C ASN A 125 -0.95 -3.93 -12.29
N GLU A 126 -1.64 -3.03 -12.94
CA GLU A 126 -3.04 -2.77 -12.68
C GLU A 126 -3.89 -3.85 -13.32
N HIS A 127 -3.32 -4.56 -14.29
CA HIS A 127 -4.00 -5.62 -14.98
C HIS A 127 -3.90 -6.92 -14.19
N ASP A 128 -2.71 -7.16 -13.67
CA ASP A 128 -2.42 -8.41 -12.97
C ASP A 128 -2.61 -8.24 -11.47
N GLN A 129 -2.84 -6.98 -11.08
CA GLN A 129 -2.96 -6.61 -9.68
C GLN A 129 -1.70 -7.02 -8.93
N LYS A 130 -0.55 -6.56 -9.40
CA LYS A 130 0.71 -7.05 -8.89
C LYS A 130 1.72 -5.93 -8.68
N CYS A 131 2.58 -6.11 -7.70
CA CYS A 131 3.65 -5.17 -7.42
C CYS A 131 4.99 -5.81 -7.78
N THR A 132 5.92 -5.00 -8.22
CA THR A 132 7.30 -5.45 -8.41
C THR A 132 8.24 -4.44 -7.76
N PHE A 133 9.20 -4.93 -6.99
CA PHE A 133 10.08 -4.03 -6.25
C PHE A 133 11.51 -4.16 -6.75
N LYS A 134 12.08 -3.05 -7.17
CA LYS A 134 13.36 -3.04 -7.84
C LYS A 134 14.27 -1.97 -7.24
N GLY A 135 15.57 -2.25 -7.24
CA GLY A 135 16.52 -1.34 -6.64
C GLY A 135 17.18 -0.43 -7.65
N ARG A 136 18.34 0.10 -7.28
CA ARG A 136 19.06 1.06 -8.10
C ARG A 136 19.48 0.47 -9.44
N GLY A 137 19.58 1.33 -10.44
CA GLY A 137 19.84 0.86 -11.79
C GLY A 137 18.56 0.65 -12.56
N PHE A 138 17.46 0.96 -11.89
CA PHE A 138 16.12 0.77 -12.43
C PHE A 138 15.90 1.56 -13.71
N SER A 139 16.58 2.70 -13.84
CA SER A 139 16.42 3.57 -15.00
C SER A 139 16.92 2.89 -16.28
N ALA A 140 17.92 2.03 -16.14
CA ALA A 140 18.46 1.31 -17.28
C ALA A 140 17.50 0.23 -17.73
N PHE A 141 16.58 -0.12 -16.85
CA PHE A 141 15.60 -1.16 -17.12
C PHE A 141 14.21 -0.56 -17.13
N LYS A 142 14.15 0.73 -17.37
CA LYS A 142 12.89 1.44 -17.36
C LYS A 142 12.15 1.28 -18.68
N GLU A 143 10.87 0.96 -18.61
CA GLU A 143 10.04 0.81 -19.79
C GLU A 143 8.96 1.88 -19.80
N ARG A 144 8.98 2.74 -20.80
CA ARG A 144 8.01 3.83 -20.89
C ARG A 144 6.85 3.44 -21.81
N GLY A 145 5.63 3.77 -21.38
CA GLY A 145 4.47 3.54 -22.21
C GLY A 145 3.86 2.18 -22.00
N VAL A 146 3.98 1.68 -20.78
CA VAL A 146 3.49 0.36 -20.44
C VAL A 146 2.07 0.44 -19.91
N LEU A 147 1.12 -0.10 -20.66
CA LEU A 147 -0.27 -0.04 -20.26
C LEU A 147 -0.55 -0.98 -19.11
N GLY A 148 -1.25 -0.47 -18.11
CA GLY A 148 -1.66 -1.29 -17.00
C GLY A 148 -0.62 -1.40 -15.92
N VAL A 149 0.26 -0.43 -15.81
CA VAL A 149 1.23 -0.43 -14.73
C VAL A 149 1.42 0.96 -14.15
N THR A 150 1.79 0.98 -12.90
CA THR A 150 2.05 2.19 -12.17
C THR A 150 3.30 2.05 -11.32
N SER A 151 4.32 2.82 -11.60
CA SER A 151 5.55 2.71 -10.85
C SER A 151 5.71 3.89 -9.91
N GLY A 152 6.65 3.78 -9.00
CA GLY A 152 6.96 4.88 -8.12
C GLY A 152 8.38 4.81 -7.65
N PRO A 153 9.17 5.86 -7.87
CA PRO A 153 10.56 5.91 -7.48
C PRO A 153 10.79 6.57 -6.14
N LYS A 154 9.76 6.66 -5.32
CA LYS A 154 9.86 7.42 -4.07
C LYS A 154 9.07 6.77 -2.94
N GLN A 155 8.92 7.53 -1.86
CA GLN A 155 8.22 7.09 -0.66
C GLN A 155 6.71 7.27 -0.81
N PHE A 156 6.03 7.31 0.32
CA PHE A 156 4.62 7.70 0.37
C PHE A 156 4.47 9.07 -0.28
N CYS A 157 3.52 9.23 -1.19
CA CYS A 157 3.43 10.45 -2.00
C CYS A 157 2.89 11.65 -1.22
N ASP A 158 3.28 11.76 0.04
CA ASP A 158 2.88 12.87 0.91
C ASP A 158 3.43 12.64 2.31
N GLU A 159 3.42 11.37 2.70
CA GLU A 159 3.85 10.96 4.03
C GLU A 159 5.38 10.86 4.11
N GLY A 160 6.05 10.94 2.96
CA GLY A 160 7.49 10.81 2.93
C GLY A 160 8.12 11.47 1.72
N GLY A 161 7.58 11.19 0.55
CA GLY A 161 8.11 11.76 -0.68
C GLY A 161 7.50 13.11 -0.99
N SER A 1 -15.69 9.75 18.48
CA SER A 1 -16.80 10.72 18.31
C SER A 1 -17.32 10.68 16.87
N SER A 2 -16.51 11.12 15.92
CA SER A 2 -16.88 11.07 14.52
C SER A 2 -16.61 9.67 13.98
N GLU A 3 -17.57 8.77 14.20
CA GLU A 3 -17.38 7.36 13.91
C GLU A 3 -18.49 6.83 13.00
N PRO A 4 -18.33 6.98 11.68
CA PRO A 4 -19.25 6.41 10.71
C PRO A 4 -18.85 4.99 10.32
N ALA A 5 -19.71 4.33 9.58
CA ALA A 5 -19.42 3.00 9.06
C ALA A 5 -18.30 3.08 8.02
N LYS A 6 -17.64 1.94 7.79
CA LYS A 6 -16.55 1.85 6.80
C LYS A 6 -16.91 2.59 5.51
N LEU A 7 -16.37 3.80 5.34
CA LEU A 7 -16.61 4.59 4.13
C LEU A 7 -15.56 4.26 3.08
N ASP A 8 -16.01 3.84 1.90
CA ASP A 8 -15.12 3.41 0.82
C ASP A 8 -14.03 4.46 0.54
N LEU A 9 -12.78 4.04 0.72
CA LEU A 9 -11.64 4.93 0.60
C LEU A 9 -11.08 4.90 -0.82
N SER A 10 -10.09 5.74 -1.09
CA SER A 10 -9.41 5.75 -2.38
C SER A 10 -8.59 4.48 -2.55
N CYS A 11 -7.78 4.13 -1.56
CA CYS A 11 -7.03 2.90 -1.59
C CYS A 11 -7.60 1.93 -0.56
N VAL A 12 -8.19 0.87 -1.05
CA VAL A 12 -8.64 -0.22 -0.19
C VAL A 12 -8.84 -1.48 -1.01
N HIS A 13 -8.24 -2.58 -0.55
CA HIS A 13 -8.42 -3.88 -1.19
C HIS A 13 -9.89 -4.16 -1.47
N SER A 14 -10.70 -4.05 -0.41
CA SER A 14 -12.15 -4.21 -0.49
C SER A 14 -12.57 -5.66 -0.73
N ASP A 15 -11.82 -6.38 -1.57
CA ASP A 15 -12.15 -7.78 -1.87
C ASP A 15 -11.59 -8.72 -0.78
N ASN A 16 -11.69 -8.27 0.46
CA ASN A 16 -11.34 -9.07 1.64
C ASN A 16 -9.86 -9.43 1.66
N LYS A 17 -9.03 -8.50 2.16
CA LYS A 17 -7.59 -8.72 2.29
C LYS A 17 -7.03 -8.05 3.52
N GLY A 18 -6.04 -8.69 4.11
CA GLY A 18 -5.32 -8.11 5.21
C GLY A 18 -3.84 -8.18 4.96
N SER A 19 -3.02 -7.80 5.93
CA SER A 19 -1.59 -7.80 5.73
C SER A 19 -0.87 -8.15 7.03
N ARG A 20 0.05 -9.09 6.94
CA ARG A 20 0.75 -9.55 8.12
C ARG A 20 1.80 -8.54 8.53
N ALA A 21 1.66 -8.08 9.77
CA ALA A 21 2.51 -7.03 10.30
C ALA A 21 2.01 -6.69 11.71
N PRO A 22 2.89 -6.17 12.58
CA PRO A 22 2.52 -5.89 13.98
C PRO A 22 1.52 -4.75 14.07
N THR A 23 0.44 -4.98 14.81
CA THR A 23 -0.53 -3.95 15.06
C THR A 23 0.03 -2.94 16.04
N ILE A 24 0.38 -1.79 15.52
CA ILE A 24 0.94 -0.71 16.32
C ILE A 24 -0.08 -0.20 17.31
N GLY A 25 0.26 -0.28 18.59
CA GLY A 25 -0.67 0.10 19.62
C GLY A 25 -1.87 -0.83 19.67
N GLU A 26 -3.06 -0.26 19.81
CA GLU A 26 -4.28 -1.04 19.79
C GLU A 26 -5.21 -0.57 18.68
N PRO A 27 -6.03 -1.48 18.13
CA PRO A 27 -6.90 -1.17 16.99
C PRO A 27 -8.09 -0.30 17.37
N VAL A 28 -8.62 0.38 16.37
CA VAL A 28 -9.77 1.26 16.55
C VAL A 28 -11.01 0.63 15.99
N PRO A 29 -11.92 0.15 16.83
CA PRO A 29 -13.13 -0.52 16.39
C PRO A 29 -14.24 0.46 16.05
N ASP A 30 -15.09 0.04 15.13
CA ASP A 30 -16.24 0.82 14.71
C ASP A 30 -15.80 2.15 14.11
N VAL A 31 -14.93 2.07 13.11
CA VAL A 31 -14.38 3.26 12.47
C VAL A 31 -14.46 3.11 10.96
N SER A 32 -14.37 4.24 10.28
CA SER A 32 -14.45 4.27 8.86
C SER A 32 -13.08 4.00 8.24
N LEU A 33 -13.03 3.73 6.95
CA LEU A 33 -11.75 3.55 6.28
C LEU A 33 -11.00 4.85 6.36
N GLU A 34 -11.75 5.93 6.22
CA GLU A 34 -11.20 7.26 6.24
C GLU A 34 -10.72 7.63 7.64
N GLN A 35 -11.44 7.15 8.65
CA GLN A 35 -11.03 7.37 10.04
C GLN A 35 -9.81 6.54 10.38
N CYS A 36 -9.80 5.31 9.91
CA CYS A 36 -8.67 4.42 10.15
C CYS A 36 -7.45 4.89 9.37
N ALA A 37 -7.69 5.46 8.20
CA ALA A 37 -6.63 6.08 7.41
C ALA A 37 -6.02 7.23 8.20
N ALA A 38 -6.87 7.95 8.91
CA ALA A 38 -6.44 9.03 9.78
C ALA A 38 -5.71 8.48 10.99
N GLN A 39 -6.08 7.26 11.38
CA GLN A 39 -5.46 6.57 12.50
C GLN A 39 -3.99 6.28 12.22
N CYS A 40 -3.71 5.83 11.01
CA CYS A 40 -2.35 5.51 10.62
C CYS A 40 -1.52 6.78 10.48
N LYS A 41 -2.21 7.91 10.34
CA LYS A 41 -1.56 9.21 10.34
C LYS A 41 -1.45 9.75 11.76
N ALA A 42 -2.19 9.15 12.69
CA ALA A 42 -2.14 9.56 14.08
C ALA A 42 -1.03 8.83 14.83
N VAL A 43 -0.73 7.61 14.39
CA VAL A 43 0.35 6.83 14.98
C VAL A 43 1.61 6.90 14.14
N ASP A 44 2.69 7.34 14.74
CA ASP A 44 3.98 7.41 14.05
C ASP A 44 4.58 6.03 13.93
N GLY A 45 4.92 5.67 12.71
CA GLY A 45 5.53 4.38 12.49
C GLY A 45 4.60 3.43 11.77
N CYS A 46 3.58 3.97 11.13
CA CYS A 46 2.61 3.16 10.41
C CYS A 46 2.76 3.38 8.92
N THR A 47 2.92 2.30 8.18
CA THR A 47 3.11 2.37 6.75
C THR A 47 1.82 1.98 6.03
N HIS A 48 1.09 1.07 6.64
CA HIS A 48 -0.16 0.59 6.06
C HIS A 48 -1.09 0.15 7.17
N PHE A 49 -2.36 0.14 6.88
CA PHE A 49 -3.36 -0.22 7.87
C PHE A 49 -4.22 -1.36 7.38
N THR A 50 -4.99 -1.92 8.27
CA THR A 50 -5.93 -2.95 7.93
C THR A 50 -7.28 -2.67 8.57
N TYR A 51 -8.23 -2.29 7.75
CA TYR A 51 -9.58 -2.13 8.23
C TYR A 51 -10.24 -3.47 8.18
N ASN A 52 -10.91 -3.82 9.23
CA ASN A 52 -11.77 -4.95 9.17
C ASN A 52 -13.16 -4.44 8.88
N ASP A 53 -13.69 -4.79 7.74
CA ASP A 53 -15.00 -4.33 7.32
C ASP A 53 -16.10 -5.12 8.03
N ASP A 54 -15.72 -6.26 8.59
CA ASP A 54 -16.65 -7.10 9.34
C ASP A 54 -16.73 -6.63 10.79
N SER A 55 -15.58 -6.33 11.39
CA SER A 55 -15.49 -5.91 12.78
C SER A 55 -15.34 -4.40 12.87
N LYS A 56 -15.38 -3.76 11.71
CA LYS A 56 -15.18 -2.32 11.57
C LYS A 56 -13.99 -1.80 12.37
N MET A 57 -12.98 -2.65 12.57
CA MET A 57 -11.86 -2.29 13.43
C MET A 57 -10.66 -1.86 12.58
N CYS A 58 -9.84 -1.01 13.14
CA CYS A 58 -8.68 -0.47 12.45
C CYS A 58 -7.38 -1.01 13.02
N HIS A 59 -6.70 -1.85 12.25
CA HIS A 59 -5.41 -2.38 12.65
C HIS A 59 -4.29 -1.62 11.94
N VAL A 60 -3.72 -0.62 12.60
CA VAL A 60 -2.55 0.07 12.08
C VAL A 60 -1.34 -0.83 12.17
N LYS A 61 -0.60 -0.95 11.07
CA LYS A 61 0.49 -1.90 11.02
C LYS A 61 1.79 -1.26 10.56
N GLU A 62 2.87 -2.00 10.75
CA GLU A 62 4.20 -1.50 10.50
C GLU A 62 4.69 -1.90 9.11
N GLY A 63 5.83 -1.34 8.74
CA GLY A 63 6.35 -1.41 7.37
C GLY A 63 6.17 -2.73 6.63
N LYS A 64 6.12 -2.59 5.30
CA LYS A 64 5.86 -3.68 4.34
C LYS A 64 4.54 -4.41 4.59
N PRO A 65 3.62 -4.31 3.62
CA PRO A 65 2.37 -5.05 3.63
C PRO A 65 2.58 -6.49 3.20
N ASP A 66 2.01 -7.38 3.97
CA ASP A 66 2.15 -8.80 3.74
C ASP A 66 0.77 -9.38 3.50
N LEU A 67 0.25 -9.15 2.31
CA LEU A 67 -1.14 -9.41 1.99
C LEU A 67 -1.52 -10.87 2.07
N TYR A 68 -2.67 -11.09 2.68
CA TYR A 68 -3.26 -12.41 2.81
C TYR A 68 -4.77 -12.28 2.69
N ASP A 69 -5.45 -13.40 2.49
CA ASP A 69 -6.90 -13.39 2.34
C ASP A 69 -7.58 -13.22 3.69
N LEU A 70 -8.20 -12.06 3.88
CA LEU A 70 -8.85 -11.71 5.13
C LEU A 70 -10.31 -11.39 4.87
N THR A 71 -11.21 -12.25 5.31
CA THR A 71 -12.65 -12.05 5.09
C THR A 71 -13.11 -10.72 5.67
N GLY A 72 -13.67 -9.87 4.82
CA GLY A 72 -14.08 -8.55 5.24
C GLY A 72 -12.89 -7.66 5.48
N GLY A 73 -11.72 -8.17 5.16
CA GLY A 73 -10.51 -7.41 5.34
C GLY A 73 -10.35 -6.34 4.30
N LYS A 74 -9.91 -5.19 4.74
CA LYS A 74 -9.63 -4.09 3.84
C LYS A 74 -8.29 -3.46 4.22
N THR A 75 -7.26 -3.82 3.49
CA THR A 75 -5.93 -3.29 3.74
C THR A 75 -5.52 -2.33 2.63
N ALA A 76 -4.72 -1.34 2.99
CA ALA A 76 -4.13 -0.41 2.04
C ALA A 76 -3.03 0.39 2.71
N SER A 77 -2.37 1.24 1.94
CA SER A 77 -1.29 2.06 2.46
C SER A 77 -1.84 3.33 3.09
N ARG A 78 -1.03 3.92 3.98
CA ARG A 78 -1.35 5.17 4.66
C ARG A 78 -1.65 6.30 3.67
N SER A 79 -1.17 6.13 2.45
CA SER A 79 -1.42 7.08 1.39
C SER A 79 -1.99 6.39 0.16
N CYS A 80 -3.12 6.89 -0.32
CA CYS A 80 -3.67 6.41 -1.58
C CYS A 80 -3.27 7.38 -2.67
N ASP A 81 -2.60 8.45 -2.25
CA ASP A 81 -2.13 9.49 -3.16
C ASP A 81 -1.15 8.94 -4.18
N ARG A 82 -1.46 9.17 -5.44
CA ARG A 82 -0.61 8.69 -6.52
C ARG A 82 0.20 9.85 -7.09
N SER A 83 0.47 10.82 -6.24
CA SER A 83 1.14 12.06 -6.63
C SER A 83 2.58 11.82 -7.09
N CYS A 84 3.22 10.78 -6.57
CA CYS A 84 4.61 10.52 -6.92
C CYS A 84 4.74 9.23 -7.71
N PHE A 85 3.63 8.73 -8.24
CA PHE A 85 3.66 7.55 -9.09
C PHE A 85 3.84 7.97 -10.55
N GLU A 86 4.39 7.05 -11.32
CA GLU A 86 4.56 7.21 -12.75
C GLU A 86 3.67 6.18 -13.45
N GLN A 87 2.67 6.64 -14.16
CA GLN A 87 1.75 5.74 -14.82
C GLN A 87 2.30 5.25 -16.16
N HIS A 88 1.93 4.01 -16.49
CA HIS A 88 2.32 3.36 -17.74
C HIS A 88 3.84 3.25 -17.88
N VAL A 89 4.47 2.63 -16.92
CA VAL A 89 5.91 2.43 -16.95
C VAL A 89 6.31 1.29 -16.01
N SER A 90 7.09 0.36 -16.54
CA SER A 90 7.44 -0.83 -15.80
C SER A 90 8.94 -0.99 -15.68
N TYR A 91 9.41 -1.30 -14.47
CA TYR A 91 10.78 -1.71 -14.28
C TYR A 91 10.79 -3.19 -13.89
N GLU A 92 11.44 -4.02 -14.70
CA GLU A 92 11.42 -5.46 -14.47
C GLU A 92 12.81 -6.06 -14.58
N GLY A 93 13.54 -5.66 -15.63
CA GLY A 93 14.90 -6.13 -15.79
C GLY A 93 15.81 -5.69 -14.66
N ALA A 94 15.35 -4.68 -13.93
CA ALA A 94 16.08 -4.13 -12.80
C ALA A 94 16.26 -5.20 -11.71
N PRO A 95 17.34 -5.09 -10.91
CA PRO A 95 17.55 -5.97 -9.77
C PRO A 95 16.44 -5.78 -8.74
N ASP A 96 15.60 -6.79 -8.57
CA ASP A 96 14.49 -6.70 -7.64
C ASP A 96 14.98 -6.74 -6.21
N VAL A 97 14.33 -5.96 -5.40
CA VAL A 97 14.74 -5.75 -4.03
C VAL A 97 13.71 -6.31 -3.06
N MET A 98 12.55 -6.66 -3.59
CA MET A 98 11.49 -7.26 -2.77
C MET A 98 10.78 -8.34 -3.55
N THR A 99 9.92 -9.07 -2.87
CA THR A 99 9.07 -10.07 -3.50
C THR A 99 7.80 -9.41 -4.01
N ALA A 100 7.46 -9.68 -5.27
CA ALA A 100 6.24 -9.12 -5.87
C ALA A 100 5.02 -9.47 -5.05
N MET A 101 4.11 -8.52 -4.99
CA MET A 101 2.91 -8.69 -4.19
C MET A 101 1.69 -8.54 -5.07
N VAL A 102 0.59 -9.12 -4.66
CA VAL A 102 -0.67 -9.01 -5.39
C VAL A 102 -1.66 -8.14 -4.60
N THR A 103 -2.03 -7.01 -5.18
CA THR A 103 -2.91 -6.05 -4.51
C THR A 103 -3.75 -5.28 -5.52
N SER A 104 -4.88 -4.72 -5.08
CA SER A 104 -5.77 -4.00 -5.97
C SER A 104 -5.42 -2.51 -6.03
N GLN A 105 -4.33 -2.13 -5.37
CA GLN A 105 -3.90 -0.73 -5.35
C GLN A 105 -2.38 -0.62 -5.38
N SER A 106 -1.90 0.38 -6.11
CA SER A 106 -0.48 0.68 -6.16
C SER A 106 -0.01 1.23 -4.82
N ALA A 107 -0.99 1.63 -4.00
CA ALA A 107 -0.72 2.16 -2.68
C ALA A 107 0.04 1.15 -1.83
N ASP A 108 -0.38 -0.10 -1.92
CA ASP A 108 0.22 -1.17 -1.12
C ASP A 108 1.70 -1.32 -1.46
N CYS A 109 2.01 -1.30 -2.75
CA CYS A 109 3.40 -1.40 -3.20
C CYS A 109 4.21 -0.19 -2.71
N GLN A 110 3.52 0.93 -2.57
CA GLN A 110 4.14 2.15 -2.06
C GLN A 110 4.60 1.95 -0.62
N ALA A 111 3.69 1.49 0.22
CA ALA A 111 4.00 1.23 1.62
C ALA A 111 5.05 0.14 1.76
N ALA A 112 5.04 -0.78 0.82
CA ALA A 112 5.99 -1.87 0.79
C ALA A 112 7.39 -1.37 0.54
N CYS A 113 7.57 -0.65 -0.56
CA CYS A 113 8.88 -0.19 -0.96
C CYS A 113 9.35 0.96 -0.10
N ALA A 114 8.43 1.82 0.33
CA ALA A 114 8.79 2.97 1.14
C ALA A 114 9.26 2.55 2.53
N ALA A 115 8.99 1.29 2.87
CA ALA A 115 9.36 0.77 4.17
C ALA A 115 10.69 0.03 4.12
N ASP A 116 10.98 -0.60 2.99
CA ASP A 116 12.21 -1.37 2.86
C ASP A 116 13.39 -0.46 2.61
N PRO A 117 14.49 -0.67 3.35
CA PRO A 117 15.67 0.19 3.27
C PRO A 117 16.50 -0.08 2.02
N SER A 118 16.20 -1.20 1.37
CA SER A 118 16.93 -1.59 0.19
C SER A 118 16.08 -1.40 -1.06
N CYS A 119 14.91 -0.81 -0.88
CA CYS A 119 14.00 -0.60 -2.00
C CYS A 119 14.01 0.85 -2.45
N GLU A 120 14.07 1.04 -3.76
CA GLU A 120 14.12 2.36 -4.34
C GLU A 120 12.81 2.67 -5.05
N ILE A 121 12.41 1.76 -5.94
CA ILE A 121 11.21 1.96 -6.74
C ILE A 121 10.30 0.75 -6.67
N PHE A 122 9.12 0.91 -7.24
CA PHE A 122 8.15 -0.17 -7.35
C PHE A 122 7.28 0.05 -8.58
N THR A 123 6.68 -1.01 -9.08
CA THR A 123 5.75 -0.92 -10.19
C THR A 123 4.53 -1.77 -9.91
N TYR A 124 3.38 -1.14 -9.92
CA TYR A 124 2.13 -1.83 -9.70
C TYR A 124 1.45 -2.18 -11.02
N ASN A 125 1.35 -3.46 -11.27
CA ASN A 125 0.59 -3.98 -12.38
C ASN A 125 -0.88 -3.87 -12.07
N GLU A 126 -1.54 -2.96 -12.75
CA GLU A 126 -2.96 -2.73 -12.56
C GLU A 126 -3.74 -3.87 -13.21
N HIS A 127 -3.05 -4.62 -14.07
CA HIS A 127 -3.65 -5.72 -14.80
C HIS A 127 -3.57 -7.00 -13.98
N ASP A 128 -2.38 -7.32 -13.51
CA ASP A 128 -2.15 -8.54 -12.75
C ASP A 128 -2.39 -8.29 -11.28
N GLN A 129 -2.70 -7.03 -10.97
CA GLN A 129 -2.82 -6.56 -9.60
C GLN A 129 -1.59 -6.95 -8.81
N LYS A 130 -0.43 -6.53 -9.29
CA LYS A 130 0.82 -6.99 -8.72
C LYS A 130 1.81 -5.86 -8.51
N CYS A 131 2.64 -6.00 -7.50
CA CYS A 131 3.71 -5.07 -7.22
C CYS A 131 5.02 -5.67 -7.65
N THR A 132 5.90 -4.84 -8.15
CA THR A 132 7.26 -5.27 -8.43
C THR A 132 8.23 -4.27 -7.83
N PHE A 133 9.26 -4.75 -7.15
CA PHE A 133 10.16 -3.85 -6.42
C PHE A 133 11.58 -3.96 -6.96
N LYS A 134 12.16 -2.83 -7.31
CA LYS A 134 13.47 -2.80 -7.95
C LYS A 134 14.37 -1.78 -7.27
N GLY A 135 15.67 -2.04 -7.34
CA GLY A 135 16.65 -1.14 -6.76
C GLY A 135 17.39 -0.34 -7.80
N ARG A 136 18.49 0.28 -7.40
CA ARG A 136 19.29 1.12 -8.27
C ARG A 136 19.72 0.41 -9.54
N GLY A 137 19.68 1.15 -10.65
CA GLY A 137 19.93 0.56 -11.96
C GLY A 137 18.64 0.43 -12.73
N PHE A 138 17.54 0.77 -12.06
CA PHE A 138 16.21 0.64 -12.62
C PHE A 138 16.03 1.47 -13.88
N SER A 139 16.69 2.62 -13.96
CA SER A 139 16.51 3.53 -15.08
C SER A 139 17.02 2.92 -16.40
N ALA A 140 17.91 1.95 -16.30
CA ALA A 140 18.42 1.25 -17.47
C ALA A 140 17.42 0.22 -17.93
N PHE A 141 16.62 -0.26 -16.99
CA PHE A 141 15.66 -1.31 -17.26
C PHE A 141 14.26 -0.75 -17.18
N LYS A 142 14.15 0.51 -17.57
CA LYS A 142 12.88 1.21 -17.54
C LYS A 142 12.11 1.01 -18.83
N GLU A 143 10.82 0.74 -18.69
CA GLU A 143 9.94 0.57 -19.85
C GLU A 143 8.82 1.60 -19.79
N ARG A 144 8.85 2.57 -20.69
CA ARG A 144 7.82 3.60 -20.73
C ARG A 144 6.67 3.18 -21.63
N GLY A 145 5.47 3.58 -21.27
CA GLY A 145 4.31 3.33 -22.12
C GLY A 145 3.79 1.93 -21.94
N VAL A 146 3.88 1.43 -20.72
CA VAL A 146 3.41 0.09 -20.40
C VAL A 146 2.01 0.16 -19.82
N LEU A 147 1.02 -0.26 -20.59
CA LEU A 147 -0.34 -0.26 -20.12
C LEU A 147 -0.55 -1.29 -19.03
N GLY A 148 -1.21 -0.88 -17.97
CA GLY A 148 -1.52 -1.80 -16.91
C GLY A 148 -0.50 -1.82 -15.82
N VAL A 149 0.31 -0.78 -15.73
CA VAL A 149 1.30 -0.67 -14.65
C VAL A 149 1.46 0.77 -14.18
N THR A 150 1.94 0.89 -12.96
CA THR A 150 2.19 2.17 -12.32
C THR A 150 3.41 2.08 -11.43
N SER A 151 4.45 2.84 -11.75
CA SER A 151 5.69 2.72 -11.01
C SER A 151 5.93 3.95 -10.14
N GLY A 152 6.32 3.69 -8.90
CA GLY A 152 6.62 4.76 -7.98
C GLY A 152 8.06 4.72 -7.55
N PRO A 153 8.86 5.73 -7.92
CA PRO A 153 10.27 5.79 -7.57
C PRO A 153 10.53 6.53 -6.26
N LYS A 154 9.53 6.62 -5.40
CA LYS A 154 9.64 7.39 -4.18
C LYS A 154 8.90 6.74 -3.02
N GLN A 155 8.70 7.52 -1.95
CA GLN A 155 8.03 7.05 -0.75
C GLN A 155 6.52 7.24 -0.87
N PHE A 156 5.85 7.35 0.28
CA PHE A 156 4.42 7.67 0.32
C PHE A 156 4.19 9.03 -0.32
N CYS A 157 3.45 9.06 -1.42
CA CYS A 157 3.27 10.29 -2.22
C CYS A 157 2.39 11.33 -1.52
N ASP A 158 2.72 11.62 -0.27
CA ASP A 158 1.97 12.60 0.52
C ASP A 158 2.59 12.69 1.91
N GLU A 159 3.18 11.58 2.34
CA GLU A 159 3.81 11.49 3.65
C GLU A 159 5.31 11.74 3.54
N GLY A 160 5.90 11.30 2.44
CA GLY A 160 7.34 11.39 2.27
C GLY A 160 7.76 11.66 0.84
N GLY A 161 7.11 10.99 -0.10
CA GLY A 161 7.46 11.14 -1.49
C GLY A 161 6.73 12.30 -2.13
#